data_6GPM
# 
_entry.id   6GPM 
# 
_audit_conform.dict_name       mmcif_pdbx.dic 
_audit_conform.dict_version    5.383 
_audit_conform.dict_location   http://mmcif.pdb.org/dictionaries/ascii/mmcif_pdbx.dic 
# 
loop_
_database_2.database_id 
_database_2.database_code 
_database_2.pdbx_database_accession 
_database_2.pdbx_DOI 
PDB   6GPM         pdb_00006gpm 10.2210/pdb6gpm/pdb 
WWPDB D_1200010377 ?            ?                   
# 
loop_
_pdbx_audit_revision_history.ordinal 
_pdbx_audit_revision_history.data_content_type 
_pdbx_audit_revision_history.major_revision 
_pdbx_audit_revision_history.minor_revision 
_pdbx_audit_revision_history.revision_date 
1 'Structure model' 1 0 2018-08-15 
2 'Structure model' 1 1 2024-01-17 
# 
_pdbx_audit_revision_details.ordinal             1 
_pdbx_audit_revision_details.revision_ordinal    1 
_pdbx_audit_revision_details.data_content_type   'Structure model' 
_pdbx_audit_revision_details.provider            repository 
_pdbx_audit_revision_details.type                'Initial release' 
_pdbx_audit_revision_details.description         ? 
_pdbx_audit_revision_details.details             ? 
# 
loop_
_pdbx_audit_revision_group.ordinal 
_pdbx_audit_revision_group.revision_ordinal 
_pdbx_audit_revision_group.data_content_type 
_pdbx_audit_revision_group.group 
1 2 'Structure model' 'Data collection'        
2 2 'Structure model' 'Database references'    
3 2 'Structure model' 'Refinement description' 
# 
loop_
_pdbx_audit_revision_category.ordinal 
_pdbx_audit_revision_category.revision_ordinal 
_pdbx_audit_revision_category.data_content_type 
_pdbx_audit_revision_category.category 
1 2 'Structure model' chem_comp_atom                
2 2 'Structure model' chem_comp_bond                
3 2 'Structure model' database_2                    
4 2 'Structure model' pdbx_initial_refinement_model 
# 
loop_
_pdbx_audit_revision_item.ordinal 
_pdbx_audit_revision_item.revision_ordinal 
_pdbx_audit_revision_item.data_content_type 
_pdbx_audit_revision_item.item 
1 2 'Structure model' '_database_2.pdbx_DOI'                
2 2 'Structure model' '_database_2.pdbx_database_accession' 
# 
_pdbx_database_status.status_code                     REL 
_pdbx_database_status.status_code_sf                  REL 
_pdbx_database_status.status_code_mr                  ? 
_pdbx_database_status.entry_id                        6GPM 
_pdbx_database_status.recvd_initial_deposition_date   2018-06-06 
_pdbx_database_status.SG_entry                        N 
_pdbx_database_status.deposit_site                    PDBE 
_pdbx_database_status.process_site                    PDBE 
_pdbx_database_status.status_code_cs                  ? 
_pdbx_database_status.methods_development_category    ? 
_pdbx_database_status.pdb_format_compatible           Y 
_pdbx_database_status.status_code_nmr_data            ? 
# 
loop_
_audit_author.name 
_audit_author.pdbx_ordinal 
_audit_author.identifier_ORCID 
'Smaldone, G.'   1 ? 
'Balasco, N.'    2 ? 
'Ruggiero, A.'   3 ? 
'Berisio, R.'    4 ? 
'Vitagliano, L.' 5 ? 
# 
_citation.abstract                  ? 
_citation.abstract_id_CAS           ? 
_citation.book_id_ISBN              ? 
_citation.book_publisher            ? 
_citation.book_publisher_city       ? 
_citation.book_title                ? 
_citation.coordinate_linkage        ? 
_citation.country                   UK 
_citation.database_id_Medline       ? 
_citation.details                   ? 
_citation.id                        primary 
_citation.journal_abbrev            'Int. J. Biol. Macromol.' 
_citation.journal_id_ASTM           IJBMDR 
_citation.journal_id_CSD            0708 
_citation.journal_id_ISSN           1879-0003 
_citation.journal_full              ? 
_citation.journal_issue             ? 
_citation.journal_volume            119 
_citation.language                  ? 
_citation.page_first                758 
_citation.page_last                 769 
_citation.title                     
'Domain communication in Thermotoga maritima Arginine Binding Protein unraveled through protein dissection.' 
_citation.year                      2018 
_citation.database_id_CSD           ? 
_citation.pdbx_database_id_DOI      10.1016/j.ijbiomac.2018.07.172 
_citation.pdbx_database_id_PubMed   30059738 
_citation.unpublished_flag          ? 
# 
loop_
_citation_author.citation_id 
_citation_author.name 
_citation_author.ordinal 
_citation_author.identifier_ORCID 
primary 'Smaldone, G.'    1 ? 
primary 'Balasco, N.'     2 ? 
primary 'Vigorita, M.'    3 ? 
primary 'Ruggiero, A.'    4 ? 
primary 'Cozzolino, S.'   5 ? 
primary 'Berisio, R.'     6 ? 
primary 'Del Vecchio, P.' 7 ? 
primary 'Graziano, G.'    8 ? 
primary 'Vitagliano, L.'  9 ? 
# 
loop_
_entity.id 
_entity.type 
_entity.src_method 
_entity.pdbx_description 
_entity.formula_weight 
_entity.pdbx_number_of_molecules 
_entity.pdbx_ec 
_entity.pdbx_mutation 
_entity.pdbx_fragment 
_entity.details 
1 polymer man 'Amino acid ABC transporter, periplasmic amino acid-binding protein' 9976.359 1   ? ? ? ? 
2 water   nat water                                                                18.015   122 ? ? ? ? 
# 
_entity_poly.entity_id                      1 
_entity_poly.type                           'polypeptide(L)' 
_entity_poly.nstd_linkage                   no 
_entity_poly.nstd_monomer                   no 
_entity_poly.pdbx_seq_one_letter_code       
;GQVIVVRKDSDFRPKTYEDLVGKTVAVQIGTTGDIEVSKYDGIKVVRFDKFTDAFLELKRGRADAVVLDSATARAFVAKN
PDLVISSGVLSS
;
_entity_poly.pdbx_seq_one_letter_code_can   
;GQVIVVRKDSDFRPKTYEDLVGKTVAVQIGTTGDIEVSKYDGIKVVRFDKFTDAFLELKRGRADAVVLDSATARAFVAKN
PDLVISSGVLSS
;
_entity_poly.pdbx_strand_id                 A 
_entity_poly.pdbx_target_identifier         ? 
# 
_pdbx_entity_nonpoly.entity_id   2 
_pdbx_entity_nonpoly.name        water 
_pdbx_entity_nonpoly.comp_id     HOH 
# 
loop_
_entity_poly_seq.entity_id 
_entity_poly_seq.num 
_entity_poly_seq.mon_id 
_entity_poly_seq.hetero 
1 1  GLY n 
1 2  GLN n 
1 3  VAL n 
1 4  ILE n 
1 5  VAL n 
1 6  VAL n 
1 7  ARG n 
1 8  LYS n 
1 9  ASP n 
1 10 SER n 
1 11 ASP n 
1 12 PHE n 
1 13 ARG n 
1 14 PRO n 
1 15 LYS n 
1 16 THR n 
1 17 TYR n 
1 18 GLU n 
1 19 ASP n 
1 20 LEU n 
1 21 VAL n 
1 22 GLY n 
1 23 LYS n 
1 24 THR n 
1 25 VAL n 
1 26 ALA n 
1 27 VAL n 
1 28 GLN n 
1 29 ILE n 
1 30 GLY n 
1 31 THR n 
1 32 THR n 
1 33 GLY n 
1 34 ASP n 
1 35 ILE n 
1 36 GLU n 
1 37 VAL n 
1 38 SER n 
1 39 LYS n 
1 40 TYR n 
1 41 ASP n 
1 42 GLY n 
1 43 ILE n 
1 44 LYS n 
1 45 VAL n 
1 46 VAL n 
1 47 ARG n 
1 48 PHE n 
1 49 ASP n 
1 50 LYS n 
1 51 PHE n 
1 52 THR n 
1 53 ASP n 
1 54 ALA n 
1 55 PHE n 
1 56 LEU n 
1 57 GLU n 
1 58 LEU n 
1 59 LYS n 
1 60 ARG n 
1 61 GLY n 
1 62 ARG n 
1 63 ALA n 
1 64 ASP n 
1 65 ALA n 
1 66 VAL n 
1 67 VAL n 
1 68 LEU n 
1 69 ASP n 
1 70 SER n 
1 71 ALA n 
1 72 THR n 
1 73 ALA n 
1 74 ARG n 
1 75 ALA n 
1 76 PHE n 
1 77 VAL n 
1 78 ALA n 
1 79 LYS n 
1 80 ASN n 
1 81 PRO n 
1 82 ASP n 
1 83 LEU n 
1 84 VAL n 
1 85 ILE n 
1 86 SER n 
1 87 SER n 
1 88 GLY n 
1 89 VAL n 
1 90 LEU n 
1 91 SER n 
1 92 SER n 
# 
_entity_src_gen.entity_id                          1 
_entity_src_gen.pdbx_src_id                        1 
_entity_src_gen.pdbx_alt_source_flag               sample 
_entity_src_gen.pdbx_seq_type                      'Biological sequence' 
_entity_src_gen.pdbx_beg_seq_num                   1 
_entity_src_gen.pdbx_end_seq_num                   92 
_entity_src_gen.gene_src_common_name               ? 
_entity_src_gen.gene_src_genus                     ? 
_entity_src_gen.pdbx_gene_src_gene                 TM_0593 
_entity_src_gen.gene_src_species                   ? 
_entity_src_gen.gene_src_strain                    MSB8 
_entity_src_gen.gene_src_tissue                    ? 
_entity_src_gen.gene_src_tissue_fraction           ? 
_entity_src_gen.gene_src_details                   ? 
_entity_src_gen.pdbx_gene_src_fragment             ? 
_entity_src_gen.pdbx_gene_src_scientific_name      'Thermotoga maritima' 
_entity_src_gen.pdbx_gene_src_ncbi_taxonomy_id     243274 
_entity_src_gen.pdbx_gene_src_variant              ? 
_entity_src_gen.pdbx_gene_src_cell_line            ? 
_entity_src_gen.pdbx_gene_src_atcc                 ? 
_entity_src_gen.pdbx_gene_src_organ                ? 
_entity_src_gen.pdbx_gene_src_organelle            ? 
_entity_src_gen.pdbx_gene_src_cell                 ? 
_entity_src_gen.pdbx_gene_src_cellular_location    ? 
_entity_src_gen.host_org_common_name               ? 
_entity_src_gen.pdbx_host_org_scientific_name      'Escherichia coli' 
_entity_src_gen.pdbx_host_org_ncbi_taxonomy_id     562 
_entity_src_gen.host_org_genus                     ? 
_entity_src_gen.pdbx_host_org_gene                 ? 
_entity_src_gen.pdbx_host_org_organ                ? 
_entity_src_gen.host_org_species                   ? 
_entity_src_gen.pdbx_host_org_tissue               ? 
_entity_src_gen.pdbx_host_org_tissue_fraction      ? 
_entity_src_gen.pdbx_host_org_strain               ? 
_entity_src_gen.pdbx_host_org_variant              ? 
_entity_src_gen.pdbx_host_org_cell_line            ? 
_entity_src_gen.pdbx_host_org_atcc                 ? 
_entity_src_gen.pdbx_host_org_culture_collection   ? 
_entity_src_gen.pdbx_host_org_cell                 ? 
_entity_src_gen.pdbx_host_org_organelle            ? 
_entity_src_gen.pdbx_host_org_cellular_location    ? 
_entity_src_gen.pdbx_host_org_vector_type          ? 
_entity_src_gen.pdbx_host_org_vector               ? 
_entity_src_gen.host_org_details                   ? 
_entity_src_gen.expression_system_id               ? 
_entity_src_gen.plasmid_name                       ? 
_entity_src_gen.plasmid_details                    ? 
_entity_src_gen.pdbx_description                   ? 
# 
loop_
_chem_comp.id 
_chem_comp.type 
_chem_comp.mon_nstd_flag 
_chem_comp.name 
_chem_comp.pdbx_synonyms 
_chem_comp.formula 
_chem_comp.formula_weight 
ALA 'L-peptide linking' y ALANINE         ? 'C3 H7 N O2'     89.093  
ARG 'L-peptide linking' y ARGININE        ? 'C6 H15 N4 O2 1' 175.209 
ASN 'L-peptide linking' y ASPARAGINE      ? 'C4 H8 N2 O3'    132.118 
ASP 'L-peptide linking' y 'ASPARTIC ACID' ? 'C4 H7 N O4'     133.103 
GLN 'L-peptide linking' y GLUTAMINE       ? 'C5 H10 N2 O3'   146.144 
GLU 'L-peptide linking' y 'GLUTAMIC ACID' ? 'C5 H9 N O4'     147.129 
GLY 'peptide linking'   y GLYCINE         ? 'C2 H5 N O2'     75.067  
HOH non-polymer         . WATER           ? 'H2 O'           18.015  
ILE 'L-peptide linking' y ISOLEUCINE      ? 'C6 H13 N O2'    131.173 
LEU 'L-peptide linking' y LEUCINE         ? 'C6 H13 N O2'    131.173 
LYS 'L-peptide linking' y LYSINE          ? 'C6 H15 N2 O2 1' 147.195 
PHE 'L-peptide linking' y PHENYLALANINE   ? 'C9 H11 N O2'    165.189 
PRO 'L-peptide linking' y PROLINE         ? 'C5 H9 N O2'     115.130 
SER 'L-peptide linking' y SERINE          ? 'C3 H7 N O3'     105.093 
THR 'L-peptide linking' y THREONINE       ? 'C4 H9 N O3'     119.119 
TYR 'L-peptide linking' y TYROSINE        ? 'C9 H11 N O3'    181.189 
VAL 'L-peptide linking' y VALINE          ? 'C5 H11 N O2'    117.146 
# 
loop_
_pdbx_poly_seq_scheme.asym_id 
_pdbx_poly_seq_scheme.entity_id 
_pdbx_poly_seq_scheme.seq_id 
_pdbx_poly_seq_scheme.mon_id 
_pdbx_poly_seq_scheme.ndb_seq_num 
_pdbx_poly_seq_scheme.pdb_seq_num 
_pdbx_poly_seq_scheme.auth_seq_num 
_pdbx_poly_seq_scheme.pdb_mon_id 
_pdbx_poly_seq_scheme.auth_mon_id 
_pdbx_poly_seq_scheme.pdb_strand_id 
_pdbx_poly_seq_scheme.pdb_ins_code 
_pdbx_poly_seq_scheme.hetero 
A 1 1  GLY 1  96  96  GLY GLY A . n 
A 1 2  GLN 2  97  97  GLN GLN A . n 
A 1 3  VAL 3  98  98  VAL VAL A . n 
A 1 4  ILE 4  99  99  ILE ILE A . n 
A 1 5  VAL 5  100 100 VAL VAL A . n 
A 1 6  VAL 6  101 101 VAL VAL A . n 
A 1 7  ARG 7  102 102 ARG ARG A . n 
A 1 8  LYS 8  103 103 LYS LYS A . n 
A 1 9  ASP 9  104 104 ASP ASP A . n 
A 1 10 SER 10 105 105 SER SER A . n 
A 1 11 ASP 11 106 106 ASP ASP A . n 
A 1 12 PHE 12 107 107 PHE PHE A . n 
A 1 13 ARG 13 108 108 ARG ARG A . n 
A 1 14 PRO 14 109 109 PRO PRO A . n 
A 1 15 LYS 15 110 110 LYS LYS A . n 
A 1 16 THR 16 111 111 THR THR A . n 
A 1 17 TYR 17 112 112 TYR TYR A . n 
A 1 18 GLU 18 113 113 GLU GLU A . n 
A 1 19 ASP 19 114 114 ASP ASP A . n 
A 1 20 LEU 20 115 115 LEU LEU A . n 
A 1 21 VAL 21 116 116 VAL VAL A . n 
A 1 22 GLY 22 117 117 GLY GLY A . n 
A 1 23 LYS 23 118 118 LYS LYS A . n 
A 1 24 THR 24 119 119 THR THR A . n 
A 1 25 VAL 25 120 120 VAL VAL A . n 
A 1 26 ALA 26 121 121 ALA ALA A . n 
A 1 27 VAL 27 122 122 VAL VAL A . n 
A 1 28 GLN 28 123 123 GLN GLN A . n 
A 1 29 ILE 29 124 124 ILE ILE A . n 
A 1 30 GLY 30 125 125 GLY GLY A . n 
A 1 31 THR 31 126 126 THR THR A . n 
A 1 32 THR 32 127 127 THR THR A . n 
A 1 33 GLY 33 128 128 GLY GLY A . n 
A 1 34 ASP 34 129 129 ASP ASP A . n 
A 1 35 ILE 35 130 130 ILE ILE A . n 
A 1 36 GLU 36 131 131 GLU GLU A . n 
A 1 37 VAL 37 132 132 VAL VAL A . n 
A 1 38 SER 38 133 133 SER SER A . n 
A 1 39 LYS 39 134 134 LYS LYS A . n 
A 1 40 TYR 40 135 135 TYR TYR A . n 
A 1 41 ASP 41 136 136 ASP ASP A . n 
A 1 42 GLY 42 137 137 GLY GLY A . n 
A 1 43 ILE 43 138 138 ILE ILE A . n 
A 1 44 LYS 44 139 139 LYS LYS A . n 
A 1 45 VAL 45 140 140 VAL VAL A . n 
A 1 46 VAL 46 141 141 VAL VAL A . n 
A 1 47 ARG 47 142 142 ARG ARG A . n 
A 1 48 PHE 48 143 143 PHE PHE A . n 
A 1 49 ASP 49 144 144 ASP ASP A . n 
A 1 50 LYS 50 145 145 LYS LYS A . n 
A 1 51 PHE 51 146 146 PHE PHE A . n 
A 1 52 THR 52 147 147 THR THR A . n 
A 1 53 ASP 53 148 148 ASP ASP A . n 
A 1 54 ALA 54 149 149 ALA ALA A . n 
A 1 55 PHE 55 150 150 PHE PHE A . n 
A 1 56 LEU 56 151 151 LEU LEU A . n 
A 1 57 GLU 57 152 152 GLU GLU A . n 
A 1 58 LEU 58 153 153 LEU LEU A . n 
A 1 59 LYS 59 154 154 LYS LYS A . n 
A 1 60 ARG 60 155 155 ARG ARG A . n 
A 1 61 GLY 61 156 156 GLY GLY A . n 
A 1 62 ARG 62 157 157 ARG ARG A . n 
A 1 63 ALA 63 158 158 ALA ALA A . n 
A 1 64 ASP 64 159 159 ASP ASP A . n 
A 1 65 ALA 65 160 160 ALA ALA A . n 
A 1 66 VAL 66 161 161 VAL VAL A . n 
A 1 67 VAL 67 162 162 VAL VAL A . n 
A 1 68 LEU 68 163 163 LEU LEU A . n 
A 1 69 ASP 69 164 164 ASP ASP A . n 
A 1 70 SER 70 165 165 SER SER A . n 
A 1 71 ALA 71 166 166 ALA ALA A . n 
A 1 72 THR 72 167 167 THR THR A . n 
A 1 73 ALA 73 168 168 ALA ALA A . n 
A 1 74 ARG 74 169 169 ARG ARG A . n 
A 1 75 ALA 75 170 170 ALA ALA A . n 
A 1 76 PHE 76 171 171 PHE PHE A . n 
A 1 77 VAL 77 172 172 VAL VAL A . n 
A 1 78 ALA 78 173 173 ALA ALA A . n 
A 1 79 LYS 79 174 174 LYS LYS A . n 
A 1 80 ASN 80 175 175 ASN ASN A . n 
A 1 81 PRO 81 176 176 PRO PRO A . n 
A 1 82 ASP 82 177 177 ASP ASP A . n 
A 1 83 LEU 83 178 178 LEU LEU A . n 
A 1 84 VAL 84 179 179 VAL VAL A . n 
A 1 85 ILE 85 180 180 ILE ILE A . n 
A 1 86 SER 86 181 181 SER SER A . n 
A 1 87 SER 87 182 182 SER SER A . n 
A 1 88 GLY 88 183 183 GLY GLY A . n 
A 1 89 VAL 89 184 184 VAL VAL A . n 
A 1 90 LEU 90 185 185 LEU LEU A . n 
A 1 91 SER 91 186 186 SER SER A . n 
A 1 92 SER 92 187 187 SER SER A . n 
# 
loop_
_pdbx_nonpoly_scheme.asym_id 
_pdbx_nonpoly_scheme.entity_id 
_pdbx_nonpoly_scheme.mon_id 
_pdbx_nonpoly_scheme.ndb_seq_num 
_pdbx_nonpoly_scheme.pdb_seq_num 
_pdbx_nonpoly_scheme.auth_seq_num 
_pdbx_nonpoly_scheme.pdb_mon_id 
_pdbx_nonpoly_scheme.auth_mon_id 
_pdbx_nonpoly_scheme.pdb_strand_id 
_pdbx_nonpoly_scheme.pdb_ins_code 
B 2 HOH 1   201 112 HOH HOH A . 
B 2 HOH 2   202 88  HOH HOH A . 
B 2 HOH 3   203 53  HOH HOH A . 
B 2 HOH 4   204 27  HOH HOH A . 
B 2 HOH 5   205 77  HOH HOH A . 
B 2 HOH 6   206 105 HOH HOH A . 
B 2 HOH 7   207 29  HOH HOH A . 
B 2 HOH 8   208 83  HOH HOH A . 
B 2 HOH 9   209 9   HOH HOH A . 
B 2 HOH 10  210 91  HOH HOH A . 
B 2 HOH 11  211 2   HOH HOH A . 
B 2 HOH 12  212 28  HOH HOH A . 
B 2 HOH 13  213 14  HOH HOH A . 
B 2 HOH 14  214 92  HOH HOH A . 
B 2 HOH 15  215 51  HOH HOH A . 
B 2 HOH 16  216 101 HOH HOH A . 
B 2 HOH 17  217 111 HOH HOH A . 
B 2 HOH 18  218 70  HOH HOH A . 
B 2 HOH 19  219 55  HOH HOH A . 
B 2 HOH 20  220 125 HOH HOH A . 
B 2 HOH 21  221 1   HOH HOH A . 
B 2 HOH 22  222 6   HOH HOH A . 
B 2 HOH 23  223 61  HOH HOH A . 
B 2 HOH 24  224 45  HOH HOH A . 
B 2 HOH 25  225 94  HOH HOH A . 
B 2 HOH 26  226 39  HOH HOH A . 
B 2 HOH 27  227 10  HOH HOH A . 
B 2 HOH 28  228 75  HOH HOH A . 
B 2 HOH 29  229 33  HOH HOH A . 
B 2 HOH 30  230 57  HOH HOH A . 
B 2 HOH 31  231 31  HOH HOH A . 
B 2 HOH 32  232 18  HOH HOH A . 
B 2 HOH 33  233 43  HOH HOH A . 
B 2 HOH 34  234 16  HOH HOH A . 
B 2 HOH 35  235 81  HOH HOH A . 
B 2 HOH 36  236 48  HOH HOH A . 
B 2 HOH 37  237 44  HOH HOH A . 
B 2 HOH 38  238 86  HOH HOH A . 
B 2 HOH 39  239 68  HOH HOH A . 
B 2 HOH 40  240 78  HOH HOH A . 
B 2 HOH 41  241 12  HOH HOH A . 
B 2 HOH 42  242 4   HOH HOH A . 
B 2 HOH 43  243 82  HOH HOH A . 
B 2 HOH 44  244 5   HOH HOH A . 
B 2 HOH 45  245 69  HOH HOH A . 
B 2 HOH 46  246 15  HOH HOH A . 
B 2 HOH 47  247 3   HOH HOH A . 
B 2 HOH 48  248 13  HOH HOH A . 
B 2 HOH 49  249 19  HOH HOH A . 
B 2 HOH 50  250 104 HOH HOH A . 
B 2 HOH 51  251 21  HOH HOH A . 
B 2 HOH 52  252 24  HOH HOH A . 
B 2 HOH 53  253 65  HOH HOH A . 
B 2 HOH 54  254 47  HOH HOH A . 
B 2 HOH 55  255 11  HOH HOH A . 
B 2 HOH 56  256 52  HOH HOH A . 
B 2 HOH 57  257 34  HOH HOH A . 
B 2 HOH 58  258 17  HOH HOH A . 
B 2 HOH 59  259 99  HOH HOH A . 
B 2 HOH 60  260 8   HOH HOH A . 
B 2 HOH 61  261 50  HOH HOH A . 
B 2 HOH 62  262 96  HOH HOH A . 
B 2 HOH 63  263 102 HOH HOH A . 
B 2 HOH 64  264 54  HOH HOH A . 
B 2 HOH 65  265 120 HOH HOH A . 
B 2 HOH 66  266 49  HOH HOH A . 
B 2 HOH 67  267 79  HOH HOH A . 
B 2 HOH 68  268 127 HOH HOH A . 
B 2 HOH 69  269 46  HOH HOH A . 
B 2 HOH 70  270 7   HOH HOH A . 
B 2 HOH 71  271 66  HOH HOH A . 
B 2 HOH 72  272 124 HOH HOH A . 
B 2 HOH 73  273 56  HOH HOH A . 
B 2 HOH 74  274 26  HOH HOH A . 
B 2 HOH 75  275 25  HOH HOH A . 
B 2 HOH 76  276 20  HOH HOH A . 
B 2 HOH 77  277 119 HOH HOH A . 
B 2 HOH 78  278 59  HOH HOH A . 
B 2 HOH 79  279 109 HOH HOH A . 
B 2 HOH 80  280 63  HOH HOH A . 
B 2 HOH 81  281 64  HOH HOH A . 
B 2 HOH 82  282 123 HOH HOH A . 
B 2 HOH 83  283 37  HOH HOH A . 
B 2 HOH 84  284 121 HOH HOH A . 
B 2 HOH 85  285 116 HOH HOH A . 
B 2 HOH 86  286 72  HOH HOH A . 
B 2 HOH 87  287 117 HOH HOH A . 
B 2 HOH 88  288 62  HOH HOH A . 
B 2 HOH 89  289 30  HOH HOH A . 
B 2 HOH 90  290 58  HOH HOH A . 
B 2 HOH 91  291 42  HOH HOH A . 
B 2 HOH 92  292 67  HOH HOH A . 
B 2 HOH 93  293 90  HOH HOH A . 
B 2 HOH 94  294 89  HOH HOH A . 
B 2 HOH 95  295 97  HOH HOH A . 
B 2 HOH 96  296 32  HOH HOH A . 
B 2 HOH 97  297 22  HOH HOH A . 
B 2 HOH 98  298 38  HOH HOH A . 
B 2 HOH 99  299 74  HOH HOH A . 
B 2 HOH 100 300 71  HOH HOH A . 
B 2 HOH 101 301 40  HOH HOH A . 
B 2 HOH 102 302 100 HOH HOH A . 
B 2 HOH 103 303 35  HOH HOH A . 
B 2 HOH 104 304 87  HOH HOH A . 
B 2 HOH 105 305 126 HOH HOH A . 
B 2 HOH 106 306 41  HOH HOH A . 
B 2 HOH 107 307 76  HOH HOH A . 
B 2 HOH 108 308 106 HOH HOH A . 
B 2 HOH 109 309 113 HOH HOH A . 
B 2 HOH 110 310 118 HOH HOH A . 
B 2 HOH 111 311 85  HOH HOH A . 
B 2 HOH 112 312 115 HOH HOH A . 
B 2 HOH 113 313 93  HOH HOH A . 
B 2 HOH 114 314 36  HOH HOH A . 
B 2 HOH 115 315 60  HOH HOH A . 
B 2 HOH 116 316 107 HOH HOH A . 
B 2 HOH 117 317 95  HOH HOH A . 
B 2 HOH 118 318 84  HOH HOH A . 
B 2 HOH 119 319 114 HOH HOH A . 
B 2 HOH 120 320 122 HOH HOH A . 
B 2 HOH 121 321 98  HOH HOH A . 
B 2 HOH 122 322 103 HOH HOH A . 
# 
loop_
_software.citation_id 
_software.classification 
_software.compiler_name 
_software.compiler_version 
_software.contact_author 
_software.contact_author_email 
_software.date 
_software.description 
_software.dependencies 
_software.hardware 
_software.language 
_software.location 
_software.mods 
_software.name 
_software.os 
_software.os_version 
_software.type 
_software.version 
_software.pdbx_ordinal 
? refinement       ? ? ? ? ? ? ? ? ? ? ? REFMAC   ? ? ? 5.8.0049 1 
? 'data reduction' ? ? ? ? ? ? ? ? ? ? ? HKL-2000 ? ? ? .        2 
? 'data scaling'   ? ? ? ? ? ? ? ? ? ? ? HKL-2000 ? ? ? .        3 
? phasing          ? ? ? ? ? ? ? ? ? ? ? PHASER   ? ? ? .        4 
# 
_cell.angle_alpha                  90.00 
_cell.angle_alpha_esd              ? 
_cell.angle_beta                   100.19 
_cell.angle_beta_esd               ? 
_cell.angle_gamma                  90.00 
_cell.angle_gamma_esd              ? 
_cell.entry_id                     6GPM 
_cell.details                      ? 
_cell.formula_units_Z              ? 
_cell.length_a                     25.619 
_cell.length_a_esd                 ? 
_cell.length_b                     49.730 
_cell.length_b_esd                 ? 
_cell.length_c                     27.782 
_cell.length_c_esd                 ? 
_cell.volume                       ? 
_cell.volume_esd                   ? 
_cell.Z_PDB                        2 
_cell.reciprocal_angle_alpha       ? 
_cell.reciprocal_angle_beta        ? 
_cell.reciprocal_angle_gamma       ? 
_cell.reciprocal_angle_alpha_esd   ? 
_cell.reciprocal_angle_beta_esd    ? 
_cell.reciprocal_angle_gamma_esd   ? 
_cell.reciprocal_length_a          ? 
_cell.reciprocal_length_b          ? 
_cell.reciprocal_length_c          ? 
_cell.reciprocal_length_a_esd      ? 
_cell.reciprocal_length_b_esd      ? 
_cell.reciprocal_length_c_esd      ? 
_cell.pdbx_unique_axis             ? 
# 
_symmetry.entry_id                         6GPM 
_symmetry.cell_setting                     ? 
_symmetry.Int_Tables_number                4 
_symmetry.space_group_name_Hall            ? 
_symmetry.space_group_name_H-M             'P 1 21 1' 
_symmetry.pdbx_full_space_group_name_H-M   ? 
# 
_exptl.absorpt_coefficient_mu     ? 
_exptl.absorpt_correction_T_max   ? 
_exptl.absorpt_correction_T_min   ? 
_exptl.absorpt_correction_type    ? 
_exptl.absorpt_process_details    ? 
_exptl.entry_id                   6GPM 
_exptl.crystals_number            1 
_exptl.details                    ? 
_exptl.method                     'X-RAY DIFFRACTION' 
_exptl.method_details             ? 
# 
_exptl_crystal.colour                      ? 
_exptl_crystal.density_diffrn              ? 
_exptl_crystal.density_Matthews            1.75 
_exptl_crystal.density_method              ? 
_exptl_crystal.density_percent_sol         29.55 
_exptl_crystal.description                 ? 
_exptl_crystal.F_000                       ? 
_exptl_crystal.id                          1 
_exptl_crystal.preparation                 ? 
_exptl_crystal.size_max                    ? 
_exptl_crystal.size_mid                    ? 
_exptl_crystal.size_min                    ? 
_exptl_crystal.size_rad                    ? 
_exptl_crystal.colour_lustre               ? 
_exptl_crystal.colour_modifier             ? 
_exptl_crystal.colour_primary              ? 
_exptl_crystal.density_meas                ? 
_exptl_crystal.density_meas_esd            ? 
_exptl_crystal.density_meas_gt             ? 
_exptl_crystal.density_meas_lt             ? 
_exptl_crystal.density_meas_temp           ? 
_exptl_crystal.density_meas_temp_esd       ? 
_exptl_crystal.density_meas_temp_gt        ? 
_exptl_crystal.density_meas_temp_lt        ? 
_exptl_crystal.pdbx_crystal_image_url      ? 
_exptl_crystal.pdbx_crystal_image_format   ? 
_exptl_crystal.pdbx_mosaicity              ? 
_exptl_crystal.pdbx_mosaicity_esd          ? 
# 
_exptl_crystal_grow.apparatus       ? 
_exptl_crystal_grow.atmosphere      ? 
_exptl_crystal_grow.crystal_id      1 
_exptl_crystal_grow.details         ? 
_exptl_crystal_grow.method          'VAPOR DIFFUSION, HANGING DROP' 
_exptl_crystal_grow.method_ref      ? 
_exptl_crystal_grow.pH              6.5 
_exptl_crystal_grow.pressure        ? 
_exptl_crystal_grow.pressure_esd    ? 
_exptl_crystal_grow.seeding         ? 
_exptl_crystal_grow.seeding_ref     ? 
_exptl_crystal_grow.temp            293 
_exptl_crystal_grow.temp_details    ? 
_exptl_crystal_grow.temp_esd        ? 
_exptl_crystal_grow.time            ? 
_exptl_crystal_grow.pdbx_details    
;Crystals of the D2 domain were obtained using a protein concentration of 14 mg/ml in a solution containing 0.1M Bis-Tris (pH 6.5) and 28% (w/v) polyethylene glycol 2,000.
;
_exptl_crystal_grow.pdbx_pH_range   ? 
# 
_diffrn.ambient_environment    ? 
_diffrn.ambient_temp           100 
_diffrn.ambient_temp_details   ? 
_diffrn.ambient_temp_esd       ? 
_diffrn.crystal_id             1 
_diffrn.crystal_support        ? 
_diffrn.crystal_treatment      ? 
_diffrn.details                ? 
_diffrn.id                     1 
_diffrn.ambient_pressure       ? 
_diffrn.ambient_pressure_esd   ? 
_diffrn.ambient_pressure_gt    ? 
_diffrn.ambient_pressure_lt    ? 
_diffrn.ambient_temp_gt        ? 
_diffrn.ambient_temp_lt        ? 
# 
_diffrn_detector.details                      ? 
_diffrn_detector.detector                     CCD 
_diffrn_detector.diffrn_id                    1 
_diffrn_detector.type                         'RIGAKU SATURN 944' 
_diffrn_detector.area_resol_mean              ? 
_diffrn_detector.dtime                        ? 
_diffrn_detector.pdbx_frames_total            ? 
_diffrn_detector.pdbx_collection_time_total   ? 
_diffrn_detector.pdbx_collection_date         2016-02-02 
# 
_diffrn_radiation.collimation                      ? 
_diffrn_radiation.diffrn_id                        1 
_diffrn_radiation.filter_edge                      ? 
_diffrn_radiation.inhomogeneity                    ? 
_diffrn_radiation.monochromator                    ? 
_diffrn_radiation.polarisn_norm                    ? 
_diffrn_radiation.polarisn_ratio                   ? 
_diffrn_radiation.probe                            ? 
_diffrn_radiation.type                             ? 
_diffrn_radiation.xray_symbol                      ? 
_diffrn_radiation.wavelength_id                    1 
_diffrn_radiation.pdbx_monochromatic_or_laue_m_l   M 
_diffrn_radiation.pdbx_wavelength_list             ? 
_diffrn_radiation.pdbx_wavelength                  ? 
_diffrn_radiation.pdbx_diffrn_protocol             'SINGLE WAVELENGTH' 
_diffrn_radiation.pdbx_analyzer                    ? 
_diffrn_radiation.pdbx_scattering_type             x-ray 
# 
_diffrn_radiation_wavelength.id           1 
_diffrn_radiation_wavelength.wavelength   1.54 
_diffrn_radiation_wavelength.wt           1.0 
# 
_diffrn_source.current                     ? 
_diffrn_source.details                     ? 
_diffrn_source.diffrn_id                   1 
_diffrn_source.power                       ? 
_diffrn_source.size                        ? 
_diffrn_source.source                      'ROTATING ANODE' 
_diffrn_source.target                      ? 
_diffrn_source.type                        RIGAKU 
_diffrn_source.voltage                     ? 
_diffrn_source.take-off_angle              ? 
_diffrn_source.pdbx_wavelength_list        1.54 
_diffrn_source.pdbx_wavelength             ? 
_diffrn_source.pdbx_synchrotron_beamline   ? 
_diffrn_source.pdbx_synchrotron_site       ? 
# 
_reflns.B_iso_Wilson_estimate            ? 
_reflns.entry_id                         6GPM 
_reflns.data_reduction_details           ? 
_reflns.data_reduction_method            ? 
_reflns.d_resolution_high                1.73 
_reflns.d_resolution_low                 15 
_reflns.details                          ? 
_reflns.limit_h_max                      ? 
_reflns.limit_h_min                      ? 
_reflns.limit_k_max                      ? 
_reflns.limit_k_min                      ? 
_reflns.limit_l_max                      ? 
_reflns.limit_l_min                      ? 
_reflns.number_all                       ? 
_reflns.number_obs                       6898 
_reflns.observed_criterion               ? 
_reflns.observed_criterion_F_max         ? 
_reflns.observed_criterion_F_min         ? 
_reflns.observed_criterion_I_max         ? 
_reflns.observed_criterion_I_min         ? 
_reflns.observed_criterion_sigma_F       ? 
_reflns.observed_criterion_sigma_I       ? 
_reflns.percent_possible_obs             95.1 
_reflns.R_free_details                   ? 
_reflns.Rmerge_F_all                     ? 
_reflns.Rmerge_F_obs                     ? 
_reflns.Friedel_coverage                 ? 
_reflns.number_gt                        ? 
_reflns.threshold_expression             ? 
_reflns.pdbx_redundancy                  1.3 
_reflns.pdbx_Rmerge_I_obs                0.04 
_reflns.pdbx_Rmerge_I_all                ? 
_reflns.pdbx_Rsym_value                  ? 
_reflns.pdbx_netI_over_av_sigmaI         ? 
_reflns.pdbx_netI_over_sigmaI            30.2 
_reflns.pdbx_res_netI_over_av_sigmaI_2   ? 
_reflns.pdbx_res_netI_over_sigmaI_2      ? 
_reflns.pdbx_chi_squared                 ? 
_reflns.pdbx_scaling_rejects             ? 
_reflns.pdbx_d_res_high_opt              ? 
_reflns.pdbx_d_res_low_opt               ? 
_reflns.pdbx_d_res_opt_method            ? 
_reflns.phase_calculation_details        ? 
_reflns.pdbx_Rrim_I_all                  ? 
_reflns.pdbx_Rpim_I_all                  ? 
_reflns.pdbx_d_opt                       ? 
_reflns.pdbx_number_measured_all         ? 
_reflns.pdbx_diffrn_id                   1 
_reflns.pdbx_ordinal                     1 
_reflns.pdbx_CC_half                     ? 
_reflns.pdbx_R_split                     ? 
# 
_reflns_shell.d_res_high                  1.73 
_reflns_shell.d_res_low                   1.77 
_reflns_shell.meanI_over_sigI_all         ? 
_reflns_shell.meanI_over_sigI_obs         ? 
_reflns_shell.number_measured_all         ? 
_reflns_shell.number_measured_obs         ? 
_reflns_shell.number_possible             ? 
_reflns_shell.number_unique_all           ? 
_reflns_shell.number_unique_obs           ? 
_reflns_shell.percent_possible_all        ? 
_reflns_shell.percent_possible_obs        ? 
_reflns_shell.Rmerge_F_all                ? 
_reflns_shell.Rmerge_F_obs                ? 
_reflns_shell.Rmerge_I_all                ? 
_reflns_shell.Rmerge_I_obs                ? 
_reflns_shell.meanI_over_sigI_gt          ? 
_reflns_shell.meanI_over_uI_all           ? 
_reflns_shell.meanI_over_uI_gt            ? 
_reflns_shell.number_measured_gt          ? 
_reflns_shell.number_unique_gt            ? 
_reflns_shell.percent_possible_gt         ? 
_reflns_shell.Rmerge_F_gt                 ? 
_reflns_shell.Rmerge_I_gt                 ? 
_reflns_shell.pdbx_redundancy             ? 
_reflns_shell.pdbx_Rsym_value             ? 
_reflns_shell.pdbx_chi_squared            ? 
_reflns_shell.pdbx_netI_over_sigmaI_all   ? 
_reflns_shell.pdbx_netI_over_sigmaI_obs   ? 
_reflns_shell.pdbx_Rrim_I_all             ? 
_reflns_shell.pdbx_Rpim_I_all             ? 
_reflns_shell.pdbx_rejects                ? 
_reflns_shell.pdbx_ordinal                1 
_reflns_shell.pdbx_diffrn_id              1 
_reflns_shell.pdbx_CC_half                ? 
_reflns_shell.pdbx_R_split                ? 
# 
_refine.aniso_B[1][1]                            0.00 
_refine.aniso_B[1][2]                            0.00 
_refine.aniso_B[1][3]                            0.02 
_refine.aniso_B[2][2]                            0.00 
_refine.aniso_B[2][3]                            0.00 
_refine.aniso_B[3][3]                            -0.01 
_refine.B_iso_max                                ? 
_refine.B_iso_mean                               16.651 
_refine.B_iso_min                                ? 
_refine.correlation_coeff_Fo_to_Fc               0.961 
_refine.correlation_coeff_Fo_to_Fc_free          0.944 
_refine.details                                  'HYDROGENS HAVE BEEN ADDED IN THE RIDING POSITIONS' 
_refine.diff_density_max                         ? 
_refine.diff_density_max_esd                     ? 
_refine.diff_density_min                         ? 
_refine.diff_density_min_esd                     ? 
_refine.diff_density_rms                         ? 
_refine.diff_density_rms_esd                     ? 
_refine.entry_id                                 6GPM 
_refine.pdbx_refine_id                           'X-RAY DIFFRACTION' 
_refine.ls_abs_structure_details                 ? 
_refine.ls_abs_structure_Flack                   ? 
_refine.ls_abs_structure_Flack_esd               ? 
_refine.ls_abs_structure_Rogers                  ? 
_refine.ls_abs_structure_Rogers_esd              ? 
_refine.ls_d_res_high                            1.73 
_refine.ls_d_res_low                             14.18 
_refine.ls_extinction_coef                       ? 
_refine.ls_extinction_coef_esd                   ? 
_refine.ls_extinction_expression                 ? 
_refine.ls_extinction_method                     ? 
_refine.ls_goodness_of_fit_all                   ? 
_refine.ls_goodness_of_fit_all_esd               ? 
_refine.ls_goodness_of_fit_obs                   ? 
_refine.ls_goodness_of_fit_obs_esd               ? 
_refine.ls_hydrogen_treatment                    ? 
_refine.ls_matrix_type                           ? 
_refine.ls_number_constraints                    ? 
_refine.ls_number_parameters                     ? 
_refine.ls_number_reflns_all                     ? 
_refine.ls_number_reflns_obs                     6554 
_refine.ls_number_reflns_R_free                  322 
_refine.ls_number_reflns_R_work                  ? 
_refine.ls_number_restraints                     ? 
_refine.ls_percent_reflns_obs                    95.62 
_refine.ls_percent_reflns_R_free                 4.7 
_refine.ls_R_factor_all                          ? 
_refine.ls_R_factor_obs                          0.13137 
_refine.ls_R_factor_R_free                       0.16847 
_refine.ls_R_factor_R_free_error                 ? 
_refine.ls_R_factor_R_free_error_details         ? 
_refine.ls_R_factor_R_work                       0.12949 
_refine.ls_R_Fsqd_factor_obs                     ? 
_refine.ls_R_I_factor_obs                        ? 
_refine.ls_redundancy_reflns_all                 ? 
_refine.ls_redundancy_reflns_obs                 ? 
_refine.ls_restrained_S_all                      ? 
_refine.ls_restrained_S_obs                      ? 
_refine.ls_shift_over_esd_max                    ? 
_refine.ls_shift_over_esd_mean                   ? 
_refine.ls_structure_factor_coef                 ? 
_refine.ls_weighting_details                     ? 
_refine.ls_weighting_scheme                      ? 
_refine.ls_wR_factor_all                         ? 
_refine.ls_wR_factor_obs                         ? 
_refine.ls_wR_factor_R_free                      ? 
_refine.ls_wR_factor_R_work                      ? 
_refine.occupancy_max                            ? 
_refine.occupancy_min                            ? 
_refine.solvent_model_details                    'BABINET MODEL WITH MASK' 
_refine.solvent_model_param_bsol                 ? 
_refine.solvent_model_param_ksol                 ? 
_refine.ls_R_factor_gt                           ? 
_refine.ls_goodness_of_fit_gt                    ? 
_refine.ls_goodness_of_fit_ref                   ? 
_refine.ls_shift_over_su_max                     ? 
_refine.ls_shift_over_su_max_lt                  ? 
_refine.ls_shift_over_su_mean                    ? 
_refine.ls_shift_over_su_mean_lt                 ? 
_refine.pdbx_ls_sigma_I                          ? 
_refine.pdbx_ls_sigma_F                          ? 
_refine.pdbx_ls_sigma_Fsqd                       ? 
_refine.pdbx_data_cutoff_high_absF               ? 
_refine.pdbx_data_cutoff_high_rms_absF           ? 
_refine.pdbx_data_cutoff_low_absF                ? 
_refine.pdbx_isotropic_thermal_model             ? 
_refine.pdbx_ls_cross_valid_method               THROUGHOUT 
_refine.pdbx_method_to_determine_struct          'MOLECULAR REPLACEMENT' 
_refine.pdbx_starting_model                      4PRS 
_refine.pdbx_stereochemistry_target_values       'MAXIMUM LIKELIHOOD' 
_refine.pdbx_R_Free_selection_details            RANDOM 
_refine.pdbx_stereochem_target_val_spec_case     ? 
_refine.pdbx_overall_ESU_R                       0.117 
_refine.pdbx_overall_ESU_R_Free                  0.107 
_refine.pdbx_solvent_vdw_probe_radii             1.20 
_refine.pdbx_solvent_ion_probe_radii             0.80 
_refine.pdbx_solvent_shrinkage_radii             0.80 
_refine.pdbx_real_space_R                        ? 
_refine.pdbx_density_correlation                 ? 
_refine.pdbx_pd_number_of_powder_patterns        ? 
_refine.pdbx_pd_number_of_points                 ? 
_refine.pdbx_pd_meas_number_of_points            ? 
_refine.pdbx_pd_proc_ls_prof_R_factor            ? 
_refine.pdbx_pd_proc_ls_prof_wR_factor           ? 
_refine.pdbx_pd_Marquardt_correlation_coeff      ? 
_refine.pdbx_pd_Fsqrd_R_factor                   ? 
_refine.pdbx_pd_ls_matrix_band_width             ? 
_refine.pdbx_overall_phase_error                 ? 
_refine.pdbx_overall_SU_R_free_Cruickshank_DPI   ? 
_refine.pdbx_overall_SU_R_free_Blow_DPI          ? 
_refine.pdbx_overall_SU_R_Blow_DPI               ? 
_refine.pdbx_TLS_residual_ADP_flag               ? 
_refine.pdbx_diffrn_id                           1 
_refine.overall_SU_B                             2.357 
_refine.overall_SU_ML                            0.081 
_refine.overall_SU_R_Cruickshank_DPI             ? 
_refine.overall_SU_R_free                        ? 
_refine.overall_FOM_free_R_set                   ? 
_refine.overall_FOM_work_R_set                   ? 
_refine.pdbx_average_fsc_overall                 ? 
_refine.pdbx_average_fsc_work                    ? 
_refine.pdbx_average_fsc_free                    ? 
# 
_refine_hist.pdbx_refine_id                   'X-RAY DIFFRACTION' 
_refine_hist.cycle_id                         1 
_refine_hist.pdbx_number_atoms_protein        703 
_refine_hist.pdbx_number_atoms_nucleic_acid   0 
_refine_hist.pdbx_number_atoms_ligand         0 
_refine_hist.number_atoms_solvent             122 
_refine_hist.number_atoms_total               825 
_refine_hist.d_res_high                       1.73 
_refine_hist.d_res_low                        14.18 
# 
loop_
_refine_ls_restr.pdbx_refine_id 
_refine_ls_restr.criterion 
_refine_ls_restr.dev_ideal 
_refine_ls_restr.dev_ideal_target 
_refine_ls_restr.number 
_refine_ls_restr.rejects 
_refine_ls_restr.type 
_refine_ls_restr.weight 
_refine_ls_restr.pdbx_restraint_function 
'X-RAY DIFFRACTION' ? 0.014  0.019  711  ? r_bond_refined_d             ? ? 
'X-RAY DIFFRACTION' ? 0.001  0.020  711  ? r_bond_other_d               ? ? 
'X-RAY DIFFRACTION' ? 1.674  1.974  960  ? r_angle_refined_deg          ? ? 
'X-RAY DIFFRACTION' ? 0.798  3.000  1632 ? r_angle_other_deg            ? ? 
'X-RAY DIFFRACTION' ? 5.917  5.000  91   ? r_dihedral_angle_1_deg       ? ? 
'X-RAY DIFFRACTION' ? 35.608 23.448 29   ? r_dihedral_angle_2_deg       ? ? 
'X-RAY DIFFRACTION' ? 12.105 15.000 127  ? r_dihedral_angle_3_deg       ? ? 
'X-RAY DIFFRACTION' ? 9.298  15.000 6    ? r_dihedral_angle_4_deg       ? ? 
'X-RAY DIFFRACTION' ? 0.093  0.200  116  ? r_chiral_restr               ? ? 
'X-RAY DIFFRACTION' ? 0.008  0.020  794  ? r_gen_planes_refined         ? ? 
'X-RAY DIFFRACTION' ? 0.001  0.020  152  ? r_gen_planes_other           ? ? 
'X-RAY DIFFRACTION' ? ?      ?      ?    ? r_nbd_refined                ? ? 
'X-RAY DIFFRACTION' ? ?      ?      ?    ? r_nbd_other                  ? ? 
'X-RAY DIFFRACTION' ? ?      ?      ?    ? r_nbtor_refined              ? ? 
'X-RAY DIFFRACTION' ? ?      ?      ?    ? r_nbtor_other                ? ? 
'X-RAY DIFFRACTION' ? ?      ?      ?    ? r_xyhbond_nbd_refined        ? ? 
'X-RAY DIFFRACTION' ? ?      ?      ?    ? r_xyhbond_nbd_other          ? ? 
'X-RAY DIFFRACTION' ? ?      ?      ?    ? r_metal_ion_refined          ? ? 
'X-RAY DIFFRACTION' ? ?      ?      ?    ? r_metal_ion_other            ? ? 
'X-RAY DIFFRACTION' ? ?      ?      ?    ? r_symmetry_vdw_refined       ? ? 
'X-RAY DIFFRACTION' ? ?      ?      ?    ? r_symmetry_vdw_other         ? ? 
'X-RAY DIFFRACTION' ? ?      ?      ?    ? r_symmetry_hbond_refined     ? ? 
'X-RAY DIFFRACTION' ? ?      ?      ?    ? r_symmetry_hbond_other       ? ? 
'X-RAY DIFFRACTION' ? ?      ?      ?    ? r_symmetry_metal_ion_refined ? ? 
'X-RAY DIFFRACTION' ? ?      ?      ?    ? r_symmetry_metal_ion_other   ? ? 
'X-RAY DIFFRACTION' ? 1.036  1.434  367  ? r_mcbond_it                  ? ? 
'X-RAY DIFFRACTION' ? 1.026  1.430  366  ? r_mcbond_other               ? ? 
'X-RAY DIFFRACTION' ? 1.466  2.137  457  ? r_mcangle_it                 ? ? 
'X-RAY DIFFRACTION' ? 1.469  2.141  458  ? r_mcangle_other              ? ? 
'X-RAY DIFFRACTION' ? 1.727  1.656  344  ? r_scbond_it                  ? ? 
'X-RAY DIFFRACTION' ? 1.720  1.652  343  ? r_scbond_other               ? ? 
'X-RAY DIFFRACTION' ? ?      ?      ?    ? r_scangle_it                 ? ? 
'X-RAY DIFFRACTION' ? 2.625  2.388  503  ? r_scangle_other              ? ? 
'X-RAY DIFFRACTION' ? 5.753  13.042 858  ? r_long_range_B_refined       ? ? 
'X-RAY DIFFRACTION' ? 4.823  12.188 804  ? r_long_range_B_other         ? ? 
'X-RAY DIFFRACTION' ? ?      ?      ?    ? r_rigid_bond_restr           ? ? 
'X-RAY DIFFRACTION' ? ?      ?      ?    ? r_sphericity_free            ? ? 
'X-RAY DIFFRACTION' ? ?      ?      ?    ? r_sphericity_bonded          ? ? 
# 
_refine_ls_shell.pdbx_refine_id                   'X-RAY DIFFRACTION' 
_refine_ls_shell.d_res_high                       1.732 
_refine_ls_shell.d_res_low                        1.777 
_refine_ls_shell.number_reflns_all                ? 
_refine_ls_shell.number_reflns_obs                ? 
_refine_ls_shell.number_reflns_R_free             20 
_refine_ls_shell.number_reflns_R_work             415 
_refine_ls_shell.percent_reflns_obs               86.31 
_refine_ls_shell.percent_reflns_R_free            ? 
_refine_ls_shell.R_factor_all                     ? 
_refine_ls_shell.R_factor_obs                     ? 
_refine_ls_shell.R_factor_R_free                  0.279 
_refine_ls_shell.R_factor_R_free_error            ? 
_refine_ls_shell.R_factor_R_work                  0.112 
_refine_ls_shell.redundancy_reflns_all            ? 
_refine_ls_shell.redundancy_reflns_obs            ? 
_refine_ls_shell.wR_factor_all                    ? 
_refine_ls_shell.wR_factor_obs                    ? 
_refine_ls_shell.wR_factor_R_free                 ? 
_refine_ls_shell.wR_factor_R_work                 ? 
_refine_ls_shell.pdbx_total_number_of_bins_used   20 
_refine_ls_shell.pdbx_phase_error                 ? 
_refine_ls_shell.pdbx_fsc_work                    ? 
_refine_ls_shell.pdbx_fsc_free                    ? 
# 
_struct.entry_id                     6GPM 
_struct.title                        'Crystal structure of domain 2 from TmArgBP' 
_struct.pdbx_model_details           ? 
_struct.pdbx_formula_weight          ? 
_struct.pdbx_formula_weight_method   ? 
_struct.pdbx_model_type_details      ? 
_struct.pdbx_CASP_flag               N 
# 
_struct_keywords.entry_id        6GPM 
_struct_keywords.text            
'Domain-domain communication, Diagnostic tool, Protein dissection, Biosensor, Protein structure-stability, TRANSPORT PROTEIN' 
_struct_keywords.pdbx_keywords   'TRANSPORT PROTEIN' 
# 
loop_
_struct_asym.id 
_struct_asym.pdbx_blank_PDB_chainid_flag 
_struct_asym.pdbx_modified 
_struct_asym.entity_id 
_struct_asym.details 
A N N 1 ? 
B N N 2 ? 
# 
_struct_ref.id                         1 
_struct_ref.db_name                    UNP 
_struct_ref.db_code                    Q9WZ62_THEMA 
_struct_ref.pdbx_db_accession          Q9WZ62 
_struct_ref.pdbx_db_isoform            ? 
_struct_ref.entity_id                  1 
_struct_ref.pdbx_seq_one_letter_code   
;GQVIVVRKDSDFRPKTYEDLVGKTVAVQIGTTGDIEVSKYDGIKVVRFDKFTDAFLELKRGRADAVVLDSATARAFVAKN
PDLVISSGVLSS
;
_struct_ref.pdbx_align_begin           115 
# 
_struct_ref_seq.align_id                      1 
_struct_ref_seq.ref_id                        1 
_struct_ref_seq.pdbx_PDB_id_code              6GPM 
_struct_ref_seq.pdbx_strand_id                A 
_struct_ref_seq.seq_align_beg                 1 
_struct_ref_seq.pdbx_seq_align_beg_ins_code   ? 
_struct_ref_seq.seq_align_end                 92 
_struct_ref_seq.pdbx_seq_align_end_ins_code   ? 
_struct_ref_seq.pdbx_db_accession             Q9WZ62 
_struct_ref_seq.db_align_beg                  115 
_struct_ref_seq.pdbx_db_align_beg_ins_code    ? 
_struct_ref_seq.db_align_end                  206 
_struct_ref_seq.pdbx_db_align_end_ins_code    ? 
_struct_ref_seq.pdbx_auth_seq_align_beg       96 
_struct_ref_seq.pdbx_auth_seq_align_end       187 
# 
_pdbx_struct_assembly.id                   1 
_pdbx_struct_assembly.details              author_and_software_defined_assembly 
_pdbx_struct_assembly.method_details       PISA 
_pdbx_struct_assembly.oligomeric_details   monomeric 
_pdbx_struct_assembly.oligomeric_count     1 
# 
loop_
_pdbx_struct_assembly_prop.biol_id 
_pdbx_struct_assembly_prop.type 
_pdbx_struct_assembly_prop.value 
_pdbx_struct_assembly_prop.details 
1 'ABSA (A^2)' 0    ? 
1 MORE         0    ? 
1 'SSA (A^2)'  4840 ? 
# 
_pdbx_struct_assembly_gen.assembly_id       1 
_pdbx_struct_assembly_gen.oper_expression   1 
_pdbx_struct_assembly_gen.asym_id_list      A,B 
# 
_pdbx_struct_assembly_auth_evidence.id                     1 
_pdbx_struct_assembly_auth_evidence.assembly_id            1 
_pdbx_struct_assembly_auth_evidence.experimental_support   'light scattering' 
_pdbx_struct_assembly_auth_evidence.details                ? 
# 
_pdbx_struct_oper_list.id                   1 
_pdbx_struct_oper_list.type                 'identity operation' 
_pdbx_struct_oper_list.name                 1_555 
_pdbx_struct_oper_list.symmetry_operation   x,y,z 
_pdbx_struct_oper_list.matrix[1][1]         1.0000000000 
_pdbx_struct_oper_list.matrix[1][2]         0.0000000000 
_pdbx_struct_oper_list.matrix[1][3]         0.0000000000 
_pdbx_struct_oper_list.vector[1]            0.0000000000 
_pdbx_struct_oper_list.matrix[2][1]         0.0000000000 
_pdbx_struct_oper_list.matrix[2][2]         1.0000000000 
_pdbx_struct_oper_list.matrix[2][3]         0.0000000000 
_pdbx_struct_oper_list.vector[2]            0.0000000000 
_pdbx_struct_oper_list.matrix[3][1]         0.0000000000 
_pdbx_struct_oper_list.matrix[3][2]         0.0000000000 
_pdbx_struct_oper_list.matrix[3][3]         1.0000000000 
_pdbx_struct_oper_list.vector[3]            0.0000000000 
# 
loop_
_struct_conf.conf_type_id 
_struct_conf.id 
_struct_conf.pdbx_PDB_helix_id 
_struct_conf.beg_label_comp_id 
_struct_conf.beg_label_asym_id 
_struct_conf.beg_label_seq_id 
_struct_conf.pdbx_beg_PDB_ins_code 
_struct_conf.end_label_comp_id 
_struct_conf.end_label_asym_id 
_struct_conf.end_label_seq_id 
_struct_conf.pdbx_end_PDB_ins_code 
_struct_conf.beg_auth_comp_id 
_struct_conf.beg_auth_asym_id 
_struct_conf.beg_auth_seq_id 
_struct_conf.end_auth_comp_id 
_struct_conf.end_auth_asym_id 
_struct_conf.end_auth_seq_id 
_struct_conf.pdbx_PDB_helix_class 
_struct_conf.details 
_struct_conf.pdbx_PDB_helix_length 
HELX_P HELX_P1 AA1 TYR A 17 ? VAL A 21 ? TYR A 112 VAL A 116 5 ? 5  
HELX_P HELX_P2 AA2 THR A 31 ? SER A 38 ? THR A 126 SER A 133 1 ? 8  
HELX_P HELX_P3 AA3 LYS A 50 ? ARG A 60 ? LYS A 145 ARG A 155 1 ? 11 
HELX_P HELX_P4 AA4 SER A 70 ? ALA A 78 ? SER A 165 ALA A 173 1 ? 9  
# 
_struct_conf_type.id          HELX_P 
_struct_conf_type.criteria    ? 
_struct_conf_type.reference   ? 
# 
_struct_sheet.id               AA1 
_struct_sheet.type             ? 
_struct_sheet.number_strands   5 
_struct_sheet.details          ? 
# 
loop_
_struct_sheet_order.sheet_id 
_struct_sheet_order.range_id_1 
_struct_sheet_order.range_id_2 
_struct_sheet_order.offset 
_struct_sheet_order.sense 
AA1 1 2 ? parallel      
AA1 2 3 ? parallel      
AA1 3 4 ? anti-parallel 
AA1 4 5 ? anti-parallel 
# 
loop_
_struct_sheet_range.sheet_id 
_struct_sheet_range.id 
_struct_sheet_range.beg_label_comp_id 
_struct_sheet_range.beg_label_asym_id 
_struct_sheet_range.beg_label_seq_id 
_struct_sheet_range.pdbx_beg_PDB_ins_code 
_struct_sheet_range.end_label_comp_id 
_struct_sheet_range.end_label_asym_id 
_struct_sheet_range.end_label_seq_id 
_struct_sheet_range.pdbx_end_PDB_ins_code 
_struct_sheet_range.beg_auth_comp_id 
_struct_sheet_range.beg_auth_asym_id 
_struct_sheet_range.beg_auth_seq_id 
_struct_sheet_range.end_auth_comp_id 
_struct_sheet_range.end_auth_asym_id 
_struct_sheet_range.end_auth_seq_id 
AA1 1 LYS A 44 ? PHE A 48 ? LYS A 139 PHE A 143 
AA1 2 THR A 24 ? GLN A 28 ? THR A 119 GLN A 123 
AA1 3 ALA A 65 ? ASP A 69 ? ALA A 160 ASP A 164 
AA1 4 GLN A 2  ? ARG A 7  ? GLN A 97  ARG A 102 
AA1 5 LEU A 83 ? ILE A 85 ? LEU A 178 ILE A 180 
# 
loop_
_pdbx_struct_sheet_hbond.sheet_id 
_pdbx_struct_sheet_hbond.range_id_1 
_pdbx_struct_sheet_hbond.range_id_2 
_pdbx_struct_sheet_hbond.range_1_label_atom_id 
_pdbx_struct_sheet_hbond.range_1_label_comp_id 
_pdbx_struct_sheet_hbond.range_1_label_asym_id 
_pdbx_struct_sheet_hbond.range_1_label_seq_id 
_pdbx_struct_sheet_hbond.range_1_PDB_ins_code 
_pdbx_struct_sheet_hbond.range_1_auth_atom_id 
_pdbx_struct_sheet_hbond.range_1_auth_comp_id 
_pdbx_struct_sheet_hbond.range_1_auth_asym_id 
_pdbx_struct_sheet_hbond.range_1_auth_seq_id 
_pdbx_struct_sheet_hbond.range_2_label_atom_id 
_pdbx_struct_sheet_hbond.range_2_label_comp_id 
_pdbx_struct_sheet_hbond.range_2_label_asym_id 
_pdbx_struct_sheet_hbond.range_2_label_seq_id 
_pdbx_struct_sheet_hbond.range_2_PDB_ins_code 
_pdbx_struct_sheet_hbond.range_2_auth_atom_id 
_pdbx_struct_sheet_hbond.range_2_auth_comp_id 
_pdbx_struct_sheet_hbond.range_2_auth_asym_id 
_pdbx_struct_sheet_hbond.range_2_auth_seq_id 
AA1 1 2 O LYS A 44 ? O LYS A 139 N VAL A 25 ? N VAL A 120 
AA1 2 3 N ALA A 26 ? N ALA A 121 O ALA A 65 ? O ALA A 160 
AA1 3 4 O VAL A 66 ? O VAL A 161 N VAL A 5  ? N VAL A 100 
AA1 4 5 N VAL A 6  ? N VAL A 101 O VAL A 84 ? O VAL A 179 
# 
loop_
_chem_comp_atom.comp_id 
_chem_comp_atom.atom_id 
_chem_comp_atom.type_symbol 
_chem_comp_atom.pdbx_aromatic_flag 
_chem_comp_atom.pdbx_stereo_config 
_chem_comp_atom.pdbx_ordinal 
ALA N    N N N 1   
ALA CA   C N S 2   
ALA C    C N N 3   
ALA O    O N N 4   
ALA CB   C N N 5   
ALA OXT  O N N 6   
ALA H    H N N 7   
ALA H2   H N N 8   
ALA HA   H N N 9   
ALA HB1  H N N 10  
ALA HB2  H N N 11  
ALA HB3  H N N 12  
ALA HXT  H N N 13  
ARG N    N N N 14  
ARG CA   C N S 15  
ARG C    C N N 16  
ARG O    O N N 17  
ARG CB   C N N 18  
ARG CG   C N N 19  
ARG CD   C N N 20  
ARG NE   N N N 21  
ARG CZ   C N N 22  
ARG NH1  N N N 23  
ARG NH2  N N N 24  
ARG OXT  O N N 25  
ARG H    H N N 26  
ARG H2   H N N 27  
ARG HA   H N N 28  
ARG HB2  H N N 29  
ARG HB3  H N N 30  
ARG HG2  H N N 31  
ARG HG3  H N N 32  
ARG HD2  H N N 33  
ARG HD3  H N N 34  
ARG HE   H N N 35  
ARG HH11 H N N 36  
ARG HH12 H N N 37  
ARG HH21 H N N 38  
ARG HH22 H N N 39  
ARG HXT  H N N 40  
ASN N    N N N 41  
ASN CA   C N S 42  
ASN C    C N N 43  
ASN O    O N N 44  
ASN CB   C N N 45  
ASN CG   C N N 46  
ASN OD1  O N N 47  
ASN ND2  N N N 48  
ASN OXT  O N N 49  
ASN H    H N N 50  
ASN H2   H N N 51  
ASN HA   H N N 52  
ASN HB2  H N N 53  
ASN HB3  H N N 54  
ASN HD21 H N N 55  
ASN HD22 H N N 56  
ASN HXT  H N N 57  
ASP N    N N N 58  
ASP CA   C N S 59  
ASP C    C N N 60  
ASP O    O N N 61  
ASP CB   C N N 62  
ASP CG   C N N 63  
ASP OD1  O N N 64  
ASP OD2  O N N 65  
ASP OXT  O N N 66  
ASP H    H N N 67  
ASP H2   H N N 68  
ASP HA   H N N 69  
ASP HB2  H N N 70  
ASP HB3  H N N 71  
ASP HD2  H N N 72  
ASP HXT  H N N 73  
GLN N    N N N 74  
GLN CA   C N S 75  
GLN C    C N N 76  
GLN O    O N N 77  
GLN CB   C N N 78  
GLN CG   C N N 79  
GLN CD   C N N 80  
GLN OE1  O N N 81  
GLN NE2  N N N 82  
GLN OXT  O N N 83  
GLN H    H N N 84  
GLN H2   H N N 85  
GLN HA   H N N 86  
GLN HB2  H N N 87  
GLN HB3  H N N 88  
GLN HG2  H N N 89  
GLN HG3  H N N 90  
GLN HE21 H N N 91  
GLN HE22 H N N 92  
GLN HXT  H N N 93  
GLU N    N N N 94  
GLU CA   C N S 95  
GLU C    C N N 96  
GLU O    O N N 97  
GLU CB   C N N 98  
GLU CG   C N N 99  
GLU CD   C N N 100 
GLU OE1  O N N 101 
GLU OE2  O N N 102 
GLU OXT  O N N 103 
GLU H    H N N 104 
GLU H2   H N N 105 
GLU HA   H N N 106 
GLU HB2  H N N 107 
GLU HB3  H N N 108 
GLU HG2  H N N 109 
GLU HG3  H N N 110 
GLU HE2  H N N 111 
GLU HXT  H N N 112 
GLY N    N N N 113 
GLY CA   C N N 114 
GLY C    C N N 115 
GLY O    O N N 116 
GLY OXT  O N N 117 
GLY H    H N N 118 
GLY H2   H N N 119 
GLY HA2  H N N 120 
GLY HA3  H N N 121 
GLY HXT  H N N 122 
HOH O    O N N 123 
HOH H1   H N N 124 
HOH H2   H N N 125 
ILE N    N N N 126 
ILE CA   C N S 127 
ILE C    C N N 128 
ILE O    O N N 129 
ILE CB   C N S 130 
ILE CG1  C N N 131 
ILE CG2  C N N 132 
ILE CD1  C N N 133 
ILE OXT  O N N 134 
ILE H    H N N 135 
ILE H2   H N N 136 
ILE HA   H N N 137 
ILE HB   H N N 138 
ILE HG12 H N N 139 
ILE HG13 H N N 140 
ILE HG21 H N N 141 
ILE HG22 H N N 142 
ILE HG23 H N N 143 
ILE HD11 H N N 144 
ILE HD12 H N N 145 
ILE HD13 H N N 146 
ILE HXT  H N N 147 
LEU N    N N N 148 
LEU CA   C N S 149 
LEU C    C N N 150 
LEU O    O N N 151 
LEU CB   C N N 152 
LEU CG   C N N 153 
LEU CD1  C N N 154 
LEU CD2  C N N 155 
LEU OXT  O N N 156 
LEU H    H N N 157 
LEU H2   H N N 158 
LEU HA   H N N 159 
LEU HB2  H N N 160 
LEU HB3  H N N 161 
LEU HG   H N N 162 
LEU HD11 H N N 163 
LEU HD12 H N N 164 
LEU HD13 H N N 165 
LEU HD21 H N N 166 
LEU HD22 H N N 167 
LEU HD23 H N N 168 
LEU HXT  H N N 169 
LYS N    N N N 170 
LYS CA   C N S 171 
LYS C    C N N 172 
LYS O    O N N 173 
LYS CB   C N N 174 
LYS CG   C N N 175 
LYS CD   C N N 176 
LYS CE   C N N 177 
LYS NZ   N N N 178 
LYS OXT  O N N 179 
LYS H    H N N 180 
LYS H2   H N N 181 
LYS HA   H N N 182 
LYS HB2  H N N 183 
LYS HB3  H N N 184 
LYS HG2  H N N 185 
LYS HG3  H N N 186 
LYS HD2  H N N 187 
LYS HD3  H N N 188 
LYS HE2  H N N 189 
LYS HE3  H N N 190 
LYS HZ1  H N N 191 
LYS HZ2  H N N 192 
LYS HZ3  H N N 193 
LYS HXT  H N N 194 
PHE N    N N N 195 
PHE CA   C N S 196 
PHE C    C N N 197 
PHE O    O N N 198 
PHE CB   C N N 199 
PHE CG   C Y N 200 
PHE CD1  C Y N 201 
PHE CD2  C Y N 202 
PHE CE1  C Y N 203 
PHE CE2  C Y N 204 
PHE CZ   C Y N 205 
PHE OXT  O N N 206 
PHE H    H N N 207 
PHE H2   H N N 208 
PHE HA   H N N 209 
PHE HB2  H N N 210 
PHE HB3  H N N 211 
PHE HD1  H N N 212 
PHE HD2  H N N 213 
PHE HE1  H N N 214 
PHE HE2  H N N 215 
PHE HZ   H N N 216 
PHE HXT  H N N 217 
PRO N    N N N 218 
PRO CA   C N S 219 
PRO C    C N N 220 
PRO O    O N N 221 
PRO CB   C N N 222 
PRO CG   C N N 223 
PRO CD   C N N 224 
PRO OXT  O N N 225 
PRO H    H N N 226 
PRO HA   H N N 227 
PRO HB2  H N N 228 
PRO HB3  H N N 229 
PRO HG2  H N N 230 
PRO HG3  H N N 231 
PRO HD2  H N N 232 
PRO HD3  H N N 233 
PRO HXT  H N N 234 
SER N    N N N 235 
SER CA   C N S 236 
SER C    C N N 237 
SER O    O N N 238 
SER CB   C N N 239 
SER OG   O N N 240 
SER OXT  O N N 241 
SER H    H N N 242 
SER H2   H N N 243 
SER HA   H N N 244 
SER HB2  H N N 245 
SER HB3  H N N 246 
SER HG   H N N 247 
SER HXT  H N N 248 
THR N    N N N 249 
THR CA   C N S 250 
THR C    C N N 251 
THR O    O N N 252 
THR CB   C N R 253 
THR OG1  O N N 254 
THR CG2  C N N 255 
THR OXT  O N N 256 
THR H    H N N 257 
THR H2   H N N 258 
THR HA   H N N 259 
THR HB   H N N 260 
THR HG1  H N N 261 
THR HG21 H N N 262 
THR HG22 H N N 263 
THR HG23 H N N 264 
THR HXT  H N N 265 
TYR N    N N N 266 
TYR CA   C N S 267 
TYR C    C N N 268 
TYR O    O N N 269 
TYR CB   C N N 270 
TYR CG   C Y N 271 
TYR CD1  C Y N 272 
TYR CD2  C Y N 273 
TYR CE1  C Y N 274 
TYR CE2  C Y N 275 
TYR CZ   C Y N 276 
TYR OH   O N N 277 
TYR OXT  O N N 278 
TYR H    H N N 279 
TYR H2   H N N 280 
TYR HA   H N N 281 
TYR HB2  H N N 282 
TYR HB3  H N N 283 
TYR HD1  H N N 284 
TYR HD2  H N N 285 
TYR HE1  H N N 286 
TYR HE2  H N N 287 
TYR HH   H N N 288 
TYR HXT  H N N 289 
VAL N    N N N 290 
VAL CA   C N S 291 
VAL C    C N N 292 
VAL O    O N N 293 
VAL CB   C N N 294 
VAL CG1  C N N 295 
VAL CG2  C N N 296 
VAL OXT  O N N 297 
VAL H    H N N 298 
VAL H2   H N N 299 
VAL HA   H N N 300 
VAL HB   H N N 301 
VAL HG11 H N N 302 
VAL HG12 H N N 303 
VAL HG13 H N N 304 
VAL HG21 H N N 305 
VAL HG22 H N N 306 
VAL HG23 H N N 307 
VAL HXT  H N N 308 
# 
loop_
_chem_comp_bond.comp_id 
_chem_comp_bond.atom_id_1 
_chem_comp_bond.atom_id_2 
_chem_comp_bond.value_order 
_chem_comp_bond.pdbx_aromatic_flag 
_chem_comp_bond.pdbx_stereo_config 
_chem_comp_bond.pdbx_ordinal 
ALA N   CA   sing N N 1   
ALA N   H    sing N N 2   
ALA N   H2   sing N N 3   
ALA CA  C    sing N N 4   
ALA CA  CB   sing N N 5   
ALA CA  HA   sing N N 6   
ALA C   O    doub N N 7   
ALA C   OXT  sing N N 8   
ALA CB  HB1  sing N N 9   
ALA CB  HB2  sing N N 10  
ALA CB  HB3  sing N N 11  
ALA OXT HXT  sing N N 12  
ARG N   CA   sing N N 13  
ARG N   H    sing N N 14  
ARG N   H2   sing N N 15  
ARG CA  C    sing N N 16  
ARG CA  CB   sing N N 17  
ARG CA  HA   sing N N 18  
ARG C   O    doub N N 19  
ARG C   OXT  sing N N 20  
ARG CB  CG   sing N N 21  
ARG CB  HB2  sing N N 22  
ARG CB  HB3  sing N N 23  
ARG CG  CD   sing N N 24  
ARG CG  HG2  sing N N 25  
ARG CG  HG3  sing N N 26  
ARG CD  NE   sing N N 27  
ARG CD  HD2  sing N N 28  
ARG CD  HD3  sing N N 29  
ARG NE  CZ   sing N N 30  
ARG NE  HE   sing N N 31  
ARG CZ  NH1  sing N N 32  
ARG CZ  NH2  doub N N 33  
ARG NH1 HH11 sing N N 34  
ARG NH1 HH12 sing N N 35  
ARG NH2 HH21 sing N N 36  
ARG NH2 HH22 sing N N 37  
ARG OXT HXT  sing N N 38  
ASN N   CA   sing N N 39  
ASN N   H    sing N N 40  
ASN N   H2   sing N N 41  
ASN CA  C    sing N N 42  
ASN CA  CB   sing N N 43  
ASN CA  HA   sing N N 44  
ASN C   O    doub N N 45  
ASN C   OXT  sing N N 46  
ASN CB  CG   sing N N 47  
ASN CB  HB2  sing N N 48  
ASN CB  HB3  sing N N 49  
ASN CG  OD1  doub N N 50  
ASN CG  ND2  sing N N 51  
ASN ND2 HD21 sing N N 52  
ASN ND2 HD22 sing N N 53  
ASN OXT HXT  sing N N 54  
ASP N   CA   sing N N 55  
ASP N   H    sing N N 56  
ASP N   H2   sing N N 57  
ASP CA  C    sing N N 58  
ASP CA  CB   sing N N 59  
ASP CA  HA   sing N N 60  
ASP C   O    doub N N 61  
ASP C   OXT  sing N N 62  
ASP CB  CG   sing N N 63  
ASP CB  HB2  sing N N 64  
ASP CB  HB3  sing N N 65  
ASP CG  OD1  doub N N 66  
ASP CG  OD2  sing N N 67  
ASP OD2 HD2  sing N N 68  
ASP OXT HXT  sing N N 69  
GLN N   CA   sing N N 70  
GLN N   H    sing N N 71  
GLN N   H2   sing N N 72  
GLN CA  C    sing N N 73  
GLN CA  CB   sing N N 74  
GLN CA  HA   sing N N 75  
GLN C   O    doub N N 76  
GLN C   OXT  sing N N 77  
GLN CB  CG   sing N N 78  
GLN CB  HB2  sing N N 79  
GLN CB  HB3  sing N N 80  
GLN CG  CD   sing N N 81  
GLN CG  HG2  sing N N 82  
GLN CG  HG3  sing N N 83  
GLN CD  OE1  doub N N 84  
GLN CD  NE2  sing N N 85  
GLN NE2 HE21 sing N N 86  
GLN NE2 HE22 sing N N 87  
GLN OXT HXT  sing N N 88  
GLU N   CA   sing N N 89  
GLU N   H    sing N N 90  
GLU N   H2   sing N N 91  
GLU CA  C    sing N N 92  
GLU CA  CB   sing N N 93  
GLU CA  HA   sing N N 94  
GLU C   O    doub N N 95  
GLU C   OXT  sing N N 96  
GLU CB  CG   sing N N 97  
GLU CB  HB2  sing N N 98  
GLU CB  HB3  sing N N 99  
GLU CG  CD   sing N N 100 
GLU CG  HG2  sing N N 101 
GLU CG  HG3  sing N N 102 
GLU CD  OE1  doub N N 103 
GLU CD  OE2  sing N N 104 
GLU OE2 HE2  sing N N 105 
GLU OXT HXT  sing N N 106 
GLY N   CA   sing N N 107 
GLY N   H    sing N N 108 
GLY N   H2   sing N N 109 
GLY CA  C    sing N N 110 
GLY CA  HA2  sing N N 111 
GLY CA  HA3  sing N N 112 
GLY C   O    doub N N 113 
GLY C   OXT  sing N N 114 
GLY OXT HXT  sing N N 115 
HOH O   H1   sing N N 116 
HOH O   H2   sing N N 117 
ILE N   CA   sing N N 118 
ILE N   H    sing N N 119 
ILE N   H2   sing N N 120 
ILE CA  C    sing N N 121 
ILE CA  CB   sing N N 122 
ILE CA  HA   sing N N 123 
ILE C   O    doub N N 124 
ILE C   OXT  sing N N 125 
ILE CB  CG1  sing N N 126 
ILE CB  CG2  sing N N 127 
ILE CB  HB   sing N N 128 
ILE CG1 CD1  sing N N 129 
ILE CG1 HG12 sing N N 130 
ILE CG1 HG13 sing N N 131 
ILE CG2 HG21 sing N N 132 
ILE CG2 HG22 sing N N 133 
ILE CG2 HG23 sing N N 134 
ILE CD1 HD11 sing N N 135 
ILE CD1 HD12 sing N N 136 
ILE CD1 HD13 sing N N 137 
ILE OXT HXT  sing N N 138 
LEU N   CA   sing N N 139 
LEU N   H    sing N N 140 
LEU N   H2   sing N N 141 
LEU CA  C    sing N N 142 
LEU CA  CB   sing N N 143 
LEU CA  HA   sing N N 144 
LEU C   O    doub N N 145 
LEU C   OXT  sing N N 146 
LEU CB  CG   sing N N 147 
LEU CB  HB2  sing N N 148 
LEU CB  HB3  sing N N 149 
LEU CG  CD1  sing N N 150 
LEU CG  CD2  sing N N 151 
LEU CG  HG   sing N N 152 
LEU CD1 HD11 sing N N 153 
LEU CD1 HD12 sing N N 154 
LEU CD1 HD13 sing N N 155 
LEU CD2 HD21 sing N N 156 
LEU CD2 HD22 sing N N 157 
LEU CD2 HD23 sing N N 158 
LEU OXT HXT  sing N N 159 
LYS N   CA   sing N N 160 
LYS N   H    sing N N 161 
LYS N   H2   sing N N 162 
LYS CA  C    sing N N 163 
LYS CA  CB   sing N N 164 
LYS CA  HA   sing N N 165 
LYS C   O    doub N N 166 
LYS C   OXT  sing N N 167 
LYS CB  CG   sing N N 168 
LYS CB  HB2  sing N N 169 
LYS CB  HB3  sing N N 170 
LYS CG  CD   sing N N 171 
LYS CG  HG2  sing N N 172 
LYS CG  HG3  sing N N 173 
LYS CD  CE   sing N N 174 
LYS CD  HD2  sing N N 175 
LYS CD  HD3  sing N N 176 
LYS CE  NZ   sing N N 177 
LYS CE  HE2  sing N N 178 
LYS CE  HE3  sing N N 179 
LYS NZ  HZ1  sing N N 180 
LYS NZ  HZ2  sing N N 181 
LYS NZ  HZ3  sing N N 182 
LYS OXT HXT  sing N N 183 
PHE N   CA   sing N N 184 
PHE N   H    sing N N 185 
PHE N   H2   sing N N 186 
PHE CA  C    sing N N 187 
PHE CA  CB   sing N N 188 
PHE CA  HA   sing N N 189 
PHE C   O    doub N N 190 
PHE C   OXT  sing N N 191 
PHE CB  CG   sing N N 192 
PHE CB  HB2  sing N N 193 
PHE CB  HB3  sing N N 194 
PHE CG  CD1  doub Y N 195 
PHE CG  CD2  sing Y N 196 
PHE CD1 CE1  sing Y N 197 
PHE CD1 HD1  sing N N 198 
PHE CD2 CE2  doub Y N 199 
PHE CD2 HD2  sing N N 200 
PHE CE1 CZ   doub Y N 201 
PHE CE1 HE1  sing N N 202 
PHE CE2 CZ   sing Y N 203 
PHE CE2 HE2  sing N N 204 
PHE CZ  HZ   sing N N 205 
PHE OXT HXT  sing N N 206 
PRO N   CA   sing N N 207 
PRO N   CD   sing N N 208 
PRO N   H    sing N N 209 
PRO CA  C    sing N N 210 
PRO CA  CB   sing N N 211 
PRO CA  HA   sing N N 212 
PRO C   O    doub N N 213 
PRO C   OXT  sing N N 214 
PRO CB  CG   sing N N 215 
PRO CB  HB2  sing N N 216 
PRO CB  HB3  sing N N 217 
PRO CG  CD   sing N N 218 
PRO CG  HG2  sing N N 219 
PRO CG  HG3  sing N N 220 
PRO CD  HD2  sing N N 221 
PRO CD  HD3  sing N N 222 
PRO OXT HXT  sing N N 223 
SER N   CA   sing N N 224 
SER N   H    sing N N 225 
SER N   H2   sing N N 226 
SER CA  C    sing N N 227 
SER CA  CB   sing N N 228 
SER CA  HA   sing N N 229 
SER C   O    doub N N 230 
SER C   OXT  sing N N 231 
SER CB  OG   sing N N 232 
SER CB  HB2  sing N N 233 
SER CB  HB3  sing N N 234 
SER OG  HG   sing N N 235 
SER OXT HXT  sing N N 236 
THR N   CA   sing N N 237 
THR N   H    sing N N 238 
THR N   H2   sing N N 239 
THR CA  C    sing N N 240 
THR CA  CB   sing N N 241 
THR CA  HA   sing N N 242 
THR C   O    doub N N 243 
THR C   OXT  sing N N 244 
THR CB  OG1  sing N N 245 
THR CB  CG2  sing N N 246 
THR CB  HB   sing N N 247 
THR OG1 HG1  sing N N 248 
THR CG2 HG21 sing N N 249 
THR CG2 HG22 sing N N 250 
THR CG2 HG23 sing N N 251 
THR OXT HXT  sing N N 252 
TYR N   CA   sing N N 253 
TYR N   H    sing N N 254 
TYR N   H2   sing N N 255 
TYR CA  C    sing N N 256 
TYR CA  CB   sing N N 257 
TYR CA  HA   sing N N 258 
TYR C   O    doub N N 259 
TYR C   OXT  sing N N 260 
TYR CB  CG   sing N N 261 
TYR CB  HB2  sing N N 262 
TYR CB  HB3  sing N N 263 
TYR CG  CD1  doub Y N 264 
TYR CG  CD2  sing Y N 265 
TYR CD1 CE1  sing Y N 266 
TYR CD1 HD1  sing N N 267 
TYR CD2 CE2  doub Y N 268 
TYR CD2 HD2  sing N N 269 
TYR CE1 CZ   doub Y N 270 
TYR CE1 HE1  sing N N 271 
TYR CE2 CZ   sing Y N 272 
TYR CE2 HE2  sing N N 273 
TYR CZ  OH   sing N N 274 
TYR OH  HH   sing N N 275 
TYR OXT HXT  sing N N 276 
VAL N   CA   sing N N 277 
VAL N   H    sing N N 278 
VAL N   H2   sing N N 279 
VAL CA  C    sing N N 280 
VAL CA  CB   sing N N 281 
VAL CA  HA   sing N N 282 
VAL C   O    doub N N 283 
VAL C   OXT  sing N N 284 
VAL CB  CG1  sing N N 285 
VAL CB  CG2  sing N N 286 
VAL CB  HB   sing N N 287 
VAL CG1 HG11 sing N N 288 
VAL CG1 HG12 sing N N 289 
VAL CG1 HG13 sing N N 290 
VAL CG2 HG21 sing N N 291 
VAL CG2 HG22 sing N N 292 
VAL CG2 HG23 sing N N 293 
VAL OXT HXT  sing N N 294 
# 
_pdbx_initial_refinement_model.id               1 
_pdbx_initial_refinement_model.entity_id_list   ? 
_pdbx_initial_refinement_model.type             'experimental model' 
_pdbx_initial_refinement_model.source_name      PDB 
_pdbx_initial_refinement_model.accession_code   4PRS 
_pdbx_initial_refinement_model.details          ? 
# 
_atom_sites.entry_id                    6GPM 
_atom_sites.fract_transf_matrix[1][1]   0.02908245 
_atom_sites.fract_transf_matrix[1][2]   -0.02459023 
_atom_sites.fract_transf_matrix[1][3]   0.01106449 
_atom_sites.fract_transf_matrix[2][1]   -0.01271035 
_atom_sites.fract_transf_matrix[2][2]   -0.01554150 
_atom_sites.fract_transf_matrix[2][3]   -0.00113163 
_atom_sites.fract_transf_matrix[3][1]   0.01376207 
_atom_sites.fract_transf_matrix[3][2]   -0.00887398 
_atom_sites.fract_transf_matrix[3][3]   -0.03270121 
_atom_sites.fract_transf_vector[1]      0.563725 
_atom_sites.fract_transf_vector[2]      0.258458 
_atom_sites.fract_transf_vector[3]      0.755205 
# 
loop_
_atom_type.symbol 
C 
N 
O 
# 
loop_
_atom_site.group_PDB 
_atom_site.id 
_atom_site.type_symbol 
_atom_site.label_atom_id 
_atom_site.label_alt_id 
_atom_site.label_comp_id 
_atom_site.label_asym_id 
_atom_site.label_entity_id 
_atom_site.label_seq_id 
_atom_site.pdbx_PDB_ins_code 
_atom_site.Cartn_x 
_atom_site.Cartn_y 
_atom_site.Cartn_z 
_atom_site.occupancy 
_atom_site.B_iso_or_equiv 
_atom_site.pdbx_formal_charge 
_atom_site.auth_seq_id 
_atom_site.auth_comp_id 
_atom_site.auth_asym_id 
_atom_site.auth_atom_id 
_atom_site.pdbx_PDB_model_num 
ATOM   1   N N   . GLY A 1 1  ? -6.209  7.590   8.695   1.00 24.95 ? 96  GLY A N   1 
ATOM   2   C CA  . GLY A 1 1  ? -5.114  6.812   9.192   1.00 21.28 ? 96  GLY A CA  1 
ATOM   3   C C   . GLY A 1 1  ? -4.407  6.267   7.977   1.00 17.42 ? 96  GLY A C   1 
ATOM   4   O O   . GLY A 1 1  ? -3.615  6.974   7.388   1.00 16.83 ? 96  GLY A O   1 
ATOM   5   N N   . GLN A 1 2  ? -4.718  5.035   7.611   1.00 15.06 ? 97  GLN A N   1 
ATOM   6   C CA  . GLN A 1 2  ? -3.996  4.348   6.537   1.00 13.54 ? 97  GLN A CA  1 
ATOM   7   C C   . GLN A 1 2  ? -4.810  4.370   5.281   1.00 13.40 ? 97  GLN A C   1 
ATOM   8   O O   . GLN A 1 2  ? -6.043  4.406   5.350   1.00 13.89 ? 97  GLN A O   1 
ATOM   9   C CB  . GLN A 1 2  ? -3.753  2.883   6.920   1.00 13.44 ? 97  GLN A CB  1 
ATOM   10  C CG  . GLN A 1 2  ? -3.057  2.723   8.250   1.00 14.48 ? 97  GLN A CG  1 
ATOM   11  C CD  . GLN A 1 2  ? -1.803  3.549   8.341   1.00 13.96 ? 97  GLN A CD  1 
ATOM   12  O OE1 . GLN A 1 2  ? -1.714  4.511   9.177   1.00 15.51 ? 97  GLN A OE1 1 
ATOM   13  N NE2 . GLN A 1 2  ? -0.883  3.279   7.463   1.00 10.46 ? 97  GLN A NE2 1 
ATOM   14  N N   . VAL A 1 3  ? -4.114  4.326   4.146   1.00 12.13 ? 98  VAL A N   1 
ATOM   15  C CA  . VAL A 1 3  ? -4.738  4.189   2.834   1.00 12.11 ? 98  VAL A CA  1 
ATOM   16  C C   . VAL A 1 3  ? -4.001  3.157   2.038   1.00 11.89 ? 98  VAL A C   1 
ATOM   17  O O   . VAL A 1 3  ? -2.834  2.856   2.305   1.00 12.08 ? 98  VAL A O   1 
ATOM   18  C CB  . VAL A 1 3  ? -4.806  5.524   2.073   1.00 12.48 ? 98  VAL A CB  1 
ATOM   19  C CG1 . VAL A 1 3  ? -5.627  6.535   2.831   1.00 13.03 ? 98  VAL A CG1 1 
ATOM   20  C CG2 . VAL A 1 3  ? -3.418  6.048   1.782   1.00 12.65 ? 98  VAL A CG2 1 
ATOM   21  N N   . ILE A 1 4  ? -4.683  2.671   1.010   1.00 11.73 ? 99  ILE A N   1 
ATOM   22  C CA  . ILE A 1 4  ? -4.110  1.675   0.112   1.00 11.62 ? 99  ILE A CA  1 
ATOM   23  C C   . ILE A 1 4  ? -3.767  2.369   -1.210  1.00 12.68 ? 99  ILE A C   1 
ATOM   24  O O   . ILE A 1 4  ? -4.651  3.024   -1.838  1.00 11.61 ? 99  ILE A O   1 
ATOM   25  C CB  . ILE A 1 4  ? -5.058  0.511   -0.229  1.00 11.99 ? 99  ILE A CB  1 
ATOM   26  C CG1 . ILE A 1 4  ? -5.577  -0.147  1.026   1.00 12.42 ? 99  ILE A CG1 1 
ATOM   27  C CG2 . ILE A 1 4  ? -4.269  -0.479  -1.085  1.00 11.16 ? 99  ILE A CG2 1 
ATOM   28  C CD1 . ILE A 1 4  ? -6.599  -1.230  0.758   1.00 12.32 ? 99  ILE A CD1 1 
ATOM   29  N N   . VAL A 1 5  ? -2.519  2.237   -1.618  1.00 11.68 ? 100 VAL A N   1 
ATOM   30  C CA  . VAL A 1 5  ? -2.076  2.785   -2.888  1.00 12.70 ? 100 VAL A CA  1 
ATOM   31  C C   . VAL A 1 5  ? -1.824  1.626   -3.854  1.00 13.42 ? 100 VAL A C   1 
ATOM   32  O O   . VAL A 1 5  ? -1.207  0.643   -3.461  1.00 12.35 ? 100 VAL A O   1 
ATOM   33  C CB  . VAL A 1 5  ? -0.723  3.559   -2.721  1.00 12.98 ? 100 VAL A CB  1 
ATOM   34  C CG1 . VAL A 1 5  ? -0.297  4.149   -4.056  1.00 12.80 ? 100 VAL A CG1 1 
ATOM   35  C CG2 . VAL A 1 5  ? -0.840  4.651   -1.656  1.00 12.67 ? 100 VAL A CG2 1 
ATOM   36  N N   . VAL A 1 6  ? -2.288  1.744   -5.099  1.00 12.97 ? 101 VAL A N   1 
ATOM   37  C CA  . VAL A 1 6  ? -2.027  0.731   -6.130  1.00 13.50 ? 101 VAL A CA  1 
ATOM   38  C C   . VAL A 1 6  ? -1.622  1.434   -7.418  1.00 13.35 ? 101 VAL A C   1 
ATOM   39  O O   . VAL A 1 6  ? -1.574  2.682   -7.478  1.00 13.17 ? 101 VAL A O   1 
ATOM   40  C CB  . VAL A 1 6  ? -3.276  -0.103  -6.387  1.00 13.14 ? 101 VAL A CB  1 
ATOM   41  C CG1 . VAL A 1 6  ? -3.662  -0.833  -5.092  1.00 14.19 ? 101 VAL A CG1 1 
ATOM   42  C CG2 . VAL A 1 6  ? -4.408  0.827   -6.826  1.00 13.62 ? 101 VAL A CG2 1 
ATOM   43  N N   . ARG A 1 7  ? -1.320  0.639   -8.428  1.00 13.04 ? 102 ARG A N   1 
ATOM   44  C CA  . ARG A 1 7  ? -1.010  1.229   -9.745  1.00 13.31 ? 102 ARG A CA  1 
ATOM   45  C C   . ARG A 1 7  ? -2.281  1.766   -10.431 1.00 14.01 ? 102 ARG A C   1 
ATOM   46  O O   . ARG A 1 7  ? -3.326  1.134   -10.417 1.00 13.90 ? 102 ARG A O   1 
ATOM   47  C CB  . ARG A 1 7  ? -0.330  0.192   -10.609 1.00 13.08 ? 102 ARG A CB  1 
ATOM   48  C CG  . ARG A 1 7  ? 1.110   -0.083  -10.188 1.00 13.47 ? 102 ARG A CG  1 
ATOM   49  C CD  . ARG A 1 7  ? 2.128   0.683   -11.044 1.00 13.79 ? 102 ARG A CD  1 
ATOM   50  N NE  . ARG A 1 7  ? 1.999   0.131   -12.378 1.00 14.60 ? 102 ARG A NE  1 
ATOM   51  C CZ  . ARG A 1 7  ? 2.519   -1.031  -12.763 1.00 15.34 ? 102 ARG A CZ  1 
ATOM   52  N NH1 . ARG A 1 7  ? 3.261   -1.746  -11.948 1.00 15.47 ? 102 ARG A NH1 1 
ATOM   53  N NH2 . ARG A 1 7  ? 2.263   -1.511  -13.968 1.00 14.60 ? 102 ARG A NH2 1 
ATOM   54  N N   . LYS A 1 8  ? -2.161  2.951   -11.003 1.00 14.26 ? 103 LYS A N   1 
ATOM   55  C CA  . LYS A 1 8  ? -3.228  3.603   -11.751 1.00 15.34 ? 103 LYS A CA  1 
ATOM   56  C C   . LYS A 1 8  ? -3.593  2.739   -12.962 1.00 14.35 ? 103 LYS A C   1 
ATOM   57  O O   . LYS A 1 8  ? -4.797  2.569   -13.297 1.00 13.93 ? 103 LYS A O   1 
ATOM   58  C CB  . LYS A 1 8  ? -2.817  4.999   -12.195 1.00 16.98 ? 103 LYS A CB  1 
ATOM   59  C CG  . LYS A 1 8  ? -3.923  5.653   -13.074 1.00 20.44 ? 103 LYS A CG  1 
ATOM   60  C CD  . LYS A 1 8  ? -3.804  7.147   -13.256 1.00 24.63 ? 103 LYS A CD  1 
ATOM   61  C CE  . LYS A 1 8  ? -5.122  7.801   -13.666 1.00 27.20 ? 103 LYS A CE  1 
ATOM   62  N NZ  . LYS A 1 8  ? -5.670  7.344   -14.969 1.00 30.31 ? 103 LYS A NZ  1 
ATOM   63  N N   . ASP A 1 9  ? -2.538  2.252   -13.636 1.00 15.08 ? 104 ASP A N   1 
ATOM   64  C CA  . ASP A 1 9  ? -2.647  1.430   -14.845 1.00 15.52 ? 104 ASP A CA  1 
ATOM   65  C C   . ASP A 1 9  ? -2.972  -0.006  -14.484 1.00 16.03 ? 104 ASP A C   1 
ATOM   66  O O   . ASP A 1 9  ? -2.240  -0.950  -14.791 1.00 16.83 ? 104 ASP A O   1 
ATOM   67  C CB  . ASP A 1 9  ? -1.372  1.542   -15.683 1.00 17.11 ? 104 ASP A CB  1 
ATOM   68  C CG  . ASP A 1 9  ? -0.107  1.181   -14.927 1.00 17.96 ? 104 ASP A CG  1 
ATOM   69  O OD1 . ASP A 1 9  ? 0.059   1.602   -13.752 1.00 17.89 ? 104 ASP A OD1 1 
ATOM   70  O OD2 . ASP A 1 9  ? 0.745   0.529   -15.532 1.00 18.04 ? 104 ASP A OD2 1 
ATOM   71  N N   . SER A 1 10 ? -4.102  -0.169  -13.809 1.00 15.62 ? 105 SER A N   1 
ATOM   72  C CA  . SER A 1 10 ? -4.547  -1.479  -13.363 1.00 15.91 ? 105 SER A CA  1 
ATOM   73  C C   . SER A 1 10 ? -6.033  -1.385  -13.092 1.00 16.35 ? 105 SER A C   1 
ATOM   74  O O   . SER A 1 10 ? -6.554  -0.294  -12.845 1.00 16.68 ? 105 SER A O   1 
ATOM   75  C CB  . SER A 1 10 ? -3.834  -1.845  -12.056 1.00 16.55 ? 105 SER A CB  1 
ATOM   76  O OG  . SER A 1 10 ? -4.269  -3.106  -11.577 1.00 19.33 ? 105 SER A OG  1 
ATOM   77  N N   . ASP A 1 11 ? -6.725  -2.520  -13.146 1.00 15.50 ? 106 ASP A N   1 
ATOM   78  C CA  . ASP A 1 11 ? -8.121  -2.555  -12.715 1.00 17.50 ? 106 ASP A CA  1 
ATOM   79  C C   . ASP A 1 11 ? -8.261  -2.878  -11.213 1.00 17.68 ? 106 ASP A C   1 
ATOM   80  O O   . ASP A 1 11 ? -9.357  -2.828  -10.655 1.00 18.57 ? 106 ASP A O   1 
ATOM   81  C CB  . ASP A 1 11 ? -8.835  -3.647  -13.502 1.00 18.91 ? 106 ASP A CB  1 
ATOM   82  C CG  . ASP A 1 11 ? -9.020  -3.326  -14.969 1.00 23.10 ? 106 ASP A CG  1 
ATOM   83  O OD1 . ASP A 1 11 ? -9.189  -2.146  -15.294 1.00 23.36 ? 106 ASP A OD1 1 
ATOM   84  O OD2 . ASP A 1 11 ? -9.091  -4.299  -15.752 1.00 24.61 ? 106 ASP A OD2 1 
ATOM   85  N N   . PHE A 1 12 ? -7.161  -3.248  -10.567 1.00 16.37 ? 107 PHE A N   1 
ATOM   86  C CA  . PHE A 1 12 ? -7.141  -3.533  -9.104  1.00 16.19 ? 107 PHE A CA  1 
ATOM   87  C C   . PHE A 1 12 ? -7.448  -2.287  -8.277  1.00 16.27 ? 107 PHE A C   1 
ATOM   88  O O   . PHE A 1 12 ? -6.724  -1.296  -8.342  1.00 15.38 ? 107 PHE A O   1 
ATOM   89  C CB  . PHE A 1 12 ? -5.799  -4.129  -8.727  1.00 16.09 ? 107 PHE A CB  1 
ATOM   90  C CG  . PHE A 1 12 ? -5.696  -4.578  -7.279  1.00 15.31 ? 107 PHE A CG  1 
ATOM   91  C CD1 . PHE A 1 12 ? -6.696  -5.343  -6.708  1.00 15.70 ? 107 PHE A CD1 1 
ATOM   92  C CD2 . PHE A 1 12 ? -4.567  -4.287  -6.532  1.00 17.15 ? 107 PHE A CD2 1 
ATOM   93  C CE1 . PHE A 1 12 ? -6.610  -5.801  -5.421  1.00 15.60 ? 107 PHE A CE1 1 
ATOM   94  C CE2 . PHE A 1 12 ? -4.467  -4.731  -5.222  1.00 15.58 ? 107 PHE A CE2 1 
ATOM   95  C CZ  . PHE A 1 12 ? -5.509  -5.475  -4.670  1.00 15.75 ? 107 PHE A CZ  1 
ATOM   96  N N   . ARG A 1 13 ? -8.559  -2.339  -7.508  1.00 13.84 ? 108 ARG A N   1 
ATOM   97  C CA  . ARG A 1 13 ? -8.982  -1.214  -6.700  1.00 14.73 ? 108 ARG A CA  1 
ATOM   98  C C   . ARG A 1 13 ? -9.432  -1.668  -5.330  1.00 14.61 ? 108 ARG A C   1 
ATOM   99  O O   . ARG A 1 13 ? -10.628 -1.687  -5.033  1.00 16.85 ? 108 ARG A O   1 
ATOM   100 C CB  . ARG A 1 13 ? -10.114 -0.493  -7.436  1.00 15.90 ? 108 ARG A CB  1 
ATOM   101 C CG  . ARG A 1 13 ? -9.643  0.184   -8.754  1.00 15.76 ? 108 ARG A CG  1 
ATOM   102 C CD  . ARG A 1 13 ? -8.700  1.330   -8.476  1.00 16.00 ? 108 ARG A CD  1 
ATOM   103 N NE  . ARG A 1 13 ? -8.280  2.092   -9.688  1.00 16.82 ? 108 ARG A NE  1 
ATOM   104 C CZ  . ARG A 1 13 ? -7.098  1.962   -10.305 1.00 16.92 ? 108 ARG A CZ  1 
ATOM   105 N NH1 . ARG A 1 13 ? -6.232  1.058   -9.907  1.00 16.18 ? 108 ARG A NH1 1 
ATOM   106 N NH2 . ARG A 1 13 ? -6.793  2.748   -11.347 1.00 16.00 ? 108 ARG A NH2 1 
ATOM   107 N N   . PRO A 1 14 ? -8.485  -2.076  -4.474  1.00 14.69 ? 109 PRO A N   1 
ATOM   108 C CA  . PRO A 1 14 ? -8.857  -2.586  -3.149  1.00 14.12 ? 109 PRO A CA  1 
ATOM   109 C C   . PRO A 1 14 ? -9.375  -1.480  -2.268  1.00 14.57 ? 109 PRO A C   1 
ATOM   110 O O   . PRO A 1 14 ? -8.898  -0.348  -2.344  1.00 13.92 ? 109 PRO A O   1 
ATOM   111 C CB  . PRO A 1 14 ? -7.546  -3.130  -2.603  1.00 13.81 ? 109 PRO A CB  1 
ATOM   112 C CG  . PRO A 1 14 ? -6.503  -2.270  -3.286  1.00 14.16 ? 109 PRO A CG  1 
ATOM   113 C CD  . PRO A 1 14 ? -7.029  -2.087  -4.669  1.00 14.07 ? 109 PRO A CD  1 
ATOM   114 N N   . LYS A 1 15 ? -10.366 -1.806  -1.441  1.00 14.15 ? 110 LYS A N   1 
ATOM   115 C CA  . LYS A 1 15 ? -10.925 -0.860  -0.503  1.00 16.80 ? 110 LYS A CA  1 
ATOM   116 C C   . LYS A 1 15 ? -10.765 -1.232  0.983   1.00 15.69 ? 110 LYS A C   1 
ATOM   117 O O   . LYS A 1 15 ? -11.021 -0.402  1.879   1.00 16.22 ? 110 LYS A O   1 
ATOM   118 C CB  . LYS A 1 15 ? -12.416 -0.750  -0.832  1.00 18.39 ? 110 LYS A CB  1 
ATOM   119 C CG  . LYS A 1 15 ? -12.617 -0.167  -2.213  1.00 21.83 ? 110 LYS A CG  1 
ATOM   120 C CD  . LYS A 1 15 ? -14.058 -0.146  -2.664  1.00 25.84 ? 110 LYS A CD  1 
ATOM   121 C CE  . LYS A 1 15 ? -14.107 0.404   -4.084  1.00 28.91 ? 110 LYS A CE  1 
ATOM   122 N NZ  . LYS A 1 15 ? -13.263 -0.392  -5.037  1.00 30.80 ? 110 LYS A NZ  1 
ATOM   123 N N   . THR A 1 16 ? -10.437 -2.492  1.250   1.00 14.03 ? 111 THR A N   1 
ATOM   124 C CA  . THR A 1 16 ? -10.355 -3.012  2.595   1.00 14.26 ? 111 THR A CA  1 
ATOM   125 C C   . THR A 1 16 ? -9.097  -3.898  2.772   1.00 14.14 ? 111 THR A C   1 
ATOM   126 O O   . THR A 1 16 ? -8.474  -4.328  1.798   1.00 12.46 ? 111 THR A O   1 
ATOM   127 C CB  . THR A 1 16 ? -11.551 -3.930  2.905   1.00 15.52 ? 111 THR A CB  1 
ATOM   128 O OG1 . THR A 1 16 ? -11.477 -5.106  2.055   1.00 15.62 ? 111 THR A OG1 1 
ATOM   129 C CG2 . THR A 1 16 ? -12.858 -3.179  2.759   1.00 16.79 ? 111 THR A CG2 1 
ATOM   130 N N   . TYR A 1 17 ? -8.748  -4.192  4.016   1.00 13.38 ? 112 TYR A N   1 
ATOM   131 C CA  . TYR A 1 17 ? -7.662  -5.147  4.256   1.00 13.98 ? 112 TYR A CA  1 
ATOM   132 C C   . TYR A 1 17 ? -7.950  -6.484  3.593   1.00 13.87 ? 112 TYR A C   1 
ATOM   133 O O   . TYR A 1 17 ? -7.025  -7.127  3.058   1.00 13.48 ? 112 TYR A O   1 
ATOM   134 C CB  . TYR A 1 17 ? -7.404  -5.312  5.743   1.00 14.75 ? 112 TYR A CB  1 
ATOM   135 C CG  . TYR A 1 17 ? -6.674  -4.098  6.363   1.00 14.32 ? 112 TYR A CG  1 
ATOM   136 C CD1 . TYR A 1 17 ? -5.360  -3.790  6.036   1.00 15.48 ? 112 TYR A CD1 1 
ATOM   137 C CD2 . TYR A 1 17 ? -7.334  -3.225  7.218   1.00 15.36 ? 112 TYR A CD2 1 
ATOM   138 C CE1 . TYR A 1 17 ? -4.725  -2.652  6.593   1.00 15.84 ? 112 TYR A CE1 1 
ATOM   139 C CE2 . TYR A 1 17 ? -6.708  -2.154  7.791   1.00 15.29 ? 112 TYR A CE2 1 
ATOM   140 C CZ  . TYR A 1 17 ? -5.426  -1.842  7.439   1.00 15.58 ? 112 TYR A CZ  1 
ATOM   141 O OH  . TYR A 1 17 ? -4.790  -0.741  7.978   1.00 17.19 ? 112 TYR A OH  1 
ATOM   142 N N   . GLU A 1 18 ? -9.215  -6.944  3.617   1.00 12.99 ? 113 GLU A N   1 
ATOM   143 C CA  . GLU A 1 18 ? -9.543  -8.267  3.040   1.00 13.66 ? 113 GLU A CA  1 
ATOM   144 C C   . GLU A 1 18 ? -9.209  -8.307  1.550   1.00 13.37 ? 113 GLU A C   1 
ATOM   145 O O   . GLU A 1 18 ? -8.777  -9.340  1.032   1.00 13.63 ? 113 GLU A O   1 
ATOM   146 C CB  . GLU A 1 18 ? -11.019 -8.628  3.243   1.00 13.59 ? 113 GLU A CB  1 
ATOM   147 C CG  . GLU A 1 18 ? -11.397 -10.034 2.786   1.00 14.98 ? 113 GLU A CG  1 
ATOM   148 C CD  . GLU A 1 18 ? -10.752 -11.129 3.607   1.00 14.20 ? 113 GLU A CD  1 
ATOM   149 O OE1 . GLU A 1 18 ? -10.689 -10.984 4.859   1.00 13.47 ? 113 GLU A OE1 1 
ATOM   150 O OE2 . GLU A 1 18 ? -10.363 -12.147 3.006   1.00 13.81 ? 113 GLU A OE2 1 
ATOM   151 N N   . ASP A 1 19 ? -9.393  -7.170  0.876   1.00 13.41 ? 114 ASP A N   1 
ATOM   152 C CA  . ASP A 1 19 ? -9.122  -7.065  -0.547  1.00 14.62 ? 114 ASP A CA  1 
ATOM   153 C C   . ASP A 1 19 ? -7.610  -7.268  -0.876  1.00 15.09 ? 114 ASP A C   1 
ATOM   154 O O   . ASP A 1 19 ? -7.230  -7.535  -2.049  1.00 14.11 ? 114 ASP A O   1 
ATOM   155 C CB  . ASP A 1 19 ? -9.576  -5.712  -1.090  1.00 14.36 ? 114 ASP A CB  1 
ATOM   156 C CG  . ASP A 1 19 ? -11.090 -5.558  -1.167  1.00 15.92 ? 114 ASP A CG  1 
ATOM   157 O OD1 . ASP A 1 19 ? -11.808 -6.601  -1.225  1.00 14.18 ? 114 ASP A OD1 1 
ATOM   158 O OD2 . ASP A 1 19 ? -11.518 -4.371  -1.250  1.00 15.56 ? 114 ASP A OD2 1 
ATOM   159 N N   . LEU A 1 20 ? -6.771  -7.238  0.153   1.00 13.41 ? 115 LEU A N   1 
ATOM   160 C CA  . LEU A 1 20 ? -5.322  -7.427  0.006   1.00 12.79 ? 115 LEU A CA  1 
ATOM   161 C C   . LEU A 1 20 ? -4.844  -8.866  0.251   1.00 13.24 ? 115 LEU A C   1 
ATOM   162 O O   . LEU A 1 20 ? -3.711  -9.205  -0.040  1.00 13.16 ? 115 LEU A O   1 
ATOM   163 C CB  . LEU A 1 20 ? -4.547  -6.465  0.918   1.00 12.69 ? 115 LEU A CB  1 
ATOM   164 C CG  . LEU A 1 20 ? -4.814  -4.970  0.616   1.00 12.84 ? 115 LEU A CG  1 
ATOM   165 C CD1 . LEU A 1 20 ? -4.053  -4.155  1.655   1.00 13.05 ? 115 LEU A CD1 1 
ATOM   166 C CD2 . LEU A 1 20 ? -4.370  -4.623  -0.795  1.00 12.60 ? 115 LEU A CD2 1 
ATOM   167 N N   . VAL A 1 21 ? -5.740  -9.720  0.736   1.00 13.03 ? 116 VAL A N   1 
ATOM   168 C CA  . VAL A 1 21 ? -5.403  -11.127 0.928   1.00 13.39 ? 116 VAL A CA  1 
ATOM   169 C C   . VAL A 1 21 ? -4.966  -11.719 -0.411  1.00 12.64 ? 116 VAL A C   1 
ATOM   170 O O   . VAL A 1 21 ? -5.647  -11.495 -1.422  1.00 13.38 ? 116 VAL A O   1 
ATOM   171 C CB  . VAL A 1 21 ? -6.604  -11.897 1.515   1.00 13.64 ? 116 VAL A CB  1 
ATOM   172 C CG1 . VAL A 1 21 ? -6.311  -13.399 1.488   1.00 14.50 ? 116 VAL A CG1 1 
ATOM   173 C CG2 . VAL A 1 21 ? -6.878  -11.405 2.923   1.00 13.83 ? 116 VAL A CG2 1 
ATOM   174 N N   . GLY A 1 22 ? -3.806  -12.366 -0.453  1.00 12.46 ? 117 GLY A N   1 
ATOM   175 C CA  . GLY A 1 22 ? -3.293  -12.923 -1.698  1.00 14.08 ? 117 GLY A CA  1 
ATOM   176 C C   . GLY A 1 22 ? -2.307  -12.042 -2.439  1.00 13.63 ? 117 GLY A C   1 
ATOM   177 O O   . GLY A 1 22 ? -1.501  -12.517 -3.273  1.00 12.90 ? 117 GLY A O   1 
ATOM   178 N N   . LYS A 1 23 ? -2.328  -10.772 -2.091  1.00 13.54 ? 118 LYS A N   1 
ATOM   179 C CA  . LYS A 1 23 ? -1.512  -9.771  -2.788  1.00 13.94 ? 118 LYS A CA  1 
ATOM   180 C C   . LYS A 1 23 ? -0.186  -9.596  -2.079  1.00 13.76 ? 118 LYS A C   1 
ATOM   181 O O   . LYS A 1 23 ? -0.089  -9.837  -0.886  1.00 13.47 ? 118 LYS A O   1 
ATOM   182 C CB  . LYS A 1 23 ? -2.255  -8.412  -2.866  1.00 14.89 ? 118 LYS A CB  1 
ATOM   183 C CG  . LYS A 1 23 ? -3.238  -8.318  -4.002  1.00 19.18 ? 118 LYS A CG  1 
ATOM   184 C CD  . LYS A 1 23 ? -4.294  -9.368  -3.879  1.00 21.03 ? 118 LYS A CD  1 
ATOM   185 C CE  . LYS A 1 23 ? -5.369  -9.361  -4.930  1.00 23.26 ? 118 LYS A CE  1 
ATOM   186 N NZ  . LYS A 1 23 ? -6.346  -10.342 -4.394  1.00 23.19 ? 118 LYS A NZ  1 
ATOM   187 N N   . THR A 1 24 ? 0.806   -9.101  -2.839  1.00 13.10 ? 119 THR A N   1 
ATOM   188 C CA  . THR A 1 24 ? 2.061   -8.698  -2.305  1.00 13.06 ? 119 THR A CA  1 
ATOM   189 C C   . THR A 1 24 ? 1.976   -7.219  -1.914  1.00 13.18 ? 119 THR A C   1 
ATOM   190 O O   . THR A 1 24 ? 1.757   -6.337  -2.754  1.00 13.58 ? 119 THR A O   1 
ATOM   191 C CB  . THR A 1 24 ? 3.169   -8.974  -3.317  1.00 14.71 ? 119 THR A CB  1 
ATOM   192 O OG1 . THR A 1 24 ? 3.217   -10.408 -3.520  1.00 15.46 ? 119 THR A OG1 1 
ATOM   193 C CG2 . THR A 1 24 ? 4.506   -8.498  -2.796  1.00 16.22 ? 119 THR A CG2 1 
ATOM   194 N N   . VAL A 1 25 ? 2.115   -6.948  -0.624  1.00 12.85 ? 120 VAL A N   1 
ATOM   195 C CA  . VAL A 1 25 ? 1.856   -5.587  -0.111  1.00 12.78 ? 120 VAL A CA  1 
ATOM   196 C C   . VAL A 1 25 ? 3.104   -5.068  0.553   1.00 12.73 ? 120 VAL A C   1 
ATOM   197 O O   . VAL A 1 25 ? 3.580   -5.663  1.508   1.00 12.19 ? 120 VAL A O   1 
ATOM   198 C CB  . VAL A 1 25 ? 0.664   -5.575  0.886   1.00 12.62 ? 120 VAL A CB  1 
ATOM   199 C CG1 . VAL A 1 25 ? 0.451   -4.190  1.447   1.00 13.22 ? 120 VAL A CG1 1 
ATOM   200 C CG2 . VAL A 1 25 ? -0.616  -6.099  0.228   1.00 13.21 ? 120 VAL A CG2 1 
ATOM   201 N N   . ALA A 1 26 ? 3.639   -3.977  0.018   1.00 12.50 ? 121 ALA A N   1 
ATOM   202 C CA  . ALA A 1 26 ? 4.838   -3.384  0.528   1.00 12.63 ? 121 ALA A CA  1 
ATOM   203 C C   . ALA A 1 26 ? 4.475   -2.353  1.559   1.00 13.28 ? 121 ALA A C   1 
ATOM   204 O O   . ALA A 1 26 ? 3.520   -1.568  1.397   1.00 12.95 ? 121 ALA A O   1 
ATOM   205 C CB  . ALA A 1 26 ? 5.649   -2.776  -0.617  1.00 13.15 ? 121 ALA A CB  1 
ATOM   206 N N   . VAL A 1 27 ? 5.251   -2.334  2.640   1.00 13.84 ? 122 VAL A N   1 
ATOM   207 C CA  . VAL A 1 27 ? 5.047   -1.396  3.742   1.00 13.56 ? 122 VAL A CA  1 
ATOM   208 C C   . VAL A 1 27 ? 6.420   -0.890  4.202   1.00 13.40 ? 122 VAL A C   1 
ATOM   209 O O   . VAL A 1 27 ? 7.426   -1.531  3.970   1.00 13.01 ? 122 VAL A O   1 
ATOM   210 C CB  . VAL A 1 27 ? 4.338   -2.069  4.931   1.00 13.84 ? 122 VAL A CB  1 
ATOM   211 C CG1 . VAL A 1 27 ? 2.931   -2.450  4.495   1.00 13.02 ? 122 VAL A CG1 1 
ATOM   212 C CG2 . VAL A 1 27 ? 5.107   -3.273  5.423   1.00 14.83 ? 122 VAL A CG2 1 
ATOM   213 N N   . GLN A 1 28 ? 6.432   0.258   4.849   1.00 13.04 ? 123 GLN A N   1 
ATOM   214 C CA  . GLN A 1 28 ? 7.581   0.717   5.590   1.00 13.27 ? 123 GLN A CA  1 
ATOM   215 C C   . GLN A 1 28 ? 7.595   0.021   6.974   1.00 13.70 ? 123 GLN A C   1 
ATOM   216 O O   . GLN A 1 28 ? 6.615   0.081   7.754   1.00 13.51 ? 123 GLN A O   1 
ATOM   217 C CB  . GLN A 1 28 ? 7.538   2.229   5.769   1.00 14.48 ? 123 GLN A CB  1 
ATOM   218 C CG  . GLN A 1 28 ? 8.702   2.763   6.577   1.00 15.23 ? 123 GLN A CG  1 
ATOM   219 C CD  . GLN A 1 28 ? 8.600   4.242   6.879   1.00 17.91 ? 123 GLN A CD  1 
ATOM   220 O OE1 . GLN A 1 28 ? 7.860   4.971   6.236   1.00 17.49 ? 123 GLN A OE1 1 
ATOM   221 N NE2 . GLN A 1 28 ? 9.299   4.683   7.944   1.00 18.60 ? 123 GLN A NE2 1 
ATOM   222 N N   . ILE A 1 29 ? 8.701   -0.608  7.272   1.00 13.13 ? 124 ILE A N   1 
ATOM   223 C CA  . ILE A 1 29 ? 8.768   -1.454  8.472   1.00 13.65 ? 124 ILE A CA  1 
ATOM   224 C C   . ILE A 1 29 ? 8.496   -0.642  9.735   1.00 13.40 ? 124 ILE A C   1 
ATOM   225 O O   . ILE A 1 29 ? 9.019   0.472   9.900   1.00 13.88 ? 124 ILE A O   1 
ATOM   226 C CB  . ILE A 1 29 ? 10.112  -2.207  8.545   1.00 15.01 ? 124 ILE A CB  1 
ATOM   227 C CG1 . ILE A 1 29 ? 10.077  -3.203  9.715   1.00 15.48 ? 124 ILE A CG1 1 
ATOM   228 C CG2 . ILE A 1 29 ? 11.282  -1.246  8.553   1.00 16.76 ? 124 ILE A CG2 1 
ATOM   229 C CD1 . ILE A 1 29 ? 11.086  -4.339  9.522   1.00 17.43 ? 124 ILE A CD1 1 
ATOM   230 N N   . GLY A 1 30 ? 7.683   -1.186  10.622  1.00 12.55 ? 125 GLY A N   1 
ATOM   231 C CA  . GLY A 1 30 ? 7.415   -0.561  11.882  1.00 13.10 ? 125 GLY A CA  1 
ATOM   232 C C   . GLY A 1 30 ? 6.372   0.532   11.911  1.00 13.28 ? 125 GLY A C   1 
ATOM   233 O O   . GLY A 1 30 ? 6.054   1.026   12.982  1.00 15.24 ? 125 GLY A O   1 
ATOM   234 N N   . THR A 1 31 ? 5.825   0.902   10.753  1.00 12.73 ? 126 THR A N   1 
ATOM   235 C CA  . THR A 1 31 ? 4.733   1.884   10.652  1.00 13.18 ? 126 THR A CA  1 
ATOM   236 C C   . THR A 1 31 ? 3.419   1.208   11.049  1.00 13.13 ? 126 THR A C   1 
ATOM   237 O O   . THR A 1 31 ? 3.317   -0.032  11.148  1.00 13.77 ? 126 THR A O   1 
ATOM   238 C CB  . THR A 1 31 ? 4.644   2.467   9.227   1.00 14.07 ? 126 THR A CB  1 
ATOM   239 O OG1 . THR A 1 31 ? 4.340   1.406   8.316   1.00 13.43 ? 126 THR A OG1 1 
ATOM   240 C CG2 . THR A 1 31 ? 5.958   3.178   8.863   1.00 15.00 ? 126 THR A CG2 1 
ATOM   241 N N   . THR A 1 32 ? 2.405   2.032   11.262  1.00 11.76 ? 127 THR A N   1 
ATOM   242 C CA  . THR A 1 32 ? 1.063   1.545   11.491  1.00 12.30 ? 127 THR A CA  1 
ATOM   243 C C   . THR A 1 32 ? 0.607   0.666   10.329  1.00 12.80 ? 127 THR A C   1 
ATOM   244 O O   . THR A 1 32 ? -0.021  -0.349  10.529  1.00 13.32 ? 127 THR A O   1 
ATOM   245 C CB  . THR A 1 32 ? 0.115   2.746   11.662  1.00 12.54 ? 127 THR A CB  1 
ATOM   246 O OG1 . THR A 1 32 ? 0.604   3.608   12.731  1.00 12.95 ? 127 THR A OG1 1 
ATOM   247 C CG2 . THR A 1 32 ? -1.372  2.317   11.873  1.00 13.29 ? 127 THR A CG2 1 
ATOM   248 N N   . GLY A 1 33 ? 0.981   1.041   9.107   1.00 11.66 ? 128 GLY A N   1 
ATOM   249 C CA  . GLY A 1 33 ? 0.608   0.231   7.951   1.00 12.47 ? 128 GLY A CA  1 
ATOM   250 C C   . GLY A 1 33 ? 1.133   -1.173  8.025   1.00 11.84 ? 128 GLY A C   1 
ATOM   251 O O   . GLY A 1 33 ? 0.421   -2.116  7.754   1.00 11.08 ? 128 GLY A O   1 
ATOM   252 N N   . ASP A 1 34 ? 2.399   -1.305  8.436   1.00 12.40 ? 129 ASP A N   1 
ATOM   253 C CA  . ASP A 1 34 ? 3.030   -2.631  8.604   1.00 12.80 ? 129 ASP A CA  1 
ATOM   254 C C   . ASP A 1 34 ? 2.236   -3.391  9.671   1.00 12.32 ? 129 ASP A C   1 
ATOM   255 O O   . ASP A 1 34 ? 1.767   -4.502  9.472   1.00 12.08 ? 129 ASP A O   1 
ATOM   256 C CB  . ASP A 1 34 ? 4.473   -2.413  9.038   1.00 13.11 ? 129 ASP A CB  1 
ATOM   257 C CG  . ASP A 1 34 ? 5.243   -3.711  9.330   1.00 13.49 ? 129 ASP A CG  1 
ATOM   258 O OD1 . ASP A 1 34 ? 4.701   -4.818  9.132   1.00 12.64 ? 129 ASP A OD1 1 
ATOM   259 O OD2 . ASP A 1 34 ? 6.422   -3.581  9.816   1.00 14.36 ? 129 ASP A OD2 1 
ATOM   260 N N   . ILE A 1 35 ? 2.108   -2.763  10.843  1.00 12.84 ? 130 ILE A N   1 
ATOM   261 C CA  . ILE A 1 35 ? 1.434   -3.422  11.993  1.00 13.24 ? 130 ILE A CA  1 
ATOM   262 C C   . ILE A 1 35 ? 0.017   -3.905  11.641  1.00 13.58 ? 130 ILE A C   1 
ATOM   263 O O   . ILE A 1 35 ? -0.375  -5.060  11.982  1.00 13.64 ? 130 ILE A O   1 
ATOM   264 C CB  . ILE A 1 35 ? 1.427   -2.506  13.248  1.00 14.25 ? 130 ILE A CB  1 
ATOM   265 C CG1 . ILE A 1 35 ? 2.857   -2.268  13.749  1.00 17.39 ? 130 ILE A CG1 1 
ATOM   266 C CG2 . ILE A 1 35 ? 0.533   -3.076  14.357  1.00 14.45 ? 130 ILE A CG2 1 
ATOM   267 C CD1 . ILE A 1 35 ? 3.673   -3.490  14.090  1.00 18.40 ? 130 ILE A CD1 1 
ATOM   268 N N   . GLU A 1 36 ? -0.742  -3.056  10.932  1.00 12.70 ? 131 GLU A N   1 
ATOM   269 C CA  . GLU A 1 36 ? -2.110  -3.405  10.555  1.00 13.43 ? 131 GLU A CA  1 
ATOM   270 C C   . GLU A 1 36 ? -2.184  -4.506  9.485   1.00 13.09 ? 131 GLU A C   1 
ATOM   271 O O   . GLU A 1 36 ? -2.894  -5.492  9.644   1.00 12.61 ? 131 GLU A O   1 
ATOM   272 C CB  . GLU A 1 36 ? -2.960  -2.206  10.100  1.00 13.20 ? 131 GLU A CB  1 
ATOM   273 C CG  . GLU A 1 36 ? -3.090  -1.083  11.143  1.00 14.02 ? 131 GLU A CG  1 
ATOM   274 C CD  . GLU A 1 36 ? -3.847  -1.447  12.434  1.00 15.62 ? 131 GLU A CD  1 
ATOM   275 O OE1 . GLU A 1 36 ? -4.367  -2.568  12.560  1.00 15.28 ? 131 GLU A OE1 1 
ATOM   276 O OE2 . GLU A 1 36 ? -3.945  -0.534  13.294  1.00 16.45 ? 131 GLU A OE2 1 
ATOM   277 N N   . VAL A 1 37 ? -1.458  -4.356  8.384   1.00 12.85 ? 132 VAL A N   1 
ATOM   278 C CA  . VAL A 1 37 ? -1.505  -5.426  7.368   1.00 14.13 ? 132 VAL A CA  1 
ATOM   279 C C   . VAL A 1 37 ? -1.046  -6.775  7.908   1.00 13.26 ? 132 VAL A C   1 
ATOM   280 O O   . VAL A 1 37 ? -1.543  -7.812  7.498   1.00 12.64 ? 132 VAL A O   1 
ATOM   281 C CB  . VAL A 1 37 ? -0.725  -5.098  6.067   1.00 15.93 ? 132 VAL A CB  1 
ATOM   282 C CG1 . VAL A 1 37 ? -1.243  -3.834  5.428   1.00 17.70 ? 132 VAL A CG1 1 
ATOM   283 C CG2 . VAL A 1 37 ? 0.787   -5.097  6.266   1.00 17.19 ? 132 VAL A CG2 1 
ATOM   284 N N   . SER A 1 38 ? -0.155  -6.753  8.892   1.00 12.10 ? 133 SER A N   1 
ATOM   285 C CA  . SER A 1 38 ? 0.399   -7.963  9.456   1.00 12.95 ? 133 SER A CA  1 
ATOM   286 C C   . SER A 1 38 ? -0.612  -8.755  10.278  1.00 14.04 ? 133 SER A C   1 
ATOM   287 O O   . SER A 1 38 ? -0.316  -9.907  10.689  1.00 13.69 ? 133 SER A O   1 
ATOM   288 C CB  . SER A 1 38 ? 1.610   -7.638  10.322  1.00 13.20 ? 133 SER A CB  1 
ATOM   289 O OG  . SER A 1 38 ? 2.655   -7.039  9.540   1.00 13.94 ? 133 SER A OG  1 
ATOM   290 N N   . LYS A 1 39 ? -1.776  -8.151  10.533  1.00 13.18 ? 134 LYS A N   1 
ATOM   291 C CA  . LYS A 1 39 ? -2.827  -8.824  11.322  1.00 13.87 ? 134 LYS A CA  1 
ATOM   292 C C   . LYS A 1 39 ? -3.719  -9.753  10.459  1.00 15.59 ? 134 LYS A C   1 
ATOM   293 O O   . LYS A 1 39 ? -4.488  -10.516 11.010  1.00 15.65 ? 134 LYS A O   1 
ATOM   294 C CB  . LYS A 1 39 ? -3.764  -7.783  11.950  1.00 14.21 ? 134 LYS A CB  1 
ATOM   295 C CG  . LYS A 1 39 ? -3.101  -6.947  13.025  1.00 14.08 ? 134 LYS A CG  1 
ATOM   296 C CD  . LYS A 1 39 ? -4.029  -5.848  13.506  1.00 14.09 ? 134 LYS A CD  1 
ATOM   297 C CE  . LYS A 1 39 ? -3.244  -4.993  14.517  1.00 14.65 ? 134 LYS A CE  1 
ATOM   298 N NZ  . LYS A 1 39 ? -4.065  -3.849  15.025  1.00 14.76 ? 134 LYS A NZ  1 
ATOM   299 N N   . TYR A 1 40 ? -3.599  -9.682  9.125   1.00 13.81 ? 135 TYR A N   1 
ATOM   300 C CA  . TYR A 1 40 ? -4.493  -10.377 8.218   1.00 13.75 ? 135 TYR A CA  1 
ATOM   301 C C   . TYR A 1 40 ? -3.854  -11.554 7.533   1.00 15.38 ? 135 TYR A C   1 
ATOM   302 O O   . TYR A 1 40 ? -2.979  -11.382 6.701   1.00 14.47 ? 135 TYR A O   1 
ATOM   303 C CB  . TYR A 1 40 ? -5.102  -9.439  7.184   1.00 13.84 ? 135 TYR A CB  1 
ATOM   304 C CG  . TYR A 1 40 ? -5.936  -8.384  7.889   1.00 15.79 ? 135 TYR A CG  1 
ATOM   305 C CD1 . TYR A 1 40 ? -7.300  -8.549  8.115   1.00 17.84 ? 135 TYR A CD1 1 
ATOM   306 C CD2 . TYR A 1 40 ? -5.329  -7.229  8.366   1.00 15.88 ? 135 TYR A CD2 1 
ATOM   307 C CE1 . TYR A 1 40 ? -8.032  -7.576  8.790   1.00 16.70 ? 135 TYR A CE1 1 
ATOM   308 C CE2 . TYR A 1 40 ? -6.051  -6.263  9.026   1.00 15.96 ? 135 TYR A CE2 1 
ATOM   309 C CZ  . TYR A 1 40 ? -7.391  -6.438  9.250   1.00 17.61 ? 135 TYR A CZ  1 
ATOM   310 O OH  . TYR A 1 40 ? -8.016  -5.424  9.957   1.00 19.63 ? 135 TYR A OH  1 
ATOM   311 N N   . ASP A 1 41 ? -4.302  -12.735 7.936   1.00 16.53 ? 136 ASP A N   1 
ATOM   312 C CA  . ASP A 1 41 ? -3.828  -13.990 7.382   1.00 17.41 ? 136 ASP A CA  1 
ATOM   313 C C   . ASP A 1 41 ? -3.923  -13.960 5.874   1.00 15.58 ? 136 ASP A C   1 
ATOM   314 O O   . ASP A 1 41 ? -5.002  -13.799 5.283   1.00 16.59 ? 136 ASP A O   1 
ATOM   315 C CB  . ASP A 1 41 ? -4.680  -15.161 7.910   1.00 19.28 ? 136 ASP A CB  1 
ATOM   316 C CG  . ASP A 1 41 ? -4.143  -16.517 7.488   1.00 20.76 ? 136 ASP A CG  1 
ATOM   317 O OD1 . ASP A 1 41 ? -2.940  -16.745 7.711   1.00 22.21 ? 136 ASP A OD1 1 
ATOM   318 O OD2 . ASP A 1 41 ? -4.942  -17.349 6.967   1.00 21.64 ? 136 ASP A OD2 1 
ATOM   319 N N   . GLY A 1 42 ? -2.790  -14.145 5.233   1.00 15.28 ? 137 GLY A N   1 
ATOM   320 C CA  . GLY A 1 42 ? -2.787  -14.363 3.792   1.00 16.38 ? 137 GLY A CA  1 
ATOM   321 C C   . GLY A 1 42 ? -2.348  -13.162 2.988   1.00 15.33 ? 137 GLY A C   1 
ATOM   322 O O   . GLY A 1 42 ? -2.197  -13.262 1.788   1.00 14.95 ? 137 GLY A O   1 
ATOM   323 N N   . ILE A 1 43 ? -2.160  -12.019 3.638   1.00 14.77 ? 138 ILE A N   1 
ATOM   324 C CA  . ILE A 1 43 ? -1.477  -10.894 2.976   1.00 15.58 ? 138 ILE A CA  1 
ATOM   325 C C   . ILE A 1 43 ? 0.005   -11.200 2.953   1.00 16.86 ? 138 ILE A C   1 
ATOM   326 O O   . ILE A 1 43 ? 0.590   -11.572 3.983   1.00 15.56 ? 138 ILE A O   1 
ATOM   327 C CB  . ILE A 1 43 ? -1.715  -9.565  3.678   1.00 15.01 ? 138 ILE A CB  1 
ATOM   328 C CG1 . ILE A 1 43 ? -3.226  -9.205  3.642   1.00 15.17 ? 138 ILE A CG1 1 
ATOM   329 C CG2 . ILE A 1 43 ? -0.886  -8.492  2.981   1.00 14.46 ? 138 ILE A CG2 1 
ATOM   330 C CD1 . ILE A 1 43 ? -3.560  -7.932  4.361   1.00 16.15 ? 138 ILE A CD1 1 
ATOM   331 N N   . LYS A 1 44 ? 0.630   -11.089 1.768   1.00 15.61 ? 139 LYS A N   1 
ATOM   332 C CA  . LYS A 1 44 ? 2.065   -11.316 1.655   1.00 18.19 ? 139 LYS A CA  1 
ATOM   333 C C   . LYS A 1 44 ? 2.772   -9.993  1.839   1.00 17.88 ? 139 LYS A C   1 
ATOM   334 O O   . LYS A 1 44 ? 2.868   -9.192  0.913   1.00 16.82 ? 139 LYS A O   1 
ATOM   335 C CB  . LYS A 1 44 ? 2.415   -11.929 0.302   1.00 20.39 ? 139 LYS A CB  1 
ATOM   336 C CG  . LYS A 1 44 ? 1.627   -13.181 0.053   1.00 22.55 ? 139 LYS A CG  1 
ATOM   337 C CD  . LYS A 1 44 ? 2.021   -13.784 -1.272  1.00 26.09 ? 139 LYS A CD  1 
ATOM   338 C CE  . LYS A 1 44 ? 2.573   -15.182 -1.111  1.00 32.58 ? 139 LYS A CE  1 
ATOM   339 N NZ  . LYS A 1 44 ? 1.456   -16.151 -1.152  1.00 34.57 ? 139 LYS A NZ  1 
ATOM   340 N N   . VAL A 1 45 ? 3.258   -9.770  3.052   1.00 15.11 ? 140 VAL A N   1 
ATOM   341 C CA  . VAL A 1 45 ? 3.800   -8.454  3.466   1.00 15.56 ? 140 VAL A CA  1 
ATOM   342 C C   . VAL A 1 45 ? 5.284   -8.371  3.158   1.00 17.07 ? 140 VAL A C   1 
ATOM   343 O O   . VAL A 1 45 ? 6.071   -9.288  3.479   1.00 17.14 ? 140 VAL A O   1 
ATOM   344 C CB  . VAL A 1 45 ? 3.600   -8.204  4.990   1.00 15.77 ? 140 VAL A CB  1 
ATOM   345 C CG1 . VAL A 1 45 ? 4.050   -6.828  5.399   1.00 17.00 ? 140 VAL A CG1 1 
ATOM   346 C CG2 . VAL A 1 45 ? 2.139   -8.381  5.390   1.00 16.82 ? 140 VAL A CG2 1 
ATOM   347 N N   . VAL A 1 46 ? 5.669   -7.290  2.515   1.00 14.75 ? 141 VAL A N   1 
ATOM   348 C CA  . VAL A 1 46 ? 7.057   -7.079  2.164   1.00 16.15 ? 141 VAL A CA  1 
ATOM   349 C C   . VAL A 1 46 ? 7.482   -5.785  2.800   1.00 15.52 ? 141 VAL A C   1 
ATOM   350 O O   . VAL A 1 46 ? 6.951   -4.741  2.469   1.00 15.08 ? 141 VAL A O   1 
ATOM   351 C CB  . VAL A 1 46 ? 7.266   -6.997  0.654   1.00 18.27 ? 141 VAL A CB  1 
ATOM   352 C CG1 . VAL A 1 46 ? 8.768   -7.042  0.334   1.00 18.21 ? 141 VAL A CG1 1 
ATOM   353 C CG2 . VAL A 1 46 ? 6.539   -8.130  -0.023  1.00 23.35 ? 141 VAL A CG2 1 
ATOM   354 N N   . ARG A 1 47 ? 8.434   -5.863  3.740   1.00 13.54 ? 142 ARG A N   1 
ATOM   355 C CA  . ARG A 1 47 ? 8.758   -4.734  4.567   1.00 13.86 ? 142 ARG A CA  1 
ATOM   356 C C   . ARG A 1 47 ? 10.059  -4.086  4.079   1.00 15.08 ? 142 ARG A C   1 
ATOM   357 O O   . ARG A 1 47 ? 11.037  -4.776  3.730   1.00 14.96 ? 142 ARG A O   1 
ATOM   358 C CB  . ARG A 1 47 ? 8.908   -5.167  6.040   1.00 14.16 ? 142 ARG A CB  1 
ATOM   359 C CG  . ARG A 1 47 ? 7.648   -5.778  6.651   1.00 12.93 ? 142 ARG A CG  1 
ATOM   360 C CD  . ARG A 1 47 ? 7.849   -6.215  8.127   1.00 14.49 ? 142 ARG A CD  1 
ATOM   361 N NE  . ARG A 1 47 ? 6.584   -6.800  8.558   1.00 13.71 ? 142 ARG A NE  1 
ATOM   362 C CZ  . ARG A 1 47 ? 6.209   -8.045  8.331   1.00 14.68 ? 142 ARG A CZ  1 
ATOM   363 N NH1 . ARG A 1 47 ? 7.031   -8.921  7.784   1.00 14.38 ? 142 ARG A NH1 1 
ATOM   364 N NH2 . ARG A 1 47 ? 4.970   -8.438  8.678   1.00 14.07 ? 142 ARG A NH2 1 
ATOM   365 N N   . PHE A 1 48 ? 10.037  -2.765  4.085   1.00 14.22 ? 143 PHE A N   1 
ATOM   366 C CA  . PHE A 1 48 ? 11.156  -1.907  3.644   1.00 14.81 ? 143 PHE A CA  1 
ATOM   367 C C   . PHE A 1 48 ? 11.524  -0.877  4.703   1.00 14.79 ? 143 PHE A C   1 
ATOM   368 O O   . PHE A 1 48 ? 10.667  -0.320  5.401   1.00 14.36 ? 143 PHE A O   1 
ATOM   369 C CB  . PHE A 1 48 ? 10.792  -1.163  2.345   1.00 15.86 ? 143 PHE A CB  1 
ATOM   370 C CG  . PHE A 1 48 ? 10.645  -2.066  1.163   1.00 16.87 ? 143 PHE A CG  1 
ATOM   371 C CD1 . PHE A 1 48 ? 9.438   -2.672  0.861   1.00 15.90 ? 143 PHE A CD1 1 
ATOM   372 C CD2 . PHE A 1 48 ? 11.742  -2.370  0.370   1.00 19.51 ? 143 PHE A CD2 1 
ATOM   373 C CE1 . PHE A 1 48 ? 9.315   -3.525  -0.211  1.00 17.04 ? 143 PHE A CE1 1 
ATOM   374 C CE2 . PHE A 1 48 ? 11.624  -3.223  -0.697  1.00 19.51 ? 143 PHE A CE2 1 
ATOM   375 C CZ  . PHE A 1 48 ? 10.422  -3.810  -0.992  1.00 18.23 ? 143 PHE A CZ  1 
ATOM   376 N N   . ASP A 1 49 ? 12.801  -0.529  4.743   1.00 15.26 ? 144 ASP A N   1 
ATOM   377 C CA  . ASP A 1 49 ? 13.286  0.541   5.604   1.00 15.83 ? 144 ASP A CA  1 
ATOM   378 C C   . ASP A 1 49 ? 12.642  1.889   5.280   1.00 16.48 ? 144 ASP A C   1 
ATOM   379 O O   . ASP A 1 49 ? 12.189  2.621   6.175   1.00 17.59 ? 144 ASP A O   1 
ATOM   380 C CB  . ASP A 1 49 ? 14.832  0.637   5.489   1.00 16.46 ? 144 ASP A CB  1 
ATOM   381 C CG  . ASP A 1 49 ? 15.417  1.828   6.201   1.00 20.33 ? 144 ASP A CG  1 
ATOM   382 O OD1 . ASP A 1 49 ? 15.109  2.078   7.402   1.00 22.83 ? 144 ASP A OD1 1 
ATOM   383 O OD2 . ASP A 1 49 ? 16.248  2.518   5.563   1.00 22.27 ? 144 ASP A OD2 1 
ATOM   384 N N   . LYS A 1 50 ? 12.547  2.181   3.994   1.00 16.20 ? 145 LYS A N   1 
ATOM   385 C CA  . LYS A 1 50 ? 12.015  3.463   3.523   1.00 16.37 ? 145 LYS A CA  1 
ATOM   386 C C   . LYS A 1 50 ? 10.705  3.261   2.776   1.00 15.36 ? 145 LYS A C   1 
ATOM   387 O O   . LYS A 1 50 ? 10.608  2.377   1.922   1.00 15.32 ? 145 LYS A O   1 
ATOM   388 C CB  . LYS A 1 50 ? 13.055  4.085   2.586   1.00 17.23 ? 145 LYS A CB  1 
ATOM   389 C CG  . LYS A 1 50 ? 14.355  4.507   3.272   1.00 20.10 ? 145 LYS A CG  1 
ATOM   390 C CD  . LYS A 1 50 ? 15.314  5.108   2.231   1.00 23.90 ? 145 LYS A CD  1 
ATOM   391 C CE  . LYS A 1 50 ? 16.561  5.692   2.894   1.00 26.49 ? 145 LYS A CE  1 
ATOM   392 N NZ  . LYS A 1 50 ? 16.261  6.912   3.691   1.00 28.35 ? 145 LYS A NZ  1 
ATOM   393 N N   . PHE A 1 51 ? 9.709   4.109   3.018   1.00 14.76 ? 146 PHE A N   1 
ATOM   394 C CA  . PHE A 1 51 ? 8.482   3.995   2.245   1.00 14.88 ? 146 PHE A CA  1 
ATOM   395 C C   . PHE A 1 51 ? 8.705   4.199   0.740   1.00 15.37 ? 146 PHE A C   1 
ATOM   396 O O   . PHE A 1 51 ? 7.991   3.626   -0.075  1.00 15.69 ? 146 PHE A O   1 
ATOM   397 C CB  . PHE A 1 51 ? 7.341   4.895   2.779   1.00 14.29 ? 146 PHE A CB  1 
ATOM   398 C CG  . PHE A 1 51 ? 7.551   6.368   2.573   1.00 14.95 ? 146 PHE A CG  1 
ATOM   399 C CD1 . PHE A 1 51 ? 7.219   6.976   1.385   1.00 14.80 ? 146 PHE A CD1 1 
ATOM   400 C CD2 . PHE A 1 51 ? 8.024   7.153   3.606   1.00 15.47 ? 146 PHE A CD2 1 
ATOM   401 C CE1 . PHE A 1 51 ? 7.438   8.296   1.193   1.00 13.99 ? 146 PHE A CE1 1 
ATOM   402 C CE2 . PHE A 1 51 ? 8.245   8.500   3.432   1.00 15.90 ? 146 PHE A CE2 1 
ATOM   403 C CZ  . PHE A 1 51 ? 7.936   9.083   2.221   1.00 15.15 ? 146 PHE A CZ  1 
ATOM   404 N N   . THR A 1 52 ? 9.715   4.989   0.364   1.00 14.65 ? 147 THR A N   1 
ATOM   405 C CA  . THR A 1 52 ? 9.969   5.242   -1.057  1.00 17.30 ? 147 THR A CA  1 
ATOM   406 C C   . THR A 1 52 ? 10.364  3.928   -1.758  1.00 16.76 ? 147 THR A C   1 
ATOM   407 O O   . THR A 1 52 ? 9.992   3.680   -2.893  1.00 14.26 ? 147 THR A O   1 
ATOM   408 C CB  . THR A 1 52 ? 11.039  6.338   -1.241  1.00 19.05 ? 147 THR A CB  1 
ATOM   409 O OG1 . THR A 1 52 ? 12.148  6.047   -0.402  1.00 23.78 ? 147 THR A OG1 1 
ATOM   410 C CG2 . THR A 1 52 ? 10.497  7.662   -0.850  1.00 17.79 ? 147 THR A CG2 1 
ATOM   411 N N   . ASP A 1 53 ? 11.038  3.049   -1.027  1.00 16.22 ? 148 ASP A N   1 
ATOM   412 C CA  . ASP A 1 53 ? 11.422  1.772   -1.586  1.00 17.03 ? 148 ASP A CA  1 
ATOM   413 C C   . ASP A 1 53 ? 10.214  0.840   -1.715  1.00 14.29 ? 148 ASP A C   1 
ATOM   414 O O   . ASP A 1 53 ? 10.177  0.074   -2.664  1.00 14.26 ? 148 ASP A O   1 
ATOM   415 C CB  . ASP A 1 53 ? 12.558  1.133   -0.809  1.00 18.16 ? 148 ASP A CB  1 
ATOM   416 C CG  . ASP A 1 53 ? 13.920  1.819   -1.091  1.00 21.27 ? 148 ASP A CG  1 
ATOM   417 O OD1 . ASP A 1 53 ? 14.128  2.355   -2.212  1.00 20.20 ? 148 ASP A OD1 1 
ATOM   418 O OD2 . ASP A 1 53 ? 14.786  1.752   -0.220  1.00 21.74 ? 148 ASP A OD2 1 
ATOM   419 N N   . ALA A 1 54 ? 9.258   0.934   -0.792  1.00 13.50 ? 149 ALA A N   1 
ATOM   420 C CA  . ALA A 1 54 ? 7.968   0.250   -0.896  1.00 13.62 ? 149 ALA A CA  1 
ATOM   421 C C   . ALA A 1 54 ? 7.246   0.700   -2.179  1.00 13.75 ? 149 ALA A C   1 
ATOM   422 O O   . ALA A 1 54 ? 6.744   -0.100  -2.958  1.00 14.28 ? 149 ALA A O   1 
ATOM   423 C CB  . ALA A 1 54 ? 7.108   0.541   0.318   1.00 14.23 ? 149 ALA A CB  1 
ATOM   424 N N   . PHE A 1 55 ? 7.221   2.012   -2.373  1.00 13.54 ? 150 PHE A N   1 
ATOM   425 C CA  . PHE A 1 55 ? 6.593   2.573   -3.569  1.00 13.78 ? 150 PHE A CA  1 
ATOM   426 C C   . PHE A 1 55 ? 7.305   2.155   -4.842  1.00 14.88 ? 150 PHE A C   1 
ATOM   427 O O   . PHE A 1 55 ? 6.668   1.891   -5.867  1.00 13.88 ? 150 PHE A O   1 
ATOM   428 C CB  . PHE A 1 55 ? 6.493   4.080   -3.487  1.00 13.54 ? 150 PHE A CB  1 
ATOM   429 C CG  . PHE A 1 55 ? 5.337   4.572   -2.637  1.00 14.15 ? 150 PHE A CG  1 
ATOM   430 C CD1 . PHE A 1 55 ? 4.046   4.113   -2.828  1.00 13.86 ? 150 PHE A CD1 1 
ATOM   431 C CD2 . PHE A 1 55 ? 5.556   5.502   -1.636  1.00 14.01 ? 150 PHE A CD2 1 
ATOM   432 C CE1 . PHE A 1 55 ? 2.998   4.572   -2.062  1.00 14.31 ? 150 PHE A CE1 1 
ATOM   433 C CE2 . PHE A 1 55 ? 4.507   5.994   -0.885  1.00 15.83 ? 150 PHE A CE2 1 
ATOM   434 C CZ  . PHE A 1 55 ? 3.231   5.529   -1.060  1.00 14.12 ? 150 PHE A CZ  1 
ATOM   435 N N   . LEU A 1 56 ? 8.633   2.073   -4.786  1.00 14.58 ? 151 LEU A N   1 
ATOM   436 C CA  . LEU A 1 56 ? 9.377   1.618   -5.972  1.00 16.26 ? 151 LEU A CA  1 
ATOM   437 C C   . LEU A 1 56 ? 8.972   0.205   -6.326  1.00 14.38 ? 151 LEU A C   1 
ATOM   438 O O   . LEU A 1 56 ? 8.799   -0.087  -7.482  1.00 14.86 ? 151 LEU A O   1 
ATOM   439 C CB  . LEU A 1 56 ? 10.891  1.782   -5.764  1.00 19.37 ? 151 LEU A CB  1 
ATOM   440 C CG  . LEU A 1 56 ? 11.302  3.268   -5.920  1.00 22.05 ? 151 LEU A CG  1 
ATOM   441 C CD1 . LEU A 1 56 ? 12.786  3.366   -5.532  1.00 25.39 ? 151 LEU A CD1 1 
ATOM   442 C CD2 . LEU A 1 56 ? 11.075  3.937   -7.286  1.00 24.82 ? 151 LEU A CD2 1 
ATOM   443 N N   . GLU A 1 57 ? 8.792   -0.675  -5.334  1.00 13.80 ? 152 GLU A N   1 
ATOM   444 C CA  . GLU A 1 57 ? 8.351   -2.055  -5.586  1.00 15.37 ? 152 GLU A CA  1 
ATOM   445 C C   . GLU A 1 57 ? 6.990   -2.044  -6.311  1.00 14.84 ? 152 GLU A C   1 
ATOM   446 O O   . GLU A 1 57 ? 6.760   -2.806  -7.272  1.00 14.04 ? 152 GLU A O   1 
ATOM   447 C CB  . GLU A 1 57 ? 8.230   -2.781  -4.251  1.00 17.35 ? 152 GLU A CB  1 
ATOM   448 C CG  . GLU A 1 57 ? 8.337   -4.278  -4.279  1.00 19.43 ? 152 GLU A CG  1 
ATOM   449 C CD  . GLU A 1 57 ? 9.794   -4.774  -4.499  1.00 19.79 ? 152 GLU A CD  1 
ATOM   450 O OE1 . GLU A 1 57 ? 10.691  -4.023  -4.914  1.00 22.38 ? 152 GLU A OE1 1 
ATOM   451 O OE2 . GLU A 1 57 ? 10.011  -5.923  -4.210  1.00 25.18 ? 152 GLU A OE2 1 
ATOM   452 N N   . LEU A 1 58 ? 6.077   -1.169  -5.855  1.00 13.03 ? 153 LEU A N   1 
ATOM   453 C CA  . LEU A 1 58 ? 4.774   -1.036  -6.515  1.00 13.53 ? 153 LEU A CA  1 
ATOM   454 C C   . LEU A 1 58 ? 4.832   -0.491  -7.954  1.00 13.68 ? 153 LEU A C   1 
ATOM   455 O O   . LEU A 1 58 ? 4.233   -1.053  -8.896  1.00 12.80 ? 153 LEU A O   1 
ATOM   456 C CB  . LEU A 1 58 ? 3.878   -0.116  -5.643  1.00 13.65 ? 153 LEU A CB  1 
ATOM   457 C CG  . LEU A 1 58 ? 2.473   0.202   -6.149  1.00 12.89 ? 153 LEU A CG  1 
ATOM   458 C CD1 . LEU A 1 58 ? 1.732   -1.083  -6.384  1.00 13.70 ? 153 LEU A CD1 1 
ATOM   459 C CD2 . LEU A 1 58 ? 1.799   1.172   -5.151  1.00 12.39 ? 153 LEU A CD2 1 
ATOM   460 N N   . LYS A 1 59 ? 5.613   0.563   -8.129  1.00 12.38 ? 154 LYS A N   1 
ATOM   461 C CA  . LYS A 1 59 ? 5.754   1.194   -9.452  1.00 13.20 ? 154 LYS A CA  1 
ATOM   462 C C   . LYS A 1 59 ? 6.318   0.210   -10.456 1.00 14.14 ? 154 LYS A C   1 
ATOM   463 O O   . LYS A 1 59 ? 5.938   0.211   -11.618 1.00 14.06 ? 154 LYS A O   1 
ATOM   464 C CB  . LYS A 1 59 ? 6.623   2.427   -9.350  1.00 13.87 ? 154 LYS A CB  1 
ATOM   465 C CG  . LYS A 1 59 ? 6.047   3.590   -8.604  1.00 15.49 ? 154 LYS A CG  1 
ATOM   466 C CD  . LYS A 1 59 ? 7.072   4.668   -8.222  1.00 15.78 ? 154 LYS A CD  1 
ATOM   467 C CE  . LYS A 1 59 ? 7.651   5.363   -9.464  1.00 17.04 ? 154 LYS A CE  1 
ATOM   468 N NZ  . LYS A 1 59 ? 6.720   6.216   -10.219 1.00 18.20 ? 154 LYS A NZ  1 
ATOM   469 N N   . ARG A 1 60 ? 7.190   -0.674  -9.990  1.00 14.16 ? 155 ARG A N   1 
ATOM   470 C CA  . ARG A 1 60 ? 7.810   -1.652  -10.867 1.00 15.88 ? 155 ARG A CA  1 
ATOM   471 C C   . ARG A 1 60 ? 6.953   -2.876  -11.101 1.00 15.90 ? 155 ARG A C   1 
ATOM   472 O O   . ARG A 1 60 ? 7.258   -3.650  -11.985 1.00 15.94 ? 155 ARG A O   1 
ATOM   473 C CB  . ARG A 1 60 ? 9.157   -2.078  -10.354 1.00 19.38 ? 155 ARG A CB  1 
ATOM   474 C CG  . ARG A 1 60 ? 10.218  -1.019  -10.405 1.00 21.93 ? 155 ARG A CG  1 
ATOM   475 C CD  . ARG A 1 60 ? 10.677  -0.583  -11.792 1.00 28.17 ? 155 ARG A CD  1 
ATOM   476 N NE  . ARG A 1 60 ? 11.005  0.825   -11.634 1.00 38.73 ? 155 ARG A NE  1 
ATOM   477 C CZ  . ARG A 1 60 ? 10.177  1.844   -11.863 1.00 39.55 ? 155 ARG A CZ  1 
ATOM   478 N NH1 . ARG A 1 60 ? 8.990   1.668   -12.415 1.00 42.00 ? 155 ARG A NH1 1 
ATOM   479 N NH2 . ARG A 1 60 ? 10.578  3.063   -11.596 1.00 39.71 ? 155 ARG A NH2 1 
ATOM   480 N N   . GLY A 1 61 ? 5.887   -3.069  -10.313 1.00 14.16 ? 156 GLY A N   1 
ATOM   481 C CA  . GLY A 1 61 ? 5.058   -4.224  -10.462 1.00 13.57 ? 156 GLY A CA  1 
ATOM   482 C C   . GLY A 1 61 ? 5.422   -5.433  -9.607  1.00 13.56 ? 156 GLY A C   1 
ATOM   483 O O   . GLY A 1 61 ? 4.782   -6.499  -9.745  1.00 15.46 ? 156 GLY A O   1 
ATOM   484 N N   . ARG A 1 62 ? 6.424   -5.266  -8.751  0.50 10.69 ? 157 ARG A N   1 
ATOM   485 C CA  . ARG A 1 62 ? 6.871   -6.339  -7.882  0.50 11.06 ? 157 ARG A CA  1 
ATOM   486 C C   . ARG A 1 62 ? 6.037   -6.421  -6.617  0.50 10.87 ? 157 ARG A C   1 
ATOM   487 O O   . ARG A 1 62 ? 6.184   -7.355  -5.839  0.50 9.46  ? 157 ARG A O   1 
ATOM   488 C CB  . ARG A 1 62 ? 8.347   -6.150  -7.556  0.50 11.87 ? 157 ARG A CB  1 
ATOM   489 C CG  . ARG A 1 62 ? 9.233   -6.448  -8.780  0.50 13.00 ? 157 ARG A CG  1 
ATOM   490 C CD  . ARG A 1 62 ? 10.669  -6.598  -8.326  0.50 14.44 ? 157 ARG A CD  1 
ATOM   491 N NE  . ARG A 1 62 ? 11.077  -5.384  -7.639  0.50 16.73 ? 157 ARG A NE  1 
ATOM   492 C CZ  . ARG A 1 62 ? 11.834  -4.444  -8.188  0.50 18.82 ? 157 ARG A CZ  1 
ATOM   493 N NH1 . ARG A 1 62 ? 12.302  -4.610  -9.427  0.50 19.86 ? 157 ARG A NH1 1 
ATOM   494 N NH2 . ARG A 1 62 ? 12.132  -3.348  -7.504  0.50 19.83 ? 157 ARG A NH2 1 
ATOM   495 N N   . ALA A 1 63 ? 5.242   -5.384  -6.366  1.00 11.50 ? 158 ALA A N   1 
ATOM   496 C CA  . ALA A 1 63 ? 4.201   -5.440  -5.325  1.00 11.58 ? 158 ALA A CA  1 
ATOM   497 C C   . ALA A 1 63 ? 2.914   -4.983  -5.958  1.00 12.00 ? 158 ALA A C   1 
ATOM   498 O O   . ALA A 1 63 ? 2.929   -4.230  -6.948  1.00 13.19 ? 158 ALA A O   1 
ATOM   499 C CB  . ALA A 1 63 ? 4.543   -4.546  -4.137  1.00 11.79 ? 158 ALA A CB  1 
ATOM   500 N N   . ASP A 1 64 ? 1.803   -5.432  -5.378  1.00 12.07 ? 159 ASP A N   1 
ATOM   501 C CA  . ASP A 1 64 ? 0.445   -5.111  -5.816  1.00 12.35 ? 159 ASP A CA  1 
ATOM   502 C C   . ASP A 1 64 ? -0.135  -3.881  -5.142  1.00 11.82 ? 159 ASP A C   1 
ATOM   503 O O   . ASP A 1 64 ? -1.055  -3.241  -5.683  1.00 11.24 ? 159 ASP A O   1 
ATOM   504 C CB  . ASP A 1 64 ? -0.466  -6.322  -5.553  1.00 14.08 ? 159 ASP A CB  1 
ATOM   505 C CG  . ASP A 1 64 ? -0.002  -7.551  -6.265  1.00 15.64 ? 159 ASP A CG  1 
ATOM   506 O OD1 . ASP A 1 64 ? 0.118   -7.483  -7.521  1.00 17.54 ? 159 ASP A OD1 1 
ATOM   507 O OD2 . ASP A 1 64 ? 0.300   -8.547  -5.597  1.00 15.86 ? 159 ASP A OD2 1 
ATOM   508 N N   . ALA A 1 65 ? 0.376   -3.516  -3.962  1.00 11.25 ? 160 ALA A N   1 
ATOM   509 C CA  . ALA A 1 65 ? -0.142  -2.379  -3.213  1.00 11.40 ? 160 ALA A CA  1 
ATOM   510 C C   . ALA A 1 65 ? 0.859   -1.939  -2.169  1.00 11.91 ? 160 ALA A C   1 
ATOM   511 O O   . ALA A 1 65 ? 1.783   -2.678  -1.817  1.00 12.39 ? 160 ALA A O   1 
ATOM   512 C CB  . ALA A 1 65 ? -1.456  -2.721  -2.531  1.00 12.11 ? 160 ALA A CB  1 
ATOM   513 N N   . VAL A 1 66 ? 0.653   -0.729  -1.678  1.00 12.43 ? 161 VAL A N   1 
ATOM   514 C CA  . VAL A 1 66 ? 1.357   -0.212  -0.505  1.00 12.91 ? 161 VAL A CA  1 
ATOM   515 C C   . VAL A 1 66 ? 0.312   0.286   0.463   1.00 13.47 ? 161 VAL A C   1 
ATOM   516 O O   . VAL A 1 66 ? -0.689  0.877   0.037   1.00 13.24 ? 161 VAL A O   1 
ATOM   517 C CB  . VAL A 1 66 ? 2.293   0.990   -0.891  1.00 12.78 ? 161 VAL A CB  1 
ATOM   518 C CG1 . VAL A 1 66 ? 2.700   1.816   0.325   1.00 13.61 ? 161 VAL A CG1 1 
ATOM   519 C CG2 . VAL A 1 66 ? 3.498   0.520   -1.708  1.00 12.81 ? 161 VAL A CG2 1 
ATOM   520 N N   . VAL A 1 67 ? 0.513   0.055   1.767   1.00 12.57 ? 162 VAL A N   1 
ATOM   521 C CA  . VAL A 1 67 ? -0.381  0.602   2.775   1.00 11.68 ? 162 VAL A CA  1 
ATOM   522 C C   . VAL A 1 67 ? 0.466   1.551   3.601   1.00 12.35 ? 162 VAL A C   1 
ATOM   523 O O   . VAL A 1 67 ? 1.547   1.203   4.024   1.00 12.83 ? 162 VAL A O   1 
ATOM   524 C CB  . VAL A 1 67 ? -1.042  -0.447  3.687   1.00 11.92 ? 162 VAL A CB  1 
ATOM   525 C CG1 . VAL A 1 67 ? -1.884  0.271   4.722   1.00 13.08 ? 162 VAL A CG1 1 
ATOM   526 C CG2 . VAL A 1 67 ? -1.929  -1.385  2.852   1.00 13.15 ? 162 VAL A CG2 1 
ATOM   527 N N   . LEU A 1 68 ? -0.002  2.781   3.728   1.00 11.92 ? 163 LEU A N   1 
ATOM   528 C CA  . LEU A 1 68 ? 0.758   3.830   4.404   1.00 12.27 ? 163 LEU A CA  1 
ATOM   529 C C   . LEU A 1 68 ? -0.152  4.933   4.943   1.00 12.48 ? 163 LEU A C   1 
ATOM   530 O O   . LEU A 1 68 ? -1.318  5.076   4.531   1.00 11.34 ? 163 LEU A O   1 
ATOM   531 C CB  . LEU A 1 68 ? 1.736   4.429   3.393   1.00 13.56 ? 163 LEU A CB  1 
ATOM   532 C CG  . LEU A 1 68 ? 2.864   5.385   3.777   1.00 15.09 ? 163 LEU A CG  1 
ATOM   533 C CD1 . LEU A 1 68 ? 3.761   4.649   4.767   1.00 15.63 ? 163 LEU A CD1 1 
ATOM   534 C CD2 . LEU A 1 68 ? 3.632   5.903   2.572   1.00 15.23 ? 163 LEU A CD2 1 
ATOM   535 N N   . ASP A 1 69 ? 0.401   5.795   5.796   1.00 11.56 ? 164 ASP A N   1 
ATOM   536 C CA  . ASP A 1 69 ? -0.355  6.893   6.345   1.00 12.87 ? 164 ASP A CA  1 
ATOM   537 C C   . ASP A 1 69 ? -0.800  7.871   5.275   1.00 12.30 ? 164 ASP A C   1 
ATOM   538 O O   . ASP A 1 69 ? -0.038  8.187   4.386   1.00 11.52 ? 164 ASP A O   1 
ATOM   539 C CB  . ASP A 1 69 ? 0.511   7.633   7.351   1.00 14.23 ? 164 ASP A CB  1 
ATOM   540 C CG  . ASP A 1 69 ? 1.164   6.674   8.374   1.00 15.45 ? 164 ASP A CG  1 
ATOM   541 O OD1 . ASP A 1 69 ? 2.277   6.225   8.145   1.00 16.81 ? 164 ASP A OD1 1 
ATOM   542 O OD2 . ASP A 1 69 ? 0.472   6.375   9.342   1.00 19.29 ? 164 ASP A OD2 1 
ATOM   543 N N   . SER A 1 70 ? -2.034  8.360   5.443   1.00 12.61 ? 165 SER A N   1 
ATOM   544 C CA  . SER A 1 70 ? -2.695  9.190   4.425   1.00 12.64 ? 165 SER A CA  1 
ATOM   545 C C   . SER A 1 70 ? -1.860  10.330  3.922   1.00 13.23 ? 165 SER A C   1 
ATOM   546 O O   . SER A 1 70 ? -1.697  10.482  2.719   1.00 12.94 ? 165 SER A O   1 
ATOM   547 C CB  . SER A 1 70 ? -4.018  9.716   4.975   1.00 14.15 ? 165 SER A CB  1 
ATOM   548 O OG  . SER A 1 70 ? -4.623  10.515  3.988   1.00 14.92 ? 165 SER A OG  1 
ATOM   549 N N   . ALA A 1 71 ? -1.402  11.210  4.801   1.00 12.52 ? 166 ALA A N   1 
ATOM   550 C CA  . ALA A 1 71 ? -0.696  12.427  4.324   1.00 12.68 ? 166 ALA A CA  1 
ATOM   551 C C   . ALA A 1 71 ? 0.586   12.087  3.537   1.00 12.48 ? 166 ALA A C   1 
ATOM   552 O O   . ALA A 1 71 ? 0.890   12.723  2.511   1.00 13.06 ? 166 ALA A O   1 
ATOM   553 C CB  . ALA A 1 71 ? -0.379  13.340  5.515   1.00 13.51 ? 166 ALA A CB  1 
ATOM   554 N N   . THR A 1 72 ? 1.352   11.135  4.042   1.00 12.16 ? 167 THR A N   1 
ATOM   555 C CA  . THR A 1 72 ? 2.639   10.739  3.396   1.00 12.22 ? 167 THR A CA  1 
ATOM   556 C C   . THR A 1 72 ? 2.320   10.106  2.052   1.00 12.05 ? 167 THR A C   1 
ATOM   557 O O   . THR A 1 72 ? 2.961   10.483  1.017   1.00 11.85 ? 167 THR A O   1 
ATOM   558 C CB  . THR A 1 72 ? 3.473   9.804   4.278   1.00 14.78 ? 167 THR A CB  1 
ATOM   559 O OG1 . THR A 1 72 ? 3.847   10.530  5.449   1.00 15.78 ? 167 THR A OG1 1 
ATOM   560 C CG2 . THR A 1 72 ? 4.769   9.342   3.575   1.00 14.13 ? 167 THR A CG2 1 
ATOM   561 N N   . ALA A 1 73 ? 1.290   9.237   2.019   1.00 12.16 ? 168 ALA A N   1 
ATOM   562 C CA  . ALA A 1 73 ? 0.916   8.581   0.766   1.00 12.54 ? 168 ALA A CA  1 
ATOM   563 C C   . ALA A 1 73 ? 0.485   9.670   -0.234  1.00 12.32 ? 168 ALA A C   1 
ATOM   564 O O   . ALA A 1 73 ? 0.857   9.641   -1.373  1.00 12.97 ? 168 ALA A O   1 
ATOM   565 C CB  . ALA A 1 73 ? -0.209  7.553   0.986   1.00 12.88 ? 168 ALA A CB  1 
ATOM   566 N N   . ARG A 1 74 ? -0.348  10.608  0.207   1.00 12.28 ? 169 ARG A N   1 
ATOM   567 C CA  . ARG A 1 74 ? -0.831  11.664  -0.668  1.00 12.96 ? 169 ARG A CA  1 
ATOM   568 C C   . ARG A 1 74 ? 0.303   12.505  -1.267  1.00 13.35 ? 169 ARG A C   1 
ATOM   569 O O   . ARG A 1 74 ? 0.276   12.823  -2.448  1.00 12.44 ? 169 ARG A O   1 
ATOM   570 C CB  . ARG A 1 74 ? -1.806  12.585  0.029   1.00 15.31 ? 169 ARG A CB  1 
ATOM   571 C CG  . ARG A 1 74 ? -3.210  11.976  0.215   1.00 15.97 ? 169 ARG A CG  1 
ATOM   572 C CD  . ARG A 1 74 ? -4.149  13.063  0.734   1.00 18.44 ? 169 ARG A CD  1 
ATOM   573 N NE  . ARG A 1 74 ? -5.356  12.580  1.391   1.00 20.55 ? 169 ARG A NE  1 
ATOM   574 C CZ  . ARG A 1 74 ? -6.309  13.416  1.811   1.00 19.97 ? 169 ARG A CZ  1 
ATOM   575 N NH1 . ARG A 1 74 ? -6.170  14.713  1.597   1.00 19.69 ? 169 ARG A NH1 1 
ATOM   576 N NH2 . ARG A 1 74 ? -7.393  12.965  2.431   1.00 21.16 ? 169 ARG A NH2 1 
ATOM   577 N N   . ALA A 1 75 ? 1.278   12.854  -0.432  1.00 13.05 ? 170 ALA A N   1 
ATOM   578 C CA  . ALA A 1 75 ? 2.349   13.735  -0.897  1.00 14.05 ? 170 ALA A CA  1 
ATOM   579 C C   . ALA A 1 75 ? 3.203   13.001  -1.923  1.00 13.73 ? 170 ALA A C   1 
ATOM   580 O O   . ALA A 1 75 ? 3.725   13.602  -2.887  1.00 12.97 ? 170 ALA A O   1 
ATOM   581 C CB  . ALA A 1 75 ? 3.165   14.203  0.290   1.00 14.86 ? 170 ALA A CB  1 
ATOM   582 N N   . PHE A 1 76 ? 3.330   11.679  -1.763  1.00 12.66 ? 171 PHE A N   1 
ATOM   583 C CA  . PHE A 1 76 ? 4.094   10.893  -2.758  1.00 12.56 ? 171 PHE A CA  1 
ATOM   584 C C   . PHE A 1 76 ? 3.315   10.675  -4.054  1.00 12.17 ? 171 PHE A C   1 
ATOM   585 O O   . PHE A 1 76 ? 3.818   10.862  -5.180  1.00 13.29 ? 171 PHE A O   1 
ATOM   586 C CB  . PHE A 1 76 ? 4.555   9.582   -2.136  1.00 12.46 ? 171 PHE A CB  1 
ATOM   587 C CG  . PHE A 1 76 ? 5.415   8.761   -3.028  1.00 13.16 ? 171 PHE A CG  1 
ATOM   588 C CD1 . PHE A 1 76 ? 4.866   7.868   -3.939  1.00 13.58 ? 171 PHE A CD1 1 
ATOM   589 C CD2 . PHE A 1 76 ? 6.785   8.960   -3.024  1.00 13.69 ? 171 PHE A CD2 1 
ATOM   590 C CE1 . PHE A 1 76 ? 5.696   7.129   -4.759  1.00 14.65 ? 171 PHE A CE1 1 
ATOM   591 C CE2 . PHE A 1 76 ? 7.614   8.229   -3.857  1.00 15.91 ? 171 PHE A CE2 1 
ATOM   592 C CZ  . PHE A 1 76 ? 7.052   7.307   -4.725  1.00 14.30 ? 171 PHE A CZ  1 
ATOM   593 N N   . VAL A 1 77 ? 2.027   10.325  -3.916  1.00 12.42 ? 172 VAL A N   1 
ATOM   594 C CA  . VAL A 1 77 ? 1.232   9.984   -5.103  1.00 12.40 ? 172 VAL A CA  1 
ATOM   595 C C   . VAL A 1 77 ? 1.025   11.279  -5.939  1.00 13.37 ? 172 VAL A C   1 
ATOM   596 O O   . VAL A 1 77 ? 0.907   11.230  -7.178  1.00 14.28 ? 172 VAL A O   1 
ATOM   597 C CB  . VAL A 1 77 ? -0.064  9.233   -4.716  1.00 13.08 ? 172 VAL A CB  1 
ATOM   598 C CG1 . VAL A 1 77 ? -0.977  9.061   -5.903  1.00 13.66 ? 172 VAL A CG1 1 
ATOM   599 C CG2 . VAL A 1 77 ? 0.258   7.857   -4.125  1.00 12.88 ? 172 VAL A CG2 1 
ATOM   600 N N   . ALA A 1 78 ? 1.017   12.440  -5.272  1.00 12.54 ? 173 ALA A N   1 
ATOM   601 C CA  . ALA A 1 78 ? 0.893   13.724  -5.951  1.00 14.23 ? 173 ALA A CA  1 
ATOM   602 C C   . ALA A 1 78 ? 1.876   13.865  -7.106  1.00 14.93 ? 173 ALA A C   1 
ATOM   603 O O   . ALA A 1 78 ? 1.580   14.574  -8.053  1.00 16.41 ? 173 ALA A O   1 
ATOM   604 C CB  . ALA A 1 78 ? 1.054   14.899  -4.990  1.00 14.05 ? 173 ALA A CB  1 
ATOM   605 N N   . LYS A 1 79 ? 3.038   13.238  -6.967  1.00 14.89 ? 174 LYS A N   1 
ATOM   606 C CA  . LYS A 1 79 ? 4.103   13.368  -7.919  1.00 17.28 ? 174 LYS A CA  1 
ATOM   607 C C   . LYS A 1 79 ? 4.384   12.081  -8.665  1.00 15.58 ? 174 LYS A C   1 
ATOM   608 O O   . LYS A 1 79 ? 5.350   12.027  -9.395  1.00 15.26 ? 174 LYS A O   1 
ATOM   609 C CB  . LYS A 1 79 ? 5.417   13.793  -7.259  1.00 19.63 ? 174 LYS A CB  1 
ATOM   610 C CG  . LYS A 1 79 ? 5.438   14.772  -6.105  1.00 26.94 ? 174 LYS A CG  1 
ATOM   611 C CD  . LYS A 1 79 ? 6.864   14.882  -5.546  1.00 27.17 ? 174 LYS A CD  1 
ATOM   612 C CE  . LYS A 1 79 ? 7.153   14.128  -4.251  1.00 28.85 ? 174 LYS A CE  1 
ATOM   613 N NZ  . LYS A 1 79 ? 8.363   14.687  -3.543  1.00 28.05 ? 174 LYS A NZ  1 
ATOM   614 N N   . ASN A 1 80 ? 3.519   11.091  -8.501  1.00 14.59 ? 175 ASN A N   1 
ATOM   615 C CA  . ASN A 1 80 ? 3.697   9.783   -9.101  1.00 14.39 ? 175 ASN A CA  1 
ATOM   616 C C   . ASN A 1 80 ? 2.386   9.342   -9.725  1.00 16.14 ? 175 ASN A C   1 
ATOM   617 O O   . ASN A 1 80 ? 1.631   8.530   -9.154  1.00 15.90 ? 175 ASN A O   1 
ATOM   618 C CB  . ASN A 1 80 ? 4.215   8.827   -8.013  1.00 15.58 ? 175 ASN A CB  1 
ATOM   619 C CG  . ASN A 1 80 ? 5.680   9.022   -7.717  1.00 16.21 ? 175 ASN A CG  1 
ATOM   620 O OD1 . ASN A 1 80 ? 6.515   8.472   -8.430  1.00 17.25 ? 175 ASN A OD1 1 
ATOM   621 N ND2 . ASN A 1 80 ? 6.001   9.800   -6.728  1.00 15.06 ? 175 ASN A ND2 1 
ATOM   622 N N   . PRO A 1 81 ? 2.089   9.836   -10.925 1.00 15.99 ? 176 PRO A N   1 
ATOM   623 C CA  . PRO A 1 81 ? 0.774   9.616   -11.503 1.00 16.69 ? 176 PRO A CA  1 
ATOM   624 C C   . PRO A 1 81 ? 0.533   8.200   -12.016 1.00 16.03 ? 176 PRO A C   1 
ATOM   625 O O   . PRO A 1 81 ? -0.580  7.910   -12.454 1.00 18.16 ? 176 PRO A O   1 
ATOM   626 C CB  . PRO A 1 81 ? 0.728   10.636  -12.638 1.00 17.04 ? 176 PRO A CB  1 
ATOM   627 C CG  . PRO A 1 81 ? 2.192   10.765  -13.043 1.00 16.20 ? 176 PRO A CG  1 
ATOM   628 C CD  . PRO A 1 81 ? 2.937   10.733  -11.770 1.00 16.31 ? 176 PRO A CD  1 
ATOM   629 N N   . ASP A 1 82 ? 1.551   7.324   -11.924 1.00 15.27 ? 177 ASP A N   1 
ATOM   630 C CA  . ASP A 1 82 ? 1.385   5.915   -12.222 1.00 14.53 ? 177 ASP A CA  1 
ATOM   631 C C   . ASP A 1 82 ? 0.699   5.222   -11.031 1.00 13.92 ? 177 ASP A C   1 
ATOM   632 O O   . ASP A 1 82 ? 0.314   4.055   -11.116 1.00 14.80 ? 177 ASP A O   1 
ATOM   633 C CB  . ASP A 1 82 ? 2.720   5.237   -12.575 1.00 14.75 ? 177 ASP A CB  1 
ATOM   634 C CG  . ASP A 1 82 ? 3.831   5.464   -11.553 1.00 15.33 ? 177 ASP A CG  1 
ATOM   635 O OD1 . ASP A 1 82 ? 3.896   6.505   -10.846 1.00 16.44 ? 177 ASP A OD1 1 
ATOM   636 O OD2 . ASP A 1 82 ? 4.712   4.594   -11.537 1.00 16.19 ? 177 ASP A OD2 1 
ATOM   637 N N   . LEU A 1 83 ? 0.543   5.965   -9.924  1.00 13.46 ? 178 LEU A N   1 
ATOM   638 C CA  . LEU A 1 83 ? -0.121  5.437   -8.732  1.00 12.60 ? 178 LEU A CA  1 
ATOM   639 C C   . LEU A 1 83 ? -1.418  6.131   -8.422  1.00 12.59 ? 178 LEU A C   1 
ATOM   640 O O   . LEU A 1 83 ? -1.646  7.281   -8.870  1.00 12.55 ? 178 LEU A O   1 
ATOM   641 C CB  . LEU A 1 83 ? 0.818   5.584   -7.517  1.00 12.89 ? 178 LEU A CB  1 
ATOM   642 C CG  . LEU A 1 83 ? 2.191   4.957   -7.678  1.00 13.44 ? 178 LEU A CG  1 
ATOM   643 C CD1 . LEU A 1 83 ? 2.996   5.156   -6.446  1.00 14.40 ? 178 LEU A CD1 1 
ATOM   644 C CD2 . LEU A 1 83 ? 2.139   3.481   -8.072  1.00 13.05 ? 178 LEU A CD2 1 
ATOM   645 N N   . VAL A 1 84 ? -2.288  5.462   -7.649  0.50 8.92  ? 179 VAL A N   1 
ATOM   646 C CA  . VAL A 1 84 ? -3.537  6.036   -7.208  0.50 8.74  ? 179 VAL A CA  1 
ATOM   647 C C   . VAL A 1 84 ? -3.878  5.479   -5.829  0.50 8.78  ? 179 VAL A C   1 
ATOM   648 O O   . VAL A 1 84 ? -3.499  4.379   -5.505  0.50 7.28  ? 179 VAL A O   1 
ATOM   649 C CB  . VAL A 1 84 ? -4.708  5.685   -8.165  0.50 8.58  ? 179 VAL A CB  1 
ATOM   650 C CG1 . VAL A 1 84 ? -4.993  4.205   -8.159  0.50 8.38  ? 179 VAL A CG1 1 
ATOM   651 C CG2 . VAL A 1 84 ? -5.911  6.465   -7.802  0.50 9.45  ? 179 VAL A CG2 1 
ATOM   652 N N   . ILE A 1 85 ? -4.551  6.289   -5.034  1.00 10.71 ? 180 ILE A N   1 
ATOM   653 C CA  . ILE A 1 85 ? -5.003  5.880   -3.712  1.00 12.24 ? 180 ILE A CA  1 
ATOM   654 C C   . ILE A 1 85 ? -6.400  5.286   -3.953  1.00 12.86 ? 180 ILE A C   1 
ATOM   655 O O   . ILE A 1 85 ? -7.389  6.012   -4.296  1.00 11.61 ? 180 ILE A O   1 
ATOM   656 C CB  . ILE A 1 85 ? -4.999  7.037   -2.722  1.00 13.32 ? 180 ILE A CB  1 
ATOM   657 C CG1 . ILE A 1 85 ? -3.535  7.465   -2.452  1.00 14.35 ? 180 ILE A CG1 1 
ATOM   658 C CG2 . ILE A 1 85 ? -5.706  6.556   -1.431  1.00 13.65 ? 180 ILE A CG2 1 
ATOM   659 C CD1 . ILE A 1 85 ? -3.409  8.739   -1.682  1.00 15.50 ? 180 ILE A CD1 1 
ATOM   660 N N   . SER A 1 86 ? -6.509  3.965   -3.777  1.00 13.26 ? 181 SER A N   1 
ATOM   661 C CA  . SER A 1 86 ? -7.768  3.287   -4.167  1.00 13.86 ? 181 SER A CA  1 
ATOM   662 C C   . SER A 1 86 ? -8.775  3.258   -3.073  1.00 15.12 ? 181 SER A C   1 
ATOM   663 O O   . SER A 1 86 ? -9.968  2.996   -3.354  1.00 14.84 ? 181 SER A O   1 
ATOM   664 C CB  . SER A 1 86 ? -7.526  1.847   -4.639  1.00 14.70 ? 181 SER A CB  1 
ATOM   665 O OG  . SER A 1 86 ? -6.891  1.133   -3.650  1.00 17.59 ? 181 SER A OG  1 
ATOM   666 N N   . SER A 1 87 ? -8.323  3.455   -1.823  1.00 14.77 ? 182 SER A N   1 
ATOM   667 C CA  . SER A 1 87 ? -9.236  3.387   -0.693  1.00 15.93 ? 182 SER A CA  1 
ATOM   668 C C   . SER A 1 87 ? -9.519  4.775   -0.162  1.00 17.83 ? 182 SER A C   1 
ATOM   669 O O   . SER A 1 87 ? -8.731  5.702   -0.425  1.00 18.37 ? 182 SER A O   1 
ATOM   670 C CB  . SER A 1 87 ? -8.645  2.531   0.406   1.00 17.02 ? 182 SER A CB  1 
ATOM   671 O OG  . SER A 1 87 ? -7.522  3.203   0.983   1.00 15.68 ? 182 SER A OG  1 
ATOM   672 N N   . GLY A 1 88 ? -10.608 4.897   0.625   1.00 19.97 ? 183 GLY A N   1 
ATOM   673 C CA  . GLY A 1 88 ? -10.679 5.971   1.605   1.00 20.24 ? 183 GLY A CA  1 
ATOM   674 C C   . GLY A 1 88 ? -9.773  5.606   2.770   1.00 20.44 ? 183 GLY A C   1 
ATOM   675 O O   . GLY A 1 88 ? -8.890  4.721   2.660   1.00 18.69 ? 183 GLY A O   1 
ATOM   676 N N   . VAL A 1 89 ? -10.010 6.224   3.910   1.00 20.50 ? 184 VAL A N   1 
ATOM   677 C CA  . VAL A 1 89 ? -9.276  5.848   5.099   1.00 21.48 ? 184 VAL A CA  1 
ATOM   678 C C   . VAL A 1 89 ? -9.775  4.473   5.524   1.00 20.85 ? 184 VAL A C   1 
ATOM   679 O O   . VAL A 1 89 ? -10.975 4.243   5.716   1.00 19.64 ? 184 VAL A O   1 
ATOM   680 C CB  . VAL A 1 89 ? -9.453  6.873   6.229   1.00 23.38 ? 184 VAL A CB  1 
ATOM   681 C CG1 . VAL A 1 89 ? -8.763  6.366   7.490   1.00 23.39 ? 184 VAL A CG1 1 
ATOM   682 C CG2 . VAL A 1 89 ? -8.886  8.208   5.798   1.00 24.98 ? 184 VAL A CG2 1 
ATOM   683 N N   . LEU A 1 90 ? -8.839  3.552   5.691   1.00 19.27 ? 185 LEU A N   1 
ATOM   684 C CA  . LEU A 1 90 ? -9.174  2.194   6.054   1.00 19.80 ? 185 LEU A CA  1 
ATOM   685 C C   . LEU A 1 90 ? -9.727  2.163   7.437   1.00 22.08 ? 185 LEU A C   1 
ATOM   686 O O   . LEU A 1 90 ? -9.260  2.926   8.305   1.00 22.08 ? 185 LEU A O   1 
ATOM   687 C CB  . LEU A 1 90 ? -7.934  1.305   5.989   1.00 20.83 ? 185 LEU A CB  1 
ATOM   688 C CG  . LEU A 1 90 ? -7.371  0.994   4.604   1.00 20.69 ? 185 LEU A CG  1 
ATOM   689 C CD1 . LEU A 1 90 ? -6.128  0.120   4.715   1.00 20.31 ? 185 LEU A CD1 1 
ATOM   690 C CD2 . LEU A 1 90 ? -8.402  0.331   3.701   1.00 21.61 ? 185 LEU A CD2 1 
ATOM   691 N N   . SER A 1 91 ? -10.714 1.294   7.665   1.00 23.17 ? 186 SER A N   1 
ATOM   692 C CA  . SER A 1 91 ? -11.146 1.053   9.039   1.00 24.31 ? 186 SER A CA  1 
ATOM   693 C C   . SER A 1 91 ? -10.226 -0.040  9.577   1.00 25.16 ? 186 SER A C   1 
ATOM   694 O O   . SER A 1 91 ? -10.209 -1.174  9.081   1.00 28.38 ? 186 SER A O   1 
ATOM   695 C CB  . SER A 1 91 ? -12.612 0.653   9.115   1.00 28.51 ? 186 SER A CB  1 
ATOM   696 O OG  . SER A 1 91 ? -13.486 1.722   8.743   1.00 33.22 ? 186 SER A OG  1 
ATOM   697 N N   . SER A 1 92 ? -9.404  0.327   10.532  1.00 21.07 ? 187 SER A N   1 
ATOM   698 C CA  . SER A 1 92 ? -8.439  -0.585  11.102  1.00 23.53 ? 187 SER A CA  1 
ATOM   699 C C   . SER A 1 92 ? -8.989  -1.191  12.374  1.00 26.34 ? 187 SER A C   1 
ATOM   700 O O   . SER A 1 92 ? -10.056 -0.784  12.871  1.00 25.65 ? 187 SER A O   1 
ATOM   701 C CB  . SER A 1 92 ? -7.111  0.143   11.361  1.00 24.87 ? 187 SER A CB  1 
ATOM   702 O OG  . SER A 1 92 ? -6.463  0.524   10.115  1.00 22.89 ? 187 SER A OG  1 
ATOM   703 O OXT . SER A 1 92 ? -8.369  -2.120  12.922  1.00 29.08 ? 187 SER A OXT 1 
HETATM 704 O O   . HOH B 2 .  ? 17.045  2.308   0.310   1.00 36.01 ? 201 HOH A O   1 
HETATM 705 O O   . HOH B 2 .  ? -6.316  -3.798  14.156  1.00 80.27 ? 202 HOH A O   1 
HETATM 706 O O   . HOH B 2 .  ? -7.911  -2.248  15.320  1.00 30.21 ? 203 HOH A O   1 
HETATM 707 O O   . HOH B 2 .  ? 14.416  0.853   2.034   1.00 20.73 ? 204 HOH A O   1 
HETATM 708 O O   . HOH B 2 .  ? -11.882 -2.992  8.844   1.00 33.77 ? 205 HOH A O   1 
HETATM 709 O O   . HOH B 2 .  ? 17.301  4.490   6.731   1.00 35.64 ? 206 HOH A O   1 
HETATM 710 O O   . HOH B 2 .  ? 14.410  0.532   9.293   1.00 22.30 ? 207 HOH A O   1 
HETATM 711 O O   . HOH B 2 .  ? -9.695  -6.660  -16.504 1.00 26.73 ? 208 HOH A O   1 
HETATM 712 O O   . HOH B 2 .  ? 0.349   -0.703  -17.779 1.00 16.55 ? 209 HOH A O   1 
HETATM 713 O O   . HOH B 2 .  ? 10.319  14.993  -5.236  1.00 25.92 ? 210 HOH A O   1 
HETATM 714 O O   . HOH B 2 .  ? -9.540  -14.451 3.996   1.00 13.56 ? 211 HOH A O   1 
HETATM 715 O O   . HOH B 2 .  ? -4.779  12.920  5.070   1.00 20.67 ? 212 HOH A O   1 
HETATM 716 O O   . HOH B 2 .  ? 6.908   -5.175  11.876  1.00 15.74 ? 213 HOH A O   1 
HETATM 717 O O   . HOH B 2 .  ? -6.738  -3.752  11.608  1.00 24.66 ? 214 HOH A O   1 
HETATM 718 O O   . HOH B 2 .  ? 1.356   -10.640 -6.861  1.00 26.10 ? 215 HOH A O   1 
HETATM 719 O O   . HOH B 2 .  ? -12.391 -9.141  -0.668  1.00 36.97 ? 216 HOH A O   1 
HETATM 720 O O   . HOH B 2 .  ? 14.136  5.011   -1.976  1.00 29.00 ? 217 HOH A O   1 
HETATM 721 O O   . HOH B 2 .  ? -14.132 -3.965  -1.652  1.00 28.94 ? 218 HOH A O   1 
HETATM 722 O O   . HOH B 2 .  ? -9.055  -8.135  -3.912  1.00 28.81 ? 219 HOH A O   1 
HETATM 723 O O   . HOH B 2 .  ? -13.801 -6.347  1.550   1.00 38.05 ? 220 HOH A O   1 
HETATM 724 O O   . HOH B 2 .  ? -6.910  -15.430 4.312   1.00 14.08 ? 221 HOH A O   1 
HETATM 725 O O   . HOH B 2 .  ? 1.784   3.473   7.767   1.00 12.68 ? 222 HOH A O   1 
HETATM 726 O O   . HOH B 2 .  ? 6.483   -11.316 5.213   1.00 23.93 ? 223 HOH A O   1 
HETATM 727 O O   . HOH B 2 .  ? 17.433  1.803   3.242   1.00 19.93 ? 224 HOH A O   1 
HETATM 728 O O   . HOH B 2 .  ? -11.947 2.092   1.400   1.00 30.55 ? 225 HOH A O   1 
HETATM 729 O O   . HOH B 2 .  ? 12.149  -1.308  -3.900  1.00 24.88 ? 226 HOH A O   1 
HETATM 730 O O   . HOH B 2 .  ? 4.857   2.394   -13.118 1.00 14.86 ? 227 HOH A O   1 
HETATM 731 O O   . HOH B 2 .  ? 9.346   12.975  -1.659  1.00 37.99 ? 228 HOH A O   1 
HETATM 732 O O   . HOH B 2 .  ? -10.601 -13.024 0.432   1.00 19.41 ? 229 HOH A O   1 
HETATM 733 O O   . HOH B 2 .  ? -1.402  -15.235 -3.575  1.00 24.07 ? 230 HOH A O   1 
HETATM 734 O O   . HOH B 2 .  ? 12.539  -5.990  5.679   1.00 15.04 ? 231 HOH A O   1 
HETATM 735 O O   . HOH B 2 .  ? -8.638  6.423   -6.711  1.00 17.25 ? 232 HOH A O   1 
HETATM 736 O O   . HOH B 2 .  ? -5.601  -1.233  15.375  1.00 22.30 ? 233 HOH A O   1 
HETATM 737 O O   . HOH B 2 .  ? 4.094   16.317  -2.593  1.00 17.20 ? 234 HOH A O   1 
HETATM 738 O O   . HOH B 2 .  ? 7.367   -9.849  -5.949  1.00 28.71 ? 235 HOH A O   1 
HETATM 739 O O   . HOH B 2 .  ? 1.034   -12.326 -4.361  1.00 21.80 ? 236 HOH A O   1 
HETATM 740 O O   . HOH B 2 .  ? 0.430   -6.750  14.018  1.00 15.19 ? 237 HOH A O   1 
HETATM 741 O O   . HOH B 2 .  ? -12.881 3.409   3.894   1.00 29.86 ? 238 HOH A O   1 
HETATM 742 O O   . HOH B 2 .  ? -12.756 -1.283  12.511  1.00 26.40 ? 239 HOH A O   1 
HETATM 743 O O   . HOH B 2 .  ? -1.557  7.564   10.808  1.00 25.86 ? 240 HOH A O   1 
HETATM 744 O O   . HOH B 2 .  ? 6.357   11.419  6.216   1.00 15.90 ? 241 HOH A O   1 
HETATM 745 O O   . HOH B 2 .  ? -2.440  -4.204  -9.808  1.00 21.10 ? 242 HOH A O   1 
HETATM 746 O O   . HOH B 2 .  ? -10.655 -5.588  9.126   1.00 27.87 ? 243 HOH A O   1 
HETATM 747 O O   . HOH B 2 .  ? 3.837   1.373   5.579   1.00 15.04 ? 244 HOH A O   1 
HETATM 748 O O   . HOH B 2 .  ? -0.344  -14.772 6.392   1.00 32.78 ? 245 HOH A O   1 
HETATM 749 O O   . HOH B 2 .  ? 1.358   -3.377  -9.076  1.00 17.80 ? 246 HOH A O   1 
HETATM 750 O O   . HOH B 2 .  ? -1.062  -2.329  -8.312  1.00 13.10 ? 247 HOH A O   1 
HETATM 751 O O   . HOH B 2 .  ? 3.326   1.572   -15.337 1.00 16.22 ? 248 HOH A O   1 
HETATM 752 O O   . HOH B 2 .  ? -5.983  9.857   1.635   1.00 22.86 ? 249 HOH A O   1 
HETATM 753 O O   . HOH B 2 .  ? 7.328   2.628   -14.457 1.00 38.01 ? 250 HOH A O   1 
HETATM 754 O O   . HOH B 2 .  ? -4.978  -10.597 13.768  1.00 19.26 ? 251 HOH A O   1 
HETATM 755 O O   . HOH B 2 .  ? 4.127   -11.124 8.609   1.00 20.89 ? 252 HOH A O   1 
HETATM 756 O O   . HOH B 2 .  ? 0.779   -8.752  -9.947  1.00 29.97 ? 253 HOH A O   1 
HETATM 757 O O   . HOH B 2 .  ? -0.476  7.758   -15.268 1.00 25.20 ? 254 HOH A O   1 
HETATM 758 O O   . HOH B 2 .  ? -0.493  15.156  2.167   1.00 15.31 ? 255 HOH A O   1 
HETATM 759 O O   . HOH B 2 .  ? -12.099 8.096   4.219   1.00 20.98 ? 256 HOH A O   1 
HETATM 760 O O   . HOH B 2 .  ? 14.634  -2.170  3.351   1.00 32.26 ? 257 HOH A O   1 
HETATM 761 O O   . HOH B 2 .  ? 5.593   11.518  1.086   1.00 20.69 ? 258 HOH A O   1 
HETATM 762 O O   . HOH B 2 .  ? 3.432   -7.733  -7.586  1.00 26.36 ? 259 HOH A O   1 
HETATM 763 O O   . HOH B 2 .  ? -2.324  13.146  -3.517  1.00 17.64 ? 260 HOH A O   1 
HETATM 764 O O   . HOH B 2 .  ? 7.791   -7.512  -3.438  1.00 28.36 ? 261 HOH A O   1 
HETATM 765 O O   . HOH B 2 .  ? -11.961 -0.307  5.679   1.00 22.90 ? 262 HOH A O   1 
HETATM 766 O O   . HOH B 2 .  ? 8.959   2.848   11.471  1.00 24.32 ? 263 HOH A O   1 
HETATM 767 O O   . HOH B 2 .  ? -0.314  -10.453 7.156   1.00 22.25 ? 264 HOH A O   1 
HETATM 768 O O   . HOH B 2 .  ? -2.820  -15.809 0.647   1.00 29.22 ? 265 HOH A O   1 
HETATM 769 O O   . HOH B 2 .  ? 12.865  5.314   6.876   1.00 26.08 ? 266 HOH A O   1 
HETATM 770 O O   . HOH B 2 .  ? -1.242  -16.873 -1.804  1.00 30.63 ? 267 HOH A O   1 
HETATM 771 O O   . HOH B 2 .  ? -1.111  11.541  -9.203  1.00 34.79 ? 268 HOH A O   1 
HETATM 772 O O   . HOH B 2 .  ? 11.090  2.289   8.817   1.00 23.16 ? 269 HOH A O   1 
HETATM 773 O O   . HOH B 2 .  ? -8.135  8.351   0.591   1.00 17.02 ? 270 HOH A O   1 
HETATM 774 O O   . HOH B 2 .  ? 0.737   4.247   -14.753 1.00 22.15 ? 271 HOH A O   1 
HETATM 775 O O   . HOH B 2 .  ? 9.409   8.364   -7.964  1.00 39.58 ? 272 HOH A O   1 
HETATM 776 O O   . HOH B 2 .  ? 8.876   10.369  -6.591  1.00 25.72 ? 273 HOH A O   1 
HETATM 777 O O   . HOH B 2 .  ? -10.294 -2.592  5.940   1.00 20.87 ? 274 HOH A O   1 
HETATM 778 O O   . HOH B 2 .  ? 2.707   4.953   10.962  1.00 22.08 ? 275 HOH A O   1 
HETATM 779 O O   . HOH B 2 .  ? -10.420 -4.630  -7.409  1.00 17.29 ? 276 HOH A O   1 
HETATM 780 O O   . HOH B 2 .  ? 6.465   -11.472 1.498   1.00 28.60 ? 277 HOH A O   1 
HETATM 781 O O   . HOH B 2 .  ? -7.845  16.855  2.807   1.00 27.19 ? 278 HOH A O   1 
HETATM 782 O O   . HOH B 2 .  ? -4.778  16.542  -0.300  1.00 27.54 ? 279 HOH A O   1 
HETATM 783 O O   . HOH B 2 .  ? -7.799  10.215  3.549   1.00 33.92 ? 280 HOH A O   1 
HETATM 784 O O   . HOH B 2 .  ? 5.510   8.796   -11.944 1.00 33.39 ? 281 HOH A O   1 
HETATM 785 O O   . HOH B 2 .  ? 11.016  1.558   -8.707  1.00 49.29 ? 282 HOH A O   1 
HETATM 786 O O   . HOH B 2 .  ? -13.889 0.200   -7.931  1.00 27.16 ? 283 HOH A O   1 
HETATM 787 O O   . HOH B 2 .  ? -7.914  1.652   -14.712 1.00 38.03 ? 284 HOH A O   1 
HETATM 788 O O   . HOH B 2 .  ? 3.582   -12.075 4.985   1.00 30.58 ? 285 HOH A O   1 
HETATM 789 O O   . HOH B 2 .  ? -8.281  9.092   10.353  1.00 27.21 ? 286 HOH A O   1 
HETATM 790 O O   . HOH B 2 .  ? 11.193  6.938   8.773   1.00 34.00 ? 287 HOH A O   1 
HETATM 791 O O   . HOH B 2 .  ? 14.667  -4.198  -11.356 1.00 33.56 ? 288 HOH A O   1 
HETATM 792 O O   . HOH B 2 .  ? 4.605   -6.384  11.838  1.00 22.88 ? 289 HOH A O   1 
HETATM 793 O O   . HOH B 2 .  ? 6.530   15.627  -1.205  1.00 24.92 ? 290 HOH A O   1 
HETATM 794 O O   . HOH B 2 .  ? 10.985  6.390   4.797   1.00 22.01 ? 291 HOH A O   1 
HETATM 795 O O   . HOH B 2 .  ? 3.962   -10.147 -6.602  1.00 32.27 ? 292 HOH A O   1 
HETATM 796 O O   . HOH B 2 .  ? -10.300 -11.048 -1.334  1.00 30.65 ? 293 HOH A O   1 
HETATM 797 O O   . HOH B 2 .  ? -3.069  -13.488 11.428  1.00 34.76 ? 294 HOH A O   1 
HETATM 798 O O   . HOH B 2 .  ? -8.688  4.450   -13.503 1.00 37.66 ? 295 HOH A O   1 
HETATM 799 O O   . HOH B 2 .  ? -5.934  -13.013 12.696  1.00 24.89 ? 296 HOH A O   1 
HETATM 800 O O   . HOH B 2 .  ? 13.581  -3.487  6.149   1.00 18.15 ? 297 HOH A O   1 
HETATM 801 O O   . HOH B 2 .  ? -4.013  10.250  8.919   1.00 19.07 ? 298 HOH A O   1 
HETATM 802 O O   . HOH B 2 .  ? 6.601   12.832  -1.041  1.00 25.01 ? 299 HOH A O   1 
HETATM 803 O O   . HOH B 2 .  ? 9.837   7.953   6.702   1.00 22.74 ? 300 HOH A O   1 
HETATM 804 O O   . HOH B 2 .  ? 4.393   7.772   -14.226 1.00 25.08 ? 301 HOH A O   1 
HETATM 805 O O   . HOH B 2 .  ? -13.509 -5.688  5.040   1.00 32.64 ? 302 HOH A O   1 
HETATM 806 O O   . HOH B 2 .  ? -10.344 -5.407  -4.595  1.00 20.79 ? 303 HOH A O   1 
HETATM 807 O O   . HOH B 2 .  ? -7.069  -7.011  -10.346 1.00 30.51 ? 304 HOH A O   1 
HETATM 808 O O   . HOH B 2 .  ? 14.324  -7.583  -8.098  1.00 35.98 ? 305 HOH A O   1 
HETATM 809 O O   . HOH B 2 .  ? -12.580 -3.486  11.597  1.00 52.03 ? 306 HOH A O   1 
HETATM 810 O O   . HOH B 2 .  ? 2.111   8.275   -15.697 1.00 23.07 ? 307 HOH A O   1 
HETATM 811 O O   . HOH B 2 .  ? 19.528  5.097   4.933   1.00 38.44 ? 308 HOH A O   1 
HETATM 812 O O   . HOH B 2 .  ? -3.649  4.270   -16.863 1.00 35.72 ? 309 HOH A O   1 
HETATM 813 O O   . HOH B 2 .  ? -10.587 10.090  3.154   1.00 34.76 ? 310 HOH A O   1 
HETATM 814 O O   . HOH B 2 .  ? -13.934 -1.933  7.217   1.00 31.45 ? 311 HOH A O   1 
HETATM 815 O O   . HOH B 2 .  ? 7.225   4.771   11.946  1.00 36.73 ? 312 HOH A O   1 
HETATM 816 O O   . HOH B 2 .  ? -14.401 4.882   2.076   1.00 30.33 ? 313 HOH A O   1 
HETATM 817 O O   . HOH B 2 .  ? 3.181   -7.488  13.708  1.00 21.54 ? 314 HOH A O   1 
HETATM 818 O O   . HOH B 2 .  ? 2.614   -14.385 -4.843  1.00 37.96 ? 315 HOH A O   1 
HETATM 819 O O   . HOH B 2 .  ? -2.394  -10.620 14.737  1.00 39.20 ? 316 HOH A O   1 
HETATM 820 O O   . HOH B 2 .  ? -13.253 7.779   6.775   1.00 33.99 ? 317 HOH A O   1 
HETATM 821 O O   . HOH B 2 .  ? -5.737  -16.759 2.191   1.00 23.80 ? 318 HOH A O   1 
HETATM 822 O O   . HOH B 2 .  ? -5.248  -7.549  17.066  1.00 28.60 ? 319 HOH A O   1 
HETATM 823 O O   . HOH B 2 .  ? -9.571  -6.949  -8.928  1.00 36.33 ? 320 HOH A O   1 
HETATM 824 O O   . HOH B 2 .  ? -0.192  -17.442 3.656   1.00 50.64 ? 321 HOH A O   1 
HETATM 825 O O   . HOH B 2 .  ? -2.562  -7.764  17.042  1.00 29.12 ? 322 HOH A O   1 
# 
